data_2MK4
#
_entry.id   2MK4
#
_entity_poly.entity_id   1
_entity_poly.type   'polypeptide(L)'
_entity_poly.pdbx_seq_one_letter_code
;GPVQESVTMDGKQYSTIEVNGQTYLIPDNGSKKRVARSLDSKVPQQTLRRGDVLMQGAASPELTVSGTLLVEADDASAKA
LATRHGLNFKQSSGGIALLEAKPGTDLNAIATKLKSEGVNVQIELSGAEQQPK
;
_entity_poly.pdbx_strand_id   A
#
# COMPACT_ATOMS: atom_id res chain seq x y z
N GLN A 4 -35.70 -87.53 -31.09
CA GLN A 4 -36.94 -86.84 -30.74
C GLN A 4 -37.40 -87.22 -29.34
N GLU A 5 -36.47 -87.26 -28.41
CA GLU A 5 -36.78 -87.61 -27.02
C GLU A 5 -36.61 -86.40 -26.10
N SER A 6 -37.37 -86.39 -25.01
CA SER A 6 -37.32 -85.29 -24.06
C SER A 6 -37.57 -85.80 -22.64
N VAL A 7 -36.55 -85.70 -21.79
CA VAL A 7 -36.67 -86.13 -20.41
C VAL A 7 -36.49 -84.97 -19.44
N THR A 8 -37.60 -84.29 -19.15
CA THR A 8 -37.57 -83.15 -18.24
C THR A 8 -37.88 -83.58 -16.81
N MET A 9 -36.86 -84.13 -16.14
CA MET A 9 -37.02 -84.58 -14.77
C MET A 9 -36.39 -83.60 -13.78
N ASP A 10 -37.14 -83.25 -12.74
CA ASP A 10 -36.65 -82.32 -11.73
C ASP A 10 -36.84 -82.87 -10.33
N GLY A 11 -35.88 -82.59 -9.45
CA GLY A 11 -35.95 -83.09 -8.09
C GLY A 11 -36.90 -82.27 -7.23
N LYS A 12 -37.07 -82.69 -5.98
CA LYS A 12 -37.95 -81.99 -5.06
C LYS A 12 -37.35 -81.92 -3.66
N GLN A 13 -37.13 -80.70 -3.17
CA GLN A 13 -36.54 -80.50 -1.85
C GLN A 13 -37.45 -79.64 -0.99
N TYR A 14 -37.37 -79.83 0.33
CA TYR A 14 -38.19 -79.08 1.27
C TYR A 14 -37.33 -78.10 2.06
N SER A 15 -37.92 -76.95 2.39
CA SER A 15 -37.21 -75.92 3.15
C SER A 15 -38.20 -74.98 3.83
N THR A 16 -37.71 -74.22 4.81
CA THR A 16 -38.53 -73.28 5.54
C THR A 16 -38.28 -71.85 5.07
N ILE A 17 -39.36 -71.06 5.01
CA ILE A 17 -39.25 -69.67 4.58
C ILE A 17 -40.57 -68.93 4.78
N GLU A 18 -40.48 -67.64 5.03
CA GLU A 18 -41.67 -66.82 5.23
C GLU A 18 -42.42 -66.61 3.92
N VAL A 19 -43.70 -66.94 3.91
CA VAL A 19 -44.52 -66.78 2.72
C VAL A 19 -45.97 -66.50 3.07
N ASN A 20 -46.77 -66.14 2.07
CA ASN A 20 -48.18 -65.85 2.29
C ASN A 20 -48.35 -64.65 3.23
N GLY A 21 -47.58 -63.60 2.98
CA GLY A 21 -47.66 -62.41 3.81
C GLY A 21 -47.15 -62.66 5.21
N GLN A 22 -46.24 -63.61 5.36
CA GLN A 22 -45.67 -63.94 6.65
C GLN A 22 -44.50 -63.03 6.98
N THR A 23 -44.52 -62.44 8.17
CA THR A 23 -43.46 -61.54 8.60
C THR A 23 -42.92 -61.95 9.97
N TYR A 24 -41.61 -61.85 10.13
CA TYR A 24 -40.96 -62.22 11.39
C TYR A 24 -39.82 -61.25 11.71
N LEU A 25 -39.80 -60.78 12.95
CA LEU A 25 -38.76 -59.85 13.40
C LEU A 25 -37.96 -60.44 14.55
N ILE A 26 -36.64 -60.46 14.41
CA ILE A 26 -35.76 -60.99 15.44
C ILE A 26 -34.49 -60.15 15.57
N PRO A 27 -34.62 -59.01 16.27
CA PRO A 27 -33.48 -58.09 16.49
C PRO A 27 -32.44 -58.68 17.43
N ASP A 28 -31.19 -58.65 17.00
CA ASP A 28 -30.09 -59.18 17.81
C ASP A 28 -28.84 -58.32 17.67
N ASN A 29 -28.41 -57.72 18.76
CA ASN A 29 -27.22 -56.86 18.75
C ASN A 29 -26.01 -57.61 19.32
N GLY A 30 -26.19 -58.23 20.48
CA GLY A 30 -25.11 -58.97 21.09
C GLY A 30 -24.03 -58.05 21.65
N SER A 31 -24.40 -57.22 22.62
CA SER A 31 -23.45 -56.30 23.22
C SER A 31 -22.82 -55.39 22.17
N LYS A 32 -23.63 -54.98 21.20
CA LYS A 32 -23.16 -54.12 20.12
C LYS A 32 -22.85 -52.72 20.65
N LYS A 33 -23.88 -52.01 21.08
CA LYS A 33 -23.72 -50.67 21.61
C LYS A 33 -24.66 -50.43 22.80
N ARG A 34 -24.08 -50.08 23.93
CA ARG A 34 -24.86 -49.82 25.14
C ARG A 34 -24.70 -48.37 25.60
N VAL A 35 -23.48 -47.85 25.48
CA VAL A 35 -23.19 -46.49 25.89
C VAL A 35 -22.35 -45.77 24.83
N ALA A 36 -22.22 -44.46 24.99
CA ALA A 36 -21.45 -43.65 24.05
C ALA A 36 -20.83 -42.44 24.74
N ARG A 37 -19.53 -42.26 24.55
CA ARG A 37 -18.82 -41.14 25.16
C ARG A 37 -17.36 -41.10 24.69
N SER A 38 -17.05 -40.12 23.85
CA SER A 38 -15.69 -39.97 23.34
C SER A 38 -15.56 -38.69 22.52
N LEU A 39 -15.04 -37.64 23.16
CA LEU A 39 -14.85 -36.35 22.49
C LEU A 39 -13.80 -35.52 23.21
N ASP A 40 -12.77 -35.11 22.45
CA ASP A 40 -11.69 -34.31 23.01
C ASP A 40 -11.59 -32.97 22.28
N SER A 41 -12.45 -32.02 22.65
CA SER A 41 -12.46 -30.71 22.02
C SER A 41 -12.02 -29.64 23.01
N LYS A 42 -10.75 -29.25 22.93
CA LYS A 42 -10.21 -28.22 23.83
C LYS A 42 -9.94 -26.93 23.07
N VAL A 43 -9.67 -27.05 21.78
CA VAL A 43 -9.40 -25.89 20.94
C VAL A 43 -8.15 -25.14 21.42
N PRO A 44 -6.97 -25.73 21.18
CA PRO A 44 -5.69 -25.14 21.58
C PRO A 44 -5.35 -23.89 20.78
N GLN A 45 -5.91 -22.75 21.18
CA GLN A 45 -5.66 -21.50 20.49
C GLN A 45 -5.58 -20.34 21.48
N GLN A 46 -4.40 -19.73 21.57
CA GLN A 46 -4.19 -18.61 22.49
C GLN A 46 -3.42 -17.49 21.80
N THR A 47 -3.86 -16.25 22.03
CA THR A 47 -3.21 -15.09 21.43
C THR A 47 -2.32 -14.38 22.43
N LEU A 48 -1.01 -14.51 22.24
CA LEU A 48 -0.03 -13.88 23.13
C LEU A 48 0.30 -12.47 22.65
N ARG A 49 1.02 -12.39 21.52
CA ARG A 49 1.41 -11.10 20.96
C ARG A 49 2.05 -11.28 19.59
N ARG A 50 2.01 -10.22 18.78
CA ARG A 50 2.58 -10.26 17.45
C ARG A 50 4.09 -10.05 17.50
N GLY A 51 4.51 -8.81 17.73
CA GLY A 51 5.92 -8.51 17.80
C GLY A 51 6.45 -7.90 16.52
N ASP A 52 6.51 -6.57 16.48
CA ASP A 52 6.99 -5.86 15.30
C ASP A 52 8.00 -4.79 15.69
N VAL A 53 9.20 -4.87 15.11
CA VAL A 53 10.26 -3.91 15.40
C VAL A 53 10.93 -3.44 14.11
N LEU A 54 11.35 -2.18 14.10
CA LEU A 54 12.01 -1.61 12.93
C LEU A 54 13.46 -1.23 13.26
N MET A 55 13.63 -0.29 14.17
CA MET A 55 14.96 0.15 14.57
C MET A 55 15.77 0.61 13.37
N GLN A 56 15.08 1.18 12.38
CA GLN A 56 15.74 1.66 11.18
C GLN A 56 15.45 3.14 10.95
N GLY A 57 16.49 3.97 11.14
CA GLY A 57 16.33 5.40 10.97
C GLY A 57 17.35 6.20 11.76
N ALA A 58 16.92 6.74 12.89
CA ALA A 58 17.79 7.53 13.75
C ALA A 58 18.33 8.75 13.01
N ALA A 59 17.49 9.35 12.18
CA ALA A 59 17.87 10.53 11.41
C ALA A 59 16.70 11.06 10.60
N SER A 60 16.84 12.29 10.10
CA SER A 60 15.79 12.92 9.31
C SER A 60 16.38 13.77 8.20
N PRO A 61 15.56 14.07 7.18
CA PRO A 61 15.99 14.88 6.03
C PRO A 61 16.21 16.33 6.41
N GLU A 62 16.58 17.15 5.42
CA GLU A 62 16.82 18.57 5.65
C GLU A 62 17.06 19.30 4.34
N LEU A 63 16.77 20.60 4.32
CA LEU A 63 16.96 21.41 3.12
C LEU A 63 16.85 22.90 3.45
N THR A 64 17.97 23.61 3.38
CA THR A 64 17.99 25.04 3.67
C THR A 64 18.76 25.80 2.59
N VAL A 65 18.08 26.77 1.99
CA VAL A 65 18.70 27.58 0.94
C VAL A 65 17.89 28.85 0.69
N SER A 66 18.59 29.94 0.39
CA SER A 66 17.94 31.22 0.12
C SER A 66 18.93 32.22 -0.47
N GLY A 67 18.58 32.75 -1.65
CA GLY A 67 19.44 33.71 -2.31
C GLY A 67 18.67 34.65 -3.21
N THR A 68 18.57 34.30 -4.49
CA THR A 68 17.87 35.13 -5.46
C THR A 68 17.46 34.32 -6.69
N LEU A 69 16.61 34.90 -7.52
CA LEU A 69 16.14 34.23 -8.73
C LEU A 69 15.80 35.25 -9.82
N LEU A 70 16.54 35.19 -10.92
CA LEU A 70 16.31 36.10 -12.04
C LEU A 70 15.25 35.56 -12.97
N VAL A 71 14.04 36.10 -12.86
CA VAL A 71 12.93 35.68 -13.70
C VAL A 71 12.70 36.64 -14.85
N GLU A 72 12.67 36.13 -16.07
CA GLU A 72 12.46 36.95 -17.25
C GLU A 72 11.00 37.40 -17.36
N ALA A 73 10.70 38.54 -16.76
CA ALA A 73 9.35 39.09 -16.77
C ALA A 73 9.32 40.51 -16.23
N ASP A 74 8.19 41.18 -16.39
CA ASP A 74 8.03 42.55 -15.91
C ASP A 74 7.66 42.56 -14.43
N ASP A 75 7.55 43.77 -13.87
CA ASP A 75 7.20 43.91 -12.46
C ASP A 75 5.88 43.21 -12.15
N ALA A 76 4.90 43.39 -13.02
CA ALA A 76 3.59 42.77 -12.84
C ALA A 76 3.72 41.27 -12.58
N SER A 77 4.71 40.65 -13.23
CA SER A 77 4.94 39.22 -13.08
C SER A 77 5.74 38.93 -11.82
N ALA A 78 6.69 39.81 -11.51
CA ALA A 78 7.53 39.64 -10.33
C ALA A 78 6.68 39.51 -9.08
N LYS A 79 5.92 40.56 -8.77
CA LYS A 79 5.07 40.57 -7.59
C LYS A 79 4.17 39.34 -7.57
N ALA A 80 3.74 38.90 -8.75
CA ALA A 80 2.87 37.73 -8.88
C ALA A 80 3.59 36.47 -8.42
N LEU A 81 4.90 36.40 -8.68
CA LEU A 81 5.71 35.25 -8.30
C LEU A 81 6.18 35.37 -6.85
N ALA A 82 6.43 36.60 -6.41
CA ALA A 82 6.88 36.84 -5.05
C ALA A 82 5.80 36.48 -4.04
N THR A 83 4.54 36.62 -4.45
CA THR A 83 3.42 36.31 -3.57
C THR A 83 3.06 34.83 -3.64
N ARG A 84 3.16 34.26 -4.84
CA ARG A 84 2.85 32.85 -5.04
C ARG A 84 3.96 31.96 -4.50
N HIS A 85 5.16 32.12 -5.05
CA HIS A 85 6.32 31.34 -4.62
C HIS A 85 6.82 31.82 -3.27
N GLY A 86 6.51 33.06 -2.93
CA GLY A 86 6.95 33.62 -1.66
C GLY A 86 8.23 34.41 -1.79
N LEU A 87 8.56 34.81 -3.01
CA LEU A 87 9.77 35.57 -3.27
C LEU A 87 9.55 37.06 -2.98
N ASN A 88 10.52 37.89 -3.37
CA ASN A 88 10.42 39.33 -3.16
C ASN A 88 11.04 40.09 -4.32
N PHE A 89 10.19 40.75 -5.12
CA PHE A 89 10.64 41.51 -6.26
C PHE A 89 11.46 42.72 -5.81
N LYS A 90 12.75 42.72 -6.16
CA LYS A 90 13.64 43.82 -5.80
C LYS A 90 13.82 44.77 -6.97
N GLN A 91 14.43 44.27 -8.04
CA GLN A 91 14.68 45.08 -9.23
C GLN A 91 14.96 44.20 -10.44
N SER A 92 15.17 44.83 -11.59
CA SER A 92 15.45 44.10 -12.83
C SER A 92 16.82 44.47 -13.37
N SER A 93 17.34 43.63 -14.27
CA SER A 93 18.64 43.86 -14.87
C SER A 93 18.52 44.08 -16.37
N GLY A 94 17.38 44.61 -16.80
CA GLY A 94 17.15 44.87 -18.21
C GLY A 94 16.15 43.92 -18.82
N GLY A 95 16.25 42.64 -18.47
CA GLY A 95 15.33 41.65 -18.99
C GLY A 95 15.07 40.52 -18.02
N ILE A 96 15.43 40.74 -16.75
CA ILE A 96 15.23 39.74 -15.72
C ILE A 96 15.07 40.38 -14.34
N ALA A 97 14.06 39.95 -13.60
CA ALA A 97 13.81 40.48 -12.28
C ALA A 97 14.39 39.58 -11.19
N LEU A 98 15.35 40.10 -10.43
CA LEU A 98 15.99 39.34 -9.37
C LEU A 98 15.13 39.35 -8.10
N LEU A 99 14.35 38.29 -7.92
CA LEU A 99 13.50 38.18 -6.74
C LEU A 99 14.23 37.50 -5.59
N GLU A 100 13.83 37.83 -4.37
CA GLU A 100 14.45 37.24 -3.18
C GLU A 100 13.55 36.19 -2.55
N ALA A 101 13.98 34.93 -2.63
CA ALA A 101 13.21 33.83 -2.07
C ALA A 101 13.36 33.76 -0.55
N LYS A 102 12.28 33.39 0.13
CA LYS A 102 12.30 33.30 1.59
C LYS A 102 13.23 32.18 2.05
N PRO A 103 13.65 32.24 3.33
CA PRO A 103 14.54 31.25 3.92
C PRO A 103 13.87 29.88 4.08
N GLY A 104 14.38 28.88 3.40
CA GLY A 104 13.82 27.55 3.49
C GLY A 104 13.21 27.08 2.18
N THR A 105 12.93 28.03 1.29
CA THR A 105 12.33 27.72 0.00
C THR A 105 13.39 27.29 -1.00
N ASP A 106 13.05 26.30 -1.82
CA ASP A 106 13.98 25.79 -2.83
C ASP A 106 13.88 26.60 -4.11
N LEU A 107 14.47 27.79 -4.10
CA LEU A 107 14.44 28.67 -5.27
C LEU A 107 14.98 27.96 -6.51
N ASN A 108 15.93 27.06 -6.29
CA ASN A 108 16.53 26.30 -7.38
C ASN A 108 15.49 25.42 -8.07
N ALA A 109 14.56 24.89 -7.28
CA ALA A 109 13.51 24.04 -7.81
C ALA A 109 12.45 24.85 -8.56
N ILE A 110 12.28 26.10 -8.14
CA ILE A 110 11.31 26.98 -8.76
C ILE A 110 11.66 27.25 -10.23
N ALA A 111 12.94 27.52 -10.48
CA ALA A 111 13.41 27.79 -11.82
C ALA A 111 13.11 26.62 -12.76
N THR A 112 12.98 25.42 -12.18
CA THR A 112 12.69 24.23 -12.96
C THR A 112 11.25 24.23 -13.47
N LYS A 113 10.39 24.95 -12.77
CA LYS A 113 8.98 25.04 -13.15
C LYS A 113 8.78 26.11 -14.21
N LEU A 114 9.64 27.12 -14.20
CA LEU A 114 9.56 28.21 -15.17
C LEU A 114 10.17 27.81 -16.50
N LYS A 115 11.46 27.49 -16.49
CA LYS A 115 12.16 27.08 -17.69
C LYS A 115 11.47 25.89 -18.35
N SER A 116 10.74 25.12 -17.55
CA SER A 116 10.03 23.95 -18.06
C SER A 116 9.04 24.34 -19.16
N GLU A 117 8.57 25.58 -19.09
CA GLU A 117 7.62 26.09 -20.08
C GLU A 117 8.33 26.86 -21.18
N GLY A 118 9.51 27.40 -20.84
CA GLY A 118 10.27 28.15 -21.81
C GLY A 118 10.66 29.53 -21.30
N VAL A 119 10.87 29.64 -20.00
CA VAL A 119 11.25 30.90 -19.38
C VAL A 119 12.73 30.93 -19.00
N ASN A 120 13.47 31.86 -19.60
CA ASN A 120 14.90 31.98 -19.32
C ASN A 120 15.13 32.65 -17.98
N VAL A 121 15.61 31.88 -17.01
CA VAL A 121 15.88 32.41 -15.68
C VAL A 121 17.26 31.98 -15.19
N GLN A 122 17.75 32.65 -14.15
CA GLN A 122 19.05 32.34 -13.59
C GLN A 122 19.00 32.29 -12.06
N ILE A 123 19.55 31.23 -11.49
CA ILE A 123 19.57 31.07 -10.04
C ILE A 123 20.74 31.81 -9.41
N GLU A 124 20.46 32.97 -8.82
CA GLU A 124 21.48 33.78 -8.18
C GLU A 124 21.44 33.61 -6.67
N LEU A 125 22.49 34.08 -5.99
CA LEU A 125 22.57 33.98 -4.55
C LEU A 125 22.74 35.37 -3.92
N SER A 126 22.54 35.45 -2.61
CA SER A 126 22.67 36.71 -1.88
C SER A 126 23.73 36.61 -0.80
N GLY A 127 24.90 36.10 -1.17
CA GLY A 127 25.99 35.97 -0.21
C GLY A 127 26.73 34.65 -0.36
N ALA A 128 27.01 34.27 -1.60
CA ALA A 128 27.70 33.02 -1.88
C ALA A 128 29.06 33.29 -2.54
N GLU A 129 29.10 34.33 -3.38
CA GLU A 129 30.34 34.69 -4.07
C GLU A 129 31.15 35.68 -3.25
N GLN A 130 32.41 35.86 -3.64
CA GLN A 130 33.30 36.79 -2.94
C GLN A 130 33.28 38.17 -3.61
N GLN A 131 33.65 39.19 -2.84
CA GLN A 131 33.68 40.56 -3.37
C GLN A 131 35.09 40.93 -3.83
N PRO A 132 35.16 41.96 -4.69
CA PRO A 132 36.45 42.45 -5.22
C PRO A 132 37.30 43.12 -4.16
N LYS A 133 38.37 43.77 -4.60
CA LYS A 133 39.29 44.46 -3.69
C LYS A 133 38.51 45.39 -2.76
N GLN A 4 -57.02 -134.66 -5.38
CA GLN A 4 -56.19 -133.61 -5.95
C GLN A 4 -56.60 -132.24 -5.43
N GLU A 5 -56.84 -132.16 -4.13
CA GLU A 5 -57.24 -130.90 -3.50
C GLU A 5 -56.12 -130.35 -2.63
N SER A 6 -55.45 -129.30 -3.13
CA SER A 6 -54.36 -128.68 -2.40
C SER A 6 -54.67 -127.22 -2.10
N VAL A 7 -54.09 -126.71 -1.01
CA VAL A 7 -54.30 -125.32 -0.61
C VAL A 7 -52.98 -124.62 -0.36
N THR A 8 -53.00 -123.29 -0.44
CA THR A 8 -51.80 -122.49 -0.22
C THR A 8 -52.10 -121.24 0.60
N MET A 9 -51.09 -120.72 1.27
CA MET A 9 -51.25 -119.52 2.09
C MET A 9 -50.15 -118.51 1.80
N ASP A 10 -50.55 -117.25 1.60
CA ASP A 10 -49.60 -116.19 1.31
C ASP A 10 -50.28 -114.82 1.36
N GLY A 11 -49.57 -113.83 1.88
CA GLY A 11 -50.13 -112.49 1.98
C GLY A 11 -49.30 -111.57 2.85
N LYS A 12 -49.28 -110.29 2.53
CA LYS A 12 -48.52 -109.31 3.29
C LYS A 12 -49.31 -108.01 3.46
N GLN A 13 -49.11 -107.35 4.59
CA GLN A 13 -49.80 -106.10 4.88
C GLN A 13 -48.89 -105.13 5.62
N TYR A 14 -48.64 -103.97 5.01
CA TYR A 14 -47.79 -102.97 5.62
C TYR A 14 -48.19 -101.56 5.18
N SER A 15 -48.07 -100.59 6.09
CA SER A 15 -48.42 -99.22 5.78
C SER A 15 -47.44 -98.25 6.43
N THR A 16 -46.60 -97.62 5.60
CA THR A 16 -45.62 -96.68 6.09
C THR A 16 -45.13 -95.77 4.96
N ILE A 17 -44.79 -94.53 5.32
CA ILE A 17 -44.30 -93.56 4.33
C ILE A 17 -42.92 -93.05 4.71
N GLU A 18 -42.00 -93.07 3.74
CA GLU A 18 -40.64 -92.60 3.96
C GLU A 18 -40.14 -91.79 2.79
N VAL A 19 -39.44 -90.69 3.08
CA VAL A 19 -38.90 -89.83 2.03
C VAL A 19 -37.39 -89.76 2.10
N ASN A 20 -36.73 -90.09 0.99
CA ASN A 20 -35.28 -90.07 0.92
C ASN A 20 -34.66 -91.01 1.96
N GLY A 21 -35.47 -91.97 2.42
CA GLY A 21 -34.99 -92.92 3.41
C GLY A 21 -35.28 -92.47 4.83
N GLN A 22 -35.50 -91.18 5.00
CA GLN A 22 -35.78 -90.63 6.32
C GLN A 22 -36.81 -89.51 6.24
N THR A 23 -37.93 -89.68 6.93
CA THR A 23 -39.00 -88.69 6.93
C THR A 23 -39.04 -87.92 8.24
N TYR A 24 -39.20 -86.60 8.15
CA TYR A 24 -39.25 -85.75 9.33
C TYR A 24 -39.68 -84.33 8.96
N LEU A 25 -39.71 -83.46 9.96
CA LEU A 25 -40.09 -82.07 9.74
C LEU A 25 -38.86 -81.17 9.63
N ILE A 26 -38.90 -80.24 8.67
CA ILE A 26 -37.80 -79.32 8.46
C ILE A 26 -38.21 -77.88 8.77
N PRO A 27 -38.24 -77.54 10.07
CA PRO A 27 -38.62 -76.20 10.53
C PRO A 27 -37.57 -75.15 10.18
N ASP A 28 -38.04 -73.94 9.89
CA ASP A 28 -37.13 -72.84 9.53
C ASP A 28 -37.51 -71.57 10.27
N ASN A 29 -36.51 -70.93 10.88
CA ASN A 29 -36.75 -69.70 11.63
C ASN A 29 -35.43 -69.09 12.09
N GLY A 30 -35.40 -67.76 12.20
CA GLY A 30 -34.19 -67.08 12.63
C GLY A 30 -33.81 -65.93 11.71
N SER A 31 -34.26 -64.73 12.05
CA SER A 31 -33.97 -63.55 11.24
C SER A 31 -33.90 -62.31 12.11
N LYS A 32 -32.79 -61.57 12.00
CA LYS A 32 -32.59 -60.35 12.78
C LYS A 32 -31.45 -59.53 12.21
N LYS A 33 -31.77 -58.34 11.70
CA LYS A 33 -30.77 -57.46 11.11
C LYS A 33 -31.02 -56.01 11.54
N ARG A 34 -29.95 -55.30 11.85
CA ARG A 34 -30.06 -53.91 12.28
C ARG A 34 -28.67 -53.29 12.45
N VAL A 35 -28.52 -52.05 11.97
CA VAL A 35 -27.24 -51.35 12.08
C VAL A 35 -27.37 -49.92 11.57
N ALA A 36 -26.81 -48.98 12.34
CA ALA A 36 -26.86 -47.56 11.96
C ALA A 36 -25.65 -46.82 12.52
N ARG A 37 -25.16 -45.85 11.75
CA ARG A 37 -24.01 -45.05 12.16
C ARG A 37 -23.71 -43.96 11.14
N SER A 38 -23.92 -42.71 11.55
CA SER A 38 -23.68 -41.57 10.67
C SER A 38 -23.69 -40.26 11.45
N LEU A 39 -22.51 -39.73 11.74
CA LEU A 39 -22.41 -38.48 12.49
C LEU A 39 -21.00 -37.90 12.37
N ASP A 40 -20.90 -36.71 11.81
CA ASP A 40 -19.61 -36.05 11.64
C ASP A 40 -19.79 -34.65 11.06
N SER A 41 -19.24 -33.65 11.74
CA SER A 41 -19.34 -32.26 11.30
C SER A 41 -18.50 -31.35 12.18
N LYS A 42 -17.50 -30.70 11.59
CA LYS A 42 -16.63 -29.79 12.32
C LYS A 42 -15.69 -29.07 11.37
N VAL A 43 -15.70 -27.73 11.42
CA VAL A 43 -14.84 -26.93 10.57
C VAL A 43 -14.96 -25.45 10.92
N PRO A 44 -14.29 -25.04 12.01
CA PRO A 44 -14.32 -23.65 12.47
C PRO A 44 -13.55 -22.72 11.54
N GLN A 45 -14.20 -22.28 10.47
CA GLN A 45 -13.58 -21.39 9.51
C GLN A 45 -14.45 -20.16 9.25
N GLN A 46 -13.87 -18.98 9.45
CA GLN A 46 -14.60 -17.73 9.24
C GLN A 46 -13.66 -16.54 9.28
N THR A 47 -13.57 -15.83 8.16
CA THR A 47 -12.69 -14.66 8.06
C THR A 47 -13.12 -13.75 6.91
N LEU A 48 -13.28 -12.47 7.22
CA LEU A 48 -13.68 -11.49 6.21
C LEU A 48 -13.53 -10.07 6.73
N ARG A 49 -12.61 -9.32 6.15
CA ARG A 49 -12.36 -7.94 6.57
C ARG A 49 -11.49 -7.21 5.54
N ARG A 50 -11.58 -5.89 5.52
CA ARG A 50 -10.81 -5.08 4.60
C ARG A 50 -10.97 -3.59 4.91
N GLY A 51 -9.98 -2.80 4.53
CA GLY A 51 -10.03 -1.37 4.77
C GLY A 51 -9.00 -0.92 5.79
N ASP A 52 -8.01 -0.17 5.33
CA ASP A 52 -6.96 0.33 6.21
C ASP A 52 -6.07 1.33 5.48
N VAL A 53 -6.19 2.60 5.84
CA VAL A 53 -5.39 3.65 5.22
C VAL A 53 -4.86 4.63 6.26
N LEU A 54 -3.57 4.92 6.20
CA LEU A 54 -2.94 5.84 7.14
C LEU A 54 -1.56 6.26 6.65
N MET A 55 -1.40 7.56 6.41
CA MET A 55 -0.12 8.09 5.94
C MET A 55 -0.14 9.62 5.91
N GLN A 56 0.60 10.23 6.83
CA GLN A 56 0.66 11.68 6.91
C GLN A 56 2.04 12.14 7.37
N GLY A 57 2.50 13.27 6.81
CA GLY A 57 3.80 13.79 7.17
C GLY A 57 4.65 14.12 5.95
N ALA A 58 4.78 15.41 5.65
CA ALA A 58 5.57 15.86 4.52
C ALA A 58 5.80 17.36 4.57
N ALA A 59 7.06 17.75 4.78
CA ALA A 59 7.42 19.16 4.84
C ALA A 59 8.91 19.36 4.57
N SER A 60 9.22 20.34 3.72
CA SER A 60 10.61 20.64 3.38
C SER A 60 10.70 21.94 2.60
N PRO A 61 10.43 23.06 3.29
CA PRO A 61 10.48 24.40 2.68
C PRO A 61 11.90 24.83 2.36
N GLU A 62 12.03 25.88 1.55
CA GLU A 62 13.33 26.40 1.17
C GLU A 62 13.24 27.85 0.72
N LEU A 63 14.39 28.50 0.57
CA LEU A 63 14.43 29.89 0.15
C LEU A 63 15.87 30.34 -0.09
N THR A 64 16.11 30.96 -1.24
CA THR A 64 17.44 31.44 -1.60
C THR A 64 17.40 32.31 -2.85
N VAL A 65 18.38 33.20 -2.98
CA VAL A 65 18.45 34.09 -4.13
C VAL A 65 19.77 34.86 -4.15
N SER A 66 20.33 35.04 -5.34
CA SER A 66 21.59 35.76 -5.49
C SER A 66 21.76 36.28 -6.91
N GLY A 67 22.03 37.57 -7.03
CA GLY A 67 22.21 38.17 -8.35
C GLY A 67 22.99 39.47 -8.28
N THR A 68 22.26 40.58 -8.17
CA THR A 68 22.89 41.90 -8.10
C THR A 68 21.94 42.93 -7.54
N LEU A 69 22.48 44.09 -7.14
CA LEU A 69 21.67 45.16 -6.58
C LEU A 69 22.23 46.53 -6.97
N LEU A 70 21.40 47.35 -7.58
CA LEU A 70 21.80 48.68 -8.00
C LEU A 70 21.45 49.72 -6.95
N VAL A 71 22.45 50.11 -6.15
CA VAL A 71 22.24 51.10 -5.11
C VAL A 71 22.72 52.48 -5.55
N GLU A 72 21.87 53.48 -5.40
CA GLU A 72 22.20 54.84 -5.78
C GLU A 72 23.18 55.47 -4.79
N ALA A 73 24.46 55.19 -4.97
CA ALA A 73 25.50 55.72 -4.10
C ALA A 73 26.87 55.65 -4.75
N ASP A 74 27.84 56.34 -4.16
CA ASP A 74 29.20 56.35 -4.69
C ASP A 74 29.96 55.11 -4.25
N ASP A 75 31.24 55.03 -4.65
CA ASP A 75 32.08 53.89 -4.31
C ASP A 75 32.20 53.75 -2.80
N ALA A 76 32.41 54.86 -2.10
CA ALA A 76 32.55 54.85 -0.65
C ALA A 76 31.34 54.19 0.00
N SER A 77 30.16 54.46 -0.54
CA SER A 77 28.92 53.90 0.00
C SER A 77 28.75 52.45 -0.42
N ALA A 78 29.26 52.12 -1.61
CA ALA A 78 29.18 50.76 -2.13
C ALA A 78 29.85 49.77 -1.19
N LYS A 79 31.15 49.94 -0.99
CA LYS A 79 31.92 49.06 -0.12
C LYS A 79 31.28 48.99 1.27
N ALA A 80 30.68 50.09 1.70
CA ALA A 80 30.04 50.15 3.01
C ALA A 80 28.85 49.20 3.07
N LEU A 81 28.14 49.07 1.96
CA LEU A 81 26.98 48.18 1.90
C LEU A 81 27.40 46.74 1.62
N ALA A 82 28.49 46.58 0.86
CA ALA A 82 29.00 45.26 0.54
C ALA A 82 29.52 44.55 1.78
N THR A 83 30.04 45.32 2.73
CA THR A 83 30.58 44.77 3.97
C THR A 83 29.48 44.58 4.99
N ARG A 84 28.50 45.48 5.01
CA ARG A 84 27.40 45.40 5.95
C ARG A 84 26.38 44.36 5.52
N HIS A 85 25.81 44.54 4.33
CA HIS A 85 24.83 43.61 3.80
C HIS A 85 25.50 42.33 3.30
N GLY A 86 26.80 42.42 3.03
CA GLY A 86 27.53 41.26 2.55
C GLY A 86 27.63 41.21 1.04
N LEU A 87 27.35 42.34 0.39
CA LEU A 87 27.40 42.42 -1.06
C LEU A 87 28.83 42.62 -1.55
N ASN A 88 28.98 42.92 -2.83
CA ASN A 88 30.30 43.14 -3.42
C ASN A 88 30.25 44.22 -4.49
N PHE A 89 30.87 45.36 -4.20
CA PHE A 89 30.90 46.47 -5.14
C PHE A 89 31.76 46.14 -6.36
N LYS A 90 31.15 46.12 -7.53
CA LYS A 90 31.86 45.82 -8.77
C LYS A 90 32.11 47.09 -9.57
N GLN A 91 31.04 47.80 -9.89
CA GLN A 91 31.15 49.03 -10.67
C GLN A 91 29.88 49.87 -10.52
N SER A 92 29.90 51.06 -11.11
CA SER A 92 28.75 51.97 -11.04
C SER A 92 28.48 52.61 -12.41
N SER A 93 27.28 53.13 -12.58
CA SER A 93 26.89 53.77 -13.83
C SER A 93 26.64 55.26 -13.62
N GLY A 94 27.51 55.91 -12.87
CA GLY A 94 27.38 57.33 -12.60
C GLY A 94 26.05 57.67 -11.94
N GLY A 95 25.44 56.66 -11.33
CA GLY A 95 24.17 56.88 -10.66
C GLY A 95 23.79 55.72 -9.75
N ILE A 96 24.10 54.52 -10.18
CA ILE A 96 23.79 53.32 -9.40
C ILE A 96 24.95 52.34 -9.40
N ALA A 97 25.24 51.76 -8.24
CA ALA A 97 26.31 50.79 -8.11
C ALA A 97 25.79 49.36 -8.07
N LEU A 98 26.16 48.56 -9.06
CA LEU A 98 25.72 47.18 -9.13
C LEU A 98 26.57 46.28 -8.23
N LEU A 99 26.07 46.01 -7.03
CA LEU A 99 26.79 45.16 -6.08
C LEU A 99 26.33 43.72 -6.18
N GLU A 100 27.21 42.79 -5.80
CA GLU A 100 26.89 41.37 -5.84
C GLU A 100 26.59 40.83 -4.45
N ALA A 101 25.33 40.47 -4.23
CA ALA A 101 24.91 39.93 -2.93
C ALA A 101 25.33 38.47 -2.78
N LYS A 102 25.79 38.11 -1.59
CA LYS A 102 26.22 36.74 -1.31
C LYS A 102 25.07 35.76 -1.53
N PRO A 103 25.42 34.49 -1.78
CA PRO A 103 24.44 33.43 -2.01
C PRO A 103 23.66 33.07 -0.74
N GLY A 104 22.35 33.31 -0.78
CA GLY A 104 21.51 33.00 0.38
C GLY A 104 20.90 34.25 0.99
N THR A 105 21.45 35.41 0.65
CA THR A 105 20.96 36.67 1.16
C THR A 105 19.86 37.24 0.27
N ASP A 106 18.76 37.66 0.90
CA ASP A 106 17.64 38.23 0.16
C ASP A 106 17.94 39.65 -0.29
N LEU A 107 18.72 39.78 -1.36
CA LEU A 107 19.08 41.09 -1.88
C LEU A 107 17.85 41.94 -2.14
N ASN A 108 16.75 41.29 -2.52
CA ASN A 108 15.50 41.99 -2.79
C ASN A 108 15.00 42.71 -1.54
N ALA A 109 15.06 42.03 -0.41
CA ALA A 109 14.61 42.60 0.86
C ALA A 109 15.50 43.78 1.26
N ILE A 110 16.75 43.74 0.85
CA ILE A 110 17.69 44.81 1.17
C ILE A 110 17.25 46.14 0.58
N ALA A 111 16.86 46.11 -0.68
CA ALA A 111 16.39 47.31 -1.37
C ALA A 111 15.28 47.99 -0.60
N THR A 112 14.42 47.17 0.03
CA THR A 112 13.30 47.71 0.80
C THR A 112 13.78 48.57 1.96
N LYS A 113 15.01 48.33 2.40
CA LYS A 113 15.59 49.09 3.49
C LYS A 113 16.15 50.42 2.99
N LEU A 114 16.55 50.45 1.73
CA LEU A 114 17.10 51.66 1.13
C LEU A 114 15.98 52.60 0.67
N LYS A 115 15.14 52.10 -0.22
CA LYS A 115 14.03 52.89 -0.75
C LYS A 115 13.12 53.36 0.39
N SER A 116 13.12 52.63 1.49
CA SER A 116 12.31 52.97 2.64
C SER A 116 12.63 54.38 3.15
N GLU A 117 13.87 54.81 2.92
CA GLU A 117 14.31 56.13 3.34
C GLU A 117 14.21 57.13 2.20
N GLY A 118 14.25 56.62 0.97
CA GLY A 118 14.17 57.48 -0.20
C GLY A 118 15.32 57.27 -1.15
N VAL A 119 15.82 56.05 -1.22
CA VAL A 119 16.93 55.71 -2.11
C VAL A 119 16.45 54.92 -3.32
N ASN A 120 16.64 55.49 -4.51
CA ASN A 120 16.23 54.83 -5.74
C ASN A 120 17.18 53.71 -6.10
N VAL A 121 16.72 52.47 -5.98
CA VAL A 121 17.54 51.30 -6.30
C VAL A 121 16.78 50.33 -7.19
N GLN A 122 17.51 49.41 -7.80
CA GLN A 122 16.91 48.41 -8.68
C GLN A 122 17.48 47.03 -8.41
N ILE A 123 16.60 46.02 -8.37
CA ILE A 123 17.02 44.65 -8.11
C ILE A 123 17.40 43.94 -9.41
N GLU A 124 18.70 43.83 -9.67
CA GLU A 124 19.17 43.18 -10.88
C GLU A 124 19.52 41.72 -10.60
N LEU A 125 19.73 40.95 -11.66
CA LEU A 125 20.07 39.53 -11.53
C LEU A 125 21.31 39.20 -12.35
N SER A 126 22.04 38.18 -11.91
CA SER A 126 23.25 37.75 -12.60
C SER A 126 23.01 36.45 -13.37
N GLY A 127 21.91 36.41 -14.12
CA GLY A 127 21.59 35.22 -14.89
C GLY A 127 20.41 35.43 -15.80
N ALA A 128 19.43 36.20 -15.34
CA ALA A 128 18.23 36.47 -16.13
C ALA A 128 18.43 37.70 -17.01
N GLU A 129 19.34 37.59 -17.98
CA GLU A 129 19.62 38.69 -18.88
C GLU A 129 18.84 38.54 -20.20
N GLN A 130 18.13 39.59 -20.59
CA GLN A 130 17.35 39.57 -21.81
C GLN A 130 18.23 39.80 -23.03
N GLN A 131 18.00 39.01 -24.07
CA GLN A 131 18.78 39.13 -25.30
C GLN A 131 17.87 39.23 -26.52
N PRO A 132 17.22 40.40 -26.69
CA PRO A 132 16.31 40.65 -27.80
C PRO A 132 17.04 40.77 -29.13
N LYS A 133 16.31 41.18 -30.17
CA LYS A 133 16.90 41.32 -31.50
C LYS A 133 18.16 42.19 -31.44
N GLN A 4 -66.13 -113.47 -19.93
CA GLN A 4 -64.87 -112.82 -20.27
C GLN A 4 -64.05 -112.54 -19.02
N GLU A 5 -62.91 -113.22 -18.89
CA GLU A 5 -62.04 -113.04 -17.74
C GLU A 5 -60.98 -111.99 -18.02
N SER A 6 -61.42 -110.80 -18.43
CA SER A 6 -60.51 -109.70 -18.74
C SER A 6 -60.15 -108.92 -17.47
N VAL A 7 -58.91 -108.45 -17.42
CA VAL A 7 -58.43 -107.69 -16.26
C VAL A 7 -58.07 -106.27 -16.66
N THR A 8 -57.56 -105.50 -15.70
CA THR A 8 -57.16 -104.12 -15.95
C THR A 8 -55.69 -103.90 -15.63
N MET A 9 -55.19 -102.72 -15.97
CA MET A 9 -53.78 -102.39 -15.72
C MET A 9 -53.67 -101.03 -15.05
N ASP A 10 -52.67 -100.89 -14.17
CA ASP A 10 -52.45 -99.64 -13.46
C ASP A 10 -50.99 -99.52 -13.03
N GLY A 11 -50.46 -98.29 -13.08
CA GLY A 11 -49.08 -98.07 -12.69
C GLY A 11 -48.79 -96.60 -12.45
N LYS A 12 -48.25 -96.31 -11.26
CA LYS A 12 -47.93 -94.93 -10.89
C LYS A 12 -46.59 -94.87 -10.15
N GLN A 13 -46.02 -93.67 -10.08
CA GLN A 13 -44.74 -93.48 -9.40
C GLN A 13 -44.62 -92.07 -8.85
N TYR A 14 -43.93 -91.92 -7.73
CA TYR A 14 -43.74 -90.62 -7.10
C TYR A 14 -42.34 -90.49 -6.53
N SER A 15 -41.86 -89.25 -6.44
CA SER A 15 -40.52 -88.99 -5.91
C SER A 15 -40.41 -87.55 -5.42
N THR A 16 -39.25 -87.21 -4.86
CA THR A 16 -39.01 -85.86 -4.35
C THR A 16 -37.56 -85.45 -4.55
N ILE A 17 -37.30 -84.15 -4.44
CA ILE A 17 -35.95 -83.62 -4.61
C ILE A 17 -35.45 -82.97 -3.32
N GLU A 18 -34.44 -83.59 -2.71
CA GLU A 18 -33.87 -83.07 -1.48
C GLU A 18 -32.35 -83.10 -1.53
N VAL A 19 -31.73 -82.11 -0.89
CA VAL A 19 -30.27 -82.02 -0.86
C VAL A 19 -29.69 -82.84 0.28
N ASN A 20 -28.73 -83.71 -0.04
CA ASN A 20 -28.09 -84.55 0.96
C ASN A 20 -29.10 -85.49 1.60
N GLY A 21 -30.23 -85.70 0.92
CA GLY A 21 -31.26 -86.58 1.44
C GLY A 21 -32.30 -85.84 2.24
N GLN A 22 -31.94 -84.65 2.73
CA GLN A 22 -32.85 -83.84 3.53
C GLN A 22 -32.69 -82.36 3.20
N THR A 23 -33.78 -81.74 2.75
CA THR A 23 -33.76 -80.32 2.40
C THR A 23 -34.33 -79.47 3.53
N TYR A 24 -33.70 -78.33 3.78
CA TYR A 24 -34.16 -77.43 4.83
C TYR A 24 -33.45 -76.08 4.74
N LEU A 25 -33.91 -75.12 5.53
CA LEU A 25 -33.32 -73.79 5.53
C LEU A 25 -32.81 -73.41 6.93
N ILE A 26 -31.63 -72.82 6.98
CA ILE A 26 -31.03 -72.42 8.25
C ILE A 26 -30.41 -71.04 8.15
N PRO A 27 -31.25 -70.00 8.23
CA PRO A 27 -30.81 -68.60 8.16
C PRO A 27 -30.02 -68.18 9.39
N ASP A 28 -29.07 -67.26 9.19
CA ASP A 28 -28.26 -66.77 10.29
C ASP A 28 -28.21 -65.24 10.30
N ASN A 29 -28.22 -64.66 11.50
CA ASN A 29 -28.19 -63.20 11.64
C ASN A 29 -27.67 -62.81 13.02
N GLY A 30 -26.90 -61.72 13.06
CA GLY A 30 -26.35 -61.26 14.32
C GLY A 30 -25.45 -60.06 14.15
N SER A 31 -25.36 -59.23 15.19
CA SER A 31 -24.52 -58.04 15.15
C SER A 31 -24.48 -57.34 16.51
N LYS A 32 -23.28 -57.15 17.04
CA LYS A 32 -23.11 -56.51 18.33
C LYS A 32 -21.82 -55.69 18.36
N LYS A 33 -21.88 -54.52 19.00
CA LYS A 33 -20.72 -53.64 19.10
C LYS A 33 -20.84 -52.74 20.32
N ARG A 34 -19.87 -52.83 21.22
CA ARG A 34 -19.87 -52.01 22.43
C ARG A 34 -19.10 -50.70 22.21
N VAL A 35 -19.83 -49.60 22.10
CA VAL A 35 -19.22 -48.30 21.88
C VAL A 35 -20.06 -47.19 22.49
N ALA A 36 -19.51 -45.99 22.53
CA ALA A 36 -20.21 -44.83 23.10
C ALA A 36 -19.71 -43.53 22.48
N ARG A 37 -20.32 -42.42 22.88
CA ARG A 37 -19.94 -41.11 22.36
C ARG A 37 -20.33 -40.01 23.35
N SER A 38 -19.33 -39.50 24.07
CA SER A 38 -19.56 -38.44 25.05
C SER A 38 -18.25 -37.88 25.56
N LEU A 39 -17.89 -36.70 25.08
CA LEU A 39 -16.64 -36.05 25.49
C LEU A 39 -16.61 -34.60 25.03
N ASP A 40 -16.11 -33.72 25.90
CA ASP A 40 -16.02 -32.30 25.58
C ASP A 40 -15.10 -31.58 26.56
N SER A 41 -14.67 -30.38 26.18
CA SER A 41 -13.77 -29.59 27.02
C SER A 41 -13.87 -28.11 26.68
N LYS A 42 -13.74 -27.26 27.70
CA LYS A 42 -13.81 -25.82 27.50
C LYS A 42 -13.21 -25.08 28.69
N VAL A 43 -12.58 -23.94 28.42
CA VAL A 43 -11.96 -23.14 29.47
C VAL A 43 -11.36 -21.86 28.89
N PRO A 44 -12.22 -20.87 28.61
CA PRO A 44 -11.78 -19.58 28.06
C PRO A 44 -11.00 -18.75 29.07
N GLN A 45 -9.75 -18.44 28.75
CA GLN A 45 -8.90 -17.66 29.62
C GLN A 45 -7.63 -17.23 28.91
N GLN A 46 -7.45 -15.92 28.74
CA GLN A 46 -6.27 -15.39 28.07
C GLN A 46 -6.26 -13.86 28.12
N THR A 47 -5.12 -13.30 28.50
CA THR A 47 -4.98 -11.86 28.59
C THR A 47 -3.54 -11.42 28.33
N LEU A 48 -3.29 -10.85 27.16
CA LEU A 48 -1.96 -10.40 26.79
C LEU A 48 -2.03 -9.18 25.88
N ARG A 49 -1.57 -8.03 26.38
CA ARG A 49 -1.58 -6.79 25.61
C ARG A 49 -0.17 -6.40 25.21
N ARG A 50 -0.07 -5.57 24.16
CA ARG A 50 1.23 -5.12 23.68
C ARG A 50 1.05 -4.07 22.58
N GLY A 51 1.94 -3.07 22.58
CA GLY A 51 1.87 -2.02 21.59
C GLY A 51 1.46 -0.69 22.17
N ASP A 52 2.38 0.26 22.21
CA ASP A 52 2.11 1.58 22.75
C ASP A 52 3.28 2.53 22.50
N VAL A 53 3.10 3.46 21.58
CA VAL A 53 4.13 4.42 21.24
C VAL A 53 3.62 5.49 20.29
N LEU A 54 4.02 6.74 20.51
CA LEU A 54 3.60 7.84 19.66
C LEU A 54 4.52 9.05 19.84
N MET A 55 5.30 9.35 18.80
CA MET A 55 6.22 10.48 18.84
C MET A 55 6.82 10.74 17.46
N GLN A 56 6.56 11.93 16.93
CA GLN A 56 7.08 12.29 15.61
C GLN A 56 7.22 13.80 15.48
N GLY A 57 8.40 14.25 15.05
CA GLY A 57 8.63 15.67 14.89
C GLY A 57 9.93 16.11 15.52
N ALA A 58 10.98 16.20 14.71
CA ALA A 58 12.29 16.62 15.20
C ALA A 58 13.16 17.15 14.05
N ALA A 59 13.38 18.46 14.05
CA ALA A 59 14.19 19.09 13.01
C ALA A 59 14.49 20.54 13.35
N SER A 60 15.61 21.05 12.86
CA SER A 60 16.01 22.42 13.11
C SER A 60 16.69 23.03 11.89
N PRO A 61 15.90 23.28 10.83
CA PRO A 61 16.41 23.85 9.59
C PRO A 61 16.80 25.32 9.75
N GLU A 62 17.12 25.96 8.63
CA GLU A 62 17.52 27.37 8.65
C GLU A 62 17.70 27.90 7.24
N LEU A 63 17.84 29.22 7.12
CA LEU A 63 18.03 29.85 5.81
C LEU A 63 18.37 31.33 5.97
N THR A 64 19.42 31.77 5.28
CA THR A 64 19.85 33.16 5.34
C THR A 64 20.74 33.51 4.16
N VAL A 65 20.18 34.25 3.20
CA VAL A 65 20.92 34.65 2.01
C VAL A 65 20.57 36.08 1.60
N SER A 66 21.55 36.80 1.08
CA SER A 66 21.33 38.18 0.64
C SER A 66 22.41 38.60 -0.36
N GLY A 67 21.97 39.15 -1.49
CA GLY A 67 22.90 39.59 -2.51
C GLY A 67 22.21 40.34 -3.64
N THR A 68 22.06 39.68 -4.78
CA THR A 68 21.42 40.27 -5.94
C THR A 68 20.85 39.22 -6.87
N LEU A 69 19.99 39.63 -7.79
CA LEU A 69 19.38 38.72 -8.74
C LEU A 69 19.07 39.42 -10.06
N LEU A 70 19.79 39.05 -11.11
CA LEU A 70 19.60 39.65 -12.42
C LEU A 70 18.42 39.00 -13.14
N VAL A 71 17.30 39.71 -13.17
CA VAL A 71 16.10 39.21 -13.83
C VAL A 71 15.95 39.80 -15.23
N GLU A 72 15.71 38.94 -16.21
CA GLU A 72 15.54 39.38 -17.60
C GLU A 72 14.16 39.98 -17.81
N ALA A 73 14.04 41.28 -17.58
CA ALA A 73 12.77 41.97 -17.76
C ALA A 73 12.96 43.49 -17.68
N ASP A 74 11.88 44.22 -17.94
CA ASP A 74 11.93 45.68 -17.90
C ASP A 74 11.75 46.19 -16.47
N ASP A 75 11.65 47.50 -16.32
CA ASP A 75 11.49 48.12 -15.01
C ASP A 75 10.14 47.76 -14.41
N ALA A 76 9.10 47.79 -15.24
CA ALA A 76 7.75 47.46 -14.79
C ALA A 76 7.71 46.11 -14.09
N SER A 77 8.49 45.16 -14.60
CA SER A 77 8.54 43.82 -14.02
C SER A 77 9.41 43.81 -12.77
N ALA A 78 10.49 44.57 -12.80
CA ALA A 78 11.41 44.65 -11.66
C ALA A 78 10.66 44.97 -10.38
N LYS A 79 10.03 46.14 -10.35
CA LYS A 79 9.28 46.57 -9.18
C LYS A 79 8.26 45.52 -8.75
N ALA A 80 7.71 44.81 -9.74
CA ALA A 80 6.72 43.77 -9.47
C ALA A 80 7.35 42.62 -8.68
N LEU A 81 8.59 42.28 -9.02
CA LEU A 81 9.30 41.20 -8.33
C LEU A 81 9.89 41.69 -7.02
N ALA A 82 10.28 42.96 -6.98
CA ALA A 82 10.86 43.54 -5.79
C ALA A 82 9.83 43.62 -4.66
N THR A 83 8.57 43.80 -5.03
CA THR A 83 7.49 43.89 -4.05
C THR A 83 6.98 42.50 -3.67
N ARG A 84 6.96 41.60 -4.64
CA ARG A 84 6.49 40.24 -4.40
C ARG A 84 7.54 39.42 -3.67
N HIS A 85 8.71 39.28 -4.29
CA HIS A 85 9.80 38.51 -3.69
C HIS A 85 10.47 39.30 -2.57
N GLY A 86 10.29 40.62 -2.59
CA GLY A 86 10.87 41.46 -1.57
C GLY A 86 12.21 42.05 -1.99
N LEU A 87 12.48 42.00 -3.29
CA LEU A 87 13.73 42.53 -3.83
C LEU A 87 13.67 44.04 -3.99
N ASN A 88 14.65 44.60 -4.66
CA ASN A 88 14.71 46.05 -4.90
C ASN A 88 15.35 46.36 -6.25
N PHE A 89 14.53 46.83 -7.18
CA PHE A 89 15.01 47.16 -8.52
C PHE A 89 16.01 48.32 -8.46
N LYS A 90 17.25 48.06 -8.87
CA LYS A 90 18.29 49.07 -8.87
C LYS A 90 18.50 49.64 -10.26
N GLN A 91 18.92 48.77 -11.19
CA GLN A 91 19.16 49.18 -12.57
C GLN A 91 19.22 47.98 -13.49
N SER A 92 19.46 48.23 -14.77
CA SER A 92 19.53 47.17 -15.76
C SER A 92 20.86 47.21 -16.51
N SER A 93 21.23 46.09 -17.12
CA SER A 93 22.48 45.99 -17.87
C SER A 93 22.21 45.72 -19.34
N GLY A 94 21.07 46.18 -19.83
CA GLY A 94 20.72 45.98 -21.23
C GLY A 94 19.55 45.02 -21.39
N GLY A 95 19.60 43.90 -20.67
CA GLY A 95 18.54 42.93 -20.75
C GLY A 95 18.33 42.18 -19.45
N ILE A 96 18.85 42.73 -18.36
CA ILE A 96 18.72 42.11 -17.05
C ILE A 96 18.78 43.15 -15.94
N ALA A 97 17.76 43.15 -15.08
CA ALA A 97 17.70 44.10 -13.97
C ALA A 97 18.26 43.49 -12.70
N LEU A 98 19.31 44.10 -12.16
CA LEU A 98 19.94 43.61 -10.94
C LEU A 98 19.18 44.08 -9.70
N LEU A 99 18.25 43.26 -9.24
CA LEU A 99 17.45 43.58 -8.06
C LEU A 99 18.17 43.20 -6.78
N GLU A 100 17.87 43.89 -5.70
CA GLU A 100 18.49 43.61 -4.41
C GLU A 100 17.53 42.86 -3.48
N ALA A 101 17.84 41.60 -3.21
CA ALA A 101 17.01 40.78 -2.35
C ALA A 101 17.25 41.10 -0.88
N LYS A 102 16.19 41.08 -0.08
CA LYS A 102 16.29 41.36 1.34
C LYS A 102 17.10 40.29 2.06
N PRO A 103 17.68 40.67 3.21
CA PRO A 103 18.50 39.76 4.02
C PRO A 103 17.67 38.67 4.68
N GLY A 104 17.95 37.41 4.33
CA GLY A 104 17.22 36.30 4.89
C GLY A 104 16.40 35.56 3.86
N THR A 105 16.21 36.17 2.70
CA THR A 105 15.44 35.56 1.63
C THR A 105 16.32 34.73 0.71
N ASP A 106 15.82 33.56 0.30
CA ASP A 106 16.58 32.68 -0.56
C ASP A 106 16.47 33.12 -2.02
N LEU A 107 17.19 34.17 -2.36
CA LEU A 107 17.19 34.71 -3.72
C LEU A 107 17.55 33.63 -4.72
N ASN A 108 18.48 32.76 -4.36
CA ASN A 108 18.91 31.68 -5.23
C ASN A 108 17.74 30.77 -5.59
N ALA A 109 16.89 30.49 -4.61
CA ALA A 109 15.72 29.64 -4.83
C ALA A 109 14.71 30.33 -5.74
N ILE A 110 14.68 31.65 -5.69
CA ILE A 110 13.75 32.42 -6.51
C ILE A 110 14.04 32.23 -7.99
N ALA A 111 15.31 32.35 -8.37
CA ALA A 111 15.71 32.18 -9.75
C ALA A 111 15.20 30.86 -10.32
N THR A 112 15.21 29.82 -9.48
CA THR A 112 14.75 28.50 -9.91
C THR A 112 13.30 28.55 -10.37
N LYS A 113 12.56 29.52 -9.87
CA LYS A 113 11.16 29.68 -10.23
C LYS A 113 11.01 30.42 -11.56
N LEU A 114 11.82 31.47 -11.73
CA LEU A 114 11.78 32.26 -12.95
C LEU A 114 12.27 31.45 -14.15
N LYS A 115 13.45 30.88 -14.01
CA LYS A 115 14.03 30.07 -15.08
C LYS A 115 13.15 28.86 -15.39
N SER A 116 12.44 28.37 -14.37
CA SER A 116 11.56 27.22 -14.53
C SER A 116 10.50 27.48 -15.60
N GLU A 117 10.12 28.75 -15.74
CA GLU A 117 9.12 29.14 -16.72
C GLU A 117 9.77 29.54 -18.04
N GLY A 118 11.05 29.93 -17.97
CA GLY A 118 11.76 30.33 -19.16
C GLY A 118 12.35 31.72 -19.05
N VAL A 119 12.73 32.10 -17.83
CA VAL A 119 13.30 33.42 -17.59
C VAL A 119 14.80 33.32 -17.30
N ASN A 120 15.60 33.84 -18.22
CA ASN A 120 17.06 33.81 -18.07
C ASN A 120 17.52 34.81 -17.01
N VAL A 121 17.97 34.29 -15.88
CA VAL A 121 18.44 35.13 -14.79
C VAL A 121 19.80 34.68 -14.29
N GLN A 122 20.47 35.55 -13.53
CA GLN A 122 21.79 35.23 -12.99
C GLN A 122 21.89 35.63 -11.52
N ILE A 123 22.36 34.71 -10.68
CA ILE A 123 22.50 34.98 -9.26
C ILE A 123 23.76 35.80 -8.97
N GLU A 124 23.57 37.05 -8.56
CA GLU A 124 24.69 37.92 -8.26
C GLU A 124 24.76 38.22 -6.76
N LEU A 125 25.87 38.78 -6.33
CA LEU A 125 26.07 39.11 -4.92
C LEU A 125 26.37 40.60 -4.75
N SER A 126 26.44 41.04 -3.50
CA SER A 126 26.74 42.44 -3.20
C SER A 126 27.92 42.55 -2.24
N GLY A 127 28.89 41.66 -2.40
CA GLY A 127 30.07 41.68 -1.55
C GLY A 127 30.71 40.32 -1.43
N ALA A 128 30.80 39.61 -2.54
CA ALA A 128 31.40 38.27 -2.54
C ALA A 128 32.53 38.18 -3.58
N GLU A 129 33.11 39.33 -3.89
CA GLU A 129 34.20 39.37 -4.87
C GLU A 129 35.24 40.41 -4.48
N GLN A 130 36.29 40.54 -5.29
CA GLN A 130 37.36 41.50 -5.03
C GLN A 130 37.55 42.44 -6.20
N GLN A 131 37.63 43.73 -5.91
CA GLN A 131 37.81 44.74 -6.96
C GLN A 131 39.07 45.57 -6.70
N PRO A 132 40.24 44.94 -6.94
CA PRO A 132 41.53 45.60 -6.73
C PRO A 132 41.79 46.69 -7.78
N LYS A 133 43.02 47.21 -7.78
CA LYS A 133 43.40 48.25 -8.72
C LYS A 133 43.10 47.83 -10.16
N GLN A 4 -45.81 -134.44 9.95
CA GLN A 4 -45.81 -132.99 9.78
C GLN A 4 -47.00 -132.36 10.50
N GLU A 5 -46.75 -131.26 11.21
CA GLU A 5 -47.79 -130.56 11.95
C GLU A 5 -47.91 -129.11 11.48
N SER A 6 -49.03 -128.80 10.85
CA SER A 6 -49.27 -127.45 10.34
C SER A 6 -49.88 -126.57 11.42
N VAL A 7 -49.05 -125.72 12.02
CA VAL A 7 -49.51 -124.81 13.07
C VAL A 7 -50.63 -123.91 12.56
N THR A 8 -50.65 -123.67 11.25
CA THR A 8 -51.67 -122.82 10.65
C THR A 8 -51.79 -121.50 11.40
N MET A 9 -50.66 -120.92 11.77
CA MET A 9 -50.64 -119.64 12.49
C MET A 9 -49.27 -119.00 12.42
N ASP A 10 -49.20 -117.83 11.81
CA ASP A 10 -47.94 -117.10 11.68
C ASP A 10 -48.00 -115.77 12.43
N GLY A 11 -46.87 -115.40 13.05
CA GLY A 11 -46.82 -114.16 13.80
C GLY A 11 -46.27 -113.01 12.97
N LYS A 12 -47.11 -112.01 12.73
CA LYS A 12 -46.71 -110.84 11.95
C LYS A 12 -47.56 -109.62 12.29
N GLN A 13 -46.92 -108.56 12.75
CA GLN A 13 -47.61 -107.34 13.11
C GLN A 13 -46.71 -106.12 12.93
N TYR A 14 -47.19 -105.14 12.18
CA TYR A 14 -46.43 -103.92 11.94
C TYR A 14 -47.34 -102.70 11.94
N SER A 15 -46.73 -101.52 12.02
CA SER A 15 -47.48 -100.27 12.04
C SER A 15 -46.57 -99.07 11.80
N THR A 16 -47.11 -98.04 11.16
CA THR A 16 -46.34 -96.83 10.86
C THR A 16 -46.96 -95.62 11.53
N ILE A 17 -46.12 -94.63 11.84
CA ILE A 17 -46.58 -93.40 12.48
C ILE A 17 -46.23 -92.18 11.64
N GLU A 18 -47.25 -91.51 11.12
CA GLU A 18 -47.04 -90.32 10.29
C GLU A 18 -47.83 -89.14 10.86
N VAL A 19 -47.15 -87.99 10.96
CA VAL A 19 -47.78 -86.78 11.48
C VAL A 19 -48.91 -86.31 10.56
N ASN A 20 -50.15 -86.52 11.00
CA ASN A 20 -51.32 -86.11 10.22
C ASN A 20 -51.31 -86.80 8.84
N GLY A 21 -50.59 -87.90 8.74
CA GLY A 21 -50.51 -88.63 7.49
C GLY A 21 -49.35 -88.18 6.62
N GLN A 22 -48.85 -86.98 6.88
CA GLN A 22 -47.73 -86.44 6.12
C GLN A 22 -46.79 -85.65 7.02
N THR A 23 -45.53 -86.07 7.08
CA THR A 23 -44.53 -85.39 7.90
C THR A 23 -44.16 -84.03 7.32
N TYR A 24 -44.29 -82.99 8.13
CA TYR A 24 -43.98 -81.63 7.69
C TYR A 24 -42.67 -81.15 8.32
N LEU A 25 -42.10 -80.10 7.74
CA LEU A 25 -40.85 -79.54 8.25
C LEU A 25 -41.04 -78.08 8.65
N ILE A 26 -40.20 -77.62 9.59
CA ILE A 26 -40.28 -76.24 10.05
C ILE A 26 -38.94 -75.53 9.87
N PRO A 27 -38.69 -75.07 8.63
CA PRO A 27 -37.45 -74.36 8.29
C PRO A 27 -37.39 -72.97 8.92
N ASP A 28 -36.26 -72.67 9.54
CA ASP A 28 -36.06 -71.37 10.19
C ASP A 28 -35.08 -70.51 9.40
N ASN A 29 -35.61 -69.55 8.65
CA ASN A 29 -34.77 -68.66 7.84
C ASN A 29 -35.59 -67.51 7.28
N GLY A 30 -34.94 -66.36 7.12
CA GLY A 30 -35.62 -65.19 6.58
C GLY A 30 -35.17 -63.91 7.24
N SER A 31 -34.01 -63.40 6.82
CA SER A 31 -33.46 -62.17 7.38
C SER A 31 -32.23 -61.71 6.59
N LYS A 32 -32.37 -60.59 5.90
CA LYS A 32 -31.27 -60.05 5.11
C LYS A 32 -31.64 -58.68 4.53
N LYS A 33 -30.75 -57.71 4.70
CA LYS A 33 -30.98 -56.37 4.19
C LYS A 33 -29.74 -55.50 4.37
N ARG A 34 -29.46 -54.67 3.37
CA ARG A 34 -28.29 -53.78 3.42
C ARG A 34 -28.64 -52.40 2.88
N VAL A 35 -28.73 -51.42 3.79
CA VAL A 35 -29.06 -50.06 3.41
C VAL A 35 -28.40 -49.06 4.36
N ALA A 36 -27.93 -47.95 3.80
CA ALA A 36 -27.28 -46.91 4.59
C ALA A 36 -27.60 -45.52 4.05
N ARG A 37 -27.07 -44.49 4.71
CA ARG A 37 -27.31 -43.12 4.29
C ARG A 37 -26.15 -42.22 4.72
N SER A 38 -25.25 -41.93 3.77
CA SER A 38 -24.10 -41.09 4.04
C SER A 38 -23.38 -40.71 2.76
N LEU A 39 -23.62 -39.48 2.29
CA LEU A 39 -22.99 -39.00 1.07
C LEU A 39 -23.18 -37.49 0.93
N ASP A 40 -22.07 -36.75 1.01
CA ASP A 40 -22.10 -35.30 0.88
C ASP A 40 -20.69 -34.73 0.79
N SER A 41 -20.55 -33.67 0.00
CA SER A 41 -19.25 -33.03 -0.17
C SER A 41 -19.37 -31.76 -1.01
N LYS A 42 -19.16 -30.61 -0.37
CA LYS A 42 -19.25 -29.33 -1.05
C LYS A 42 -18.55 -28.23 -0.25
N VAL A 43 -17.92 -27.31 -0.96
CA VAL A 43 -17.21 -26.21 -0.31
C VAL A 43 -17.33 -24.92 -1.12
N PRO A 44 -18.52 -24.31 -1.10
CA PRO A 44 -18.78 -23.07 -1.83
C PRO A 44 -18.04 -21.88 -1.24
N GLN A 45 -16.81 -21.67 -1.67
CA GLN A 45 -16.00 -20.56 -1.19
C GLN A 45 -14.69 -20.45 -1.96
N GLN A 46 -14.57 -19.39 -2.75
CA GLN A 46 -13.37 -19.16 -3.54
C GLN A 46 -13.04 -17.68 -3.64
N THR A 47 -11.90 -17.29 -3.08
CA THR A 47 -11.47 -15.90 -3.10
C THR A 47 -9.97 -15.78 -2.87
N LEU A 48 -9.30 -15.00 -3.71
CA LEU A 48 -7.86 -14.80 -3.59
C LEU A 48 -7.39 -13.71 -4.54
N ARG A 49 -6.95 -12.59 -3.97
CA ARG A 49 -6.47 -11.46 -4.77
C ARG A 49 -5.69 -10.48 -3.91
N ARG A 50 -4.93 -9.61 -4.55
CA ARG A 50 -4.14 -8.61 -3.84
C ARG A 50 -3.45 -7.66 -4.82
N GLY A 51 -3.19 -6.44 -4.36
CA GLY A 51 -2.56 -5.45 -5.21
C GLY A 51 -2.49 -4.09 -4.56
N ASP A 52 -1.28 -3.60 -4.32
CA ASP A 52 -1.07 -2.30 -3.69
C ASP A 52 0.35 -1.80 -3.93
N VAL A 53 0.48 -0.73 -4.71
CA VAL A 53 1.79 -0.16 -5.01
C VAL A 53 1.68 1.36 -5.21
N LEU A 54 2.64 2.08 -4.66
CA LEU A 54 2.66 3.53 -4.77
C LEU A 54 4.00 4.10 -4.29
N MET A 55 4.42 5.21 -4.89
CA MET A 55 5.68 5.85 -4.52
C MET A 55 5.85 7.16 -5.27
N GLN A 56 5.80 8.27 -4.52
CA GLN A 56 5.95 9.59 -5.10
C GLN A 56 6.27 10.63 -4.04
N GLY A 57 6.70 11.81 -4.48
CA GLY A 57 7.03 12.87 -3.54
C GLY A 57 8.52 13.08 -3.41
N ALA A 58 9.07 13.91 -4.29
CA ALA A 58 10.51 14.20 -4.28
C ALA A 58 10.78 15.65 -4.68
N ALA A 59 11.15 16.47 -3.71
CA ALA A 59 11.44 17.87 -3.95
C ALA A 59 12.17 18.50 -2.77
N SER A 60 12.99 19.50 -3.06
CA SER A 60 13.76 20.18 -2.01
C SER A 60 14.44 21.43 -2.57
N PRO A 61 13.64 22.48 -2.83
CA PRO A 61 14.14 23.75 -3.36
C PRO A 61 14.99 24.52 -2.35
N GLU A 62 16.23 24.82 -2.73
CA GLU A 62 17.13 25.54 -1.84
C GLU A 62 17.93 26.58 -2.63
N LEU A 63 18.58 27.48 -1.91
CA LEU A 63 19.38 28.54 -2.53
C LEU A 63 20.12 29.35 -1.48
N THR A 64 21.43 29.52 -1.68
CA THR A 64 22.25 30.28 -0.76
C THR A 64 23.20 31.21 -1.50
N VAL A 65 22.77 32.47 -1.68
CA VAL A 65 23.59 33.45 -2.37
C VAL A 65 23.65 34.76 -1.59
N SER A 66 24.81 35.41 -1.63
CA SER A 66 25.01 36.67 -0.92
C SER A 66 26.07 37.51 -1.60
N GLY A 67 25.78 38.79 -1.78
CA GLY A 67 26.73 39.69 -2.42
C GLY A 67 26.39 41.15 -2.19
N THR A 68 25.73 41.77 -3.17
CA THR A 68 25.34 43.17 -3.07
C THR A 68 24.23 43.50 -4.06
N LEU A 69 23.47 44.55 -3.75
CA LEU A 69 22.37 44.97 -4.61
C LEU A 69 22.35 46.49 -4.76
N LEU A 70 22.55 46.97 -5.98
CA LEU A 70 22.56 48.39 -6.26
C LEU A 70 21.14 48.90 -6.50
N VAL A 71 20.55 49.52 -5.48
CA VAL A 71 19.20 50.06 -5.59
C VAL A 71 19.23 51.55 -5.89
N GLU A 72 18.50 51.95 -6.93
CA GLU A 72 18.43 53.35 -7.33
C GLU A 72 17.45 54.12 -6.45
N ALA A 73 17.95 54.58 -5.30
CA ALA A 73 17.12 55.34 -4.36
C ALA A 73 17.99 56.10 -3.36
N ASP A 74 17.34 56.91 -2.52
CA ASP A 74 18.05 57.68 -1.52
C ASP A 74 18.37 56.84 -0.29
N ASP A 75 19.15 57.40 0.62
CA ASP A 75 19.53 56.69 1.85
C ASP A 75 18.29 56.24 2.62
N ALA A 76 17.29 57.11 2.67
CA ALA A 76 16.05 56.80 3.38
C ALA A 76 15.44 55.49 2.89
N SER A 77 15.59 55.22 1.59
CA SER A 77 15.05 54.01 1.00
C SER A 77 15.96 52.82 1.28
N ALA A 78 17.27 53.06 1.25
CA ALA A 78 18.24 52.01 1.50
C ALA A 78 17.96 51.30 2.82
N LYS A 79 18.01 52.05 3.92
CA LYS A 79 17.76 51.49 5.24
C LYS A 79 16.41 50.78 5.29
N ALA A 80 15.44 51.30 4.53
CA ALA A 80 14.12 50.71 4.48
C ALA A 80 14.16 49.31 3.88
N LEU A 81 14.98 49.12 2.86
CA LEU A 81 15.12 47.83 2.21
C LEU A 81 16.03 46.91 3.00
N ALA A 82 17.03 47.50 3.67
CA ALA A 82 17.97 46.73 4.47
C ALA A 82 17.27 46.10 5.67
N THR A 83 16.25 46.77 6.18
CA THR A 83 15.50 46.28 7.33
C THR A 83 14.39 45.33 6.90
N ARG A 84 13.78 45.63 5.76
CA ARG A 84 12.69 44.80 5.23
C ARG A 84 13.24 43.52 4.62
N HIS A 85 14.07 43.68 3.59
CA HIS A 85 14.66 42.54 2.90
C HIS A 85 15.77 41.91 3.75
N GLY A 86 16.32 42.69 4.67
CA GLY A 86 17.38 42.20 5.52
C GLY A 86 18.76 42.56 4.99
N LEU A 87 18.82 43.53 4.09
CA LEU A 87 20.08 43.96 3.51
C LEU A 87 20.83 44.91 4.44
N ASN A 88 21.89 45.53 3.93
CA ASN A 88 22.68 46.47 4.72
C ASN A 88 23.15 47.63 3.85
N PHE A 89 22.61 48.82 4.12
CA PHE A 89 22.98 50.01 3.36
C PHE A 89 24.39 50.46 3.70
N LYS A 90 25.30 50.32 2.74
CA LYS A 90 26.69 50.71 2.94
C LYS A 90 26.93 52.16 2.49
N GLN A 91 26.75 52.42 1.20
CA GLN A 91 26.94 53.76 0.66
C GLN A 91 26.29 53.88 -0.71
N SER A 92 26.40 55.07 -1.31
CA SER A 92 25.82 55.32 -2.62
C SER A 92 26.91 55.66 -3.64
N SER A 93 26.67 55.30 -4.89
CA SER A 93 27.63 55.56 -5.96
C SER A 93 27.14 56.69 -6.86
N GLY A 94 26.32 57.57 -6.29
CA GLY A 94 25.80 58.69 -7.06
C GLY A 94 24.32 58.55 -7.34
N GLY A 95 23.90 57.36 -7.76
CA GLY A 95 22.49 57.13 -8.05
C GLY A 95 22.07 55.69 -7.80
N ILE A 96 22.90 54.96 -7.06
CA ILE A 96 22.62 53.57 -6.75
C ILE A 96 23.28 53.15 -5.43
N ALA A 97 22.46 52.90 -4.42
CA ALA A 97 22.97 52.49 -3.11
C ALA A 97 23.28 51.00 -3.09
N LEU A 98 24.55 50.66 -2.92
CA LEU A 98 24.98 49.27 -2.87
C LEU A 98 24.76 48.67 -1.49
N LEU A 99 23.69 47.90 -1.35
CA LEU A 99 23.36 47.28 -0.08
C LEU A 99 23.88 45.83 -0.04
N GLU A 100 24.10 45.32 1.17
CA GLU A 100 24.58 43.96 1.34
C GLU A 100 23.45 43.04 1.81
N ALA A 101 23.06 42.12 0.94
CA ALA A 101 21.99 41.17 1.25
C ALA A 101 22.50 40.05 2.16
N LYS A 102 21.70 39.69 3.16
CA LYS A 102 22.07 38.64 4.10
C LYS A 102 22.29 37.32 3.37
N PRO A 103 23.01 36.40 4.02
CA PRO A 103 23.29 35.08 3.45
C PRO A 103 22.06 34.19 3.37
N GLY A 104 21.67 33.83 2.15
CA GLY A 104 20.50 32.98 1.97
C GLY A 104 19.39 33.70 1.23
N THR A 105 19.49 35.02 1.15
CA THR A 105 18.48 35.83 0.47
C THR A 105 18.71 35.85 -1.03
N ASP A 106 17.63 36.01 -1.80
CA ASP A 106 17.72 36.05 -3.26
C ASP A 106 17.90 37.47 -3.75
N LEU A 107 19.04 38.06 -3.46
CA LEU A 107 19.33 39.42 -3.89
C LEU A 107 19.09 39.60 -5.38
N ASN A 108 19.27 38.52 -6.13
CA ASN A 108 19.06 38.55 -7.58
C ASN A 108 17.58 38.65 -7.92
N ALA A 109 16.75 37.99 -7.12
CA ALA A 109 15.31 38.01 -7.33
C ALA A 109 14.68 39.28 -6.76
N ILE A 110 15.19 39.72 -5.60
CA ILE A 110 14.69 40.92 -4.96
C ILE A 110 14.64 42.09 -5.94
N ALA A 111 15.72 42.27 -6.69
CA ALA A 111 15.79 43.35 -7.66
C ALA A 111 14.65 43.27 -8.67
N THR A 112 14.29 42.05 -9.05
CA THR A 112 13.21 41.84 -10.02
C THR A 112 11.90 42.42 -9.50
N LYS A 113 11.78 42.53 -8.17
CA LYS A 113 10.58 43.07 -7.56
C LYS A 113 10.55 44.60 -7.65
N LEU A 114 11.74 45.19 -7.71
CA LEU A 114 11.86 46.65 -7.79
C LEU A 114 11.66 47.13 -9.23
N LYS A 115 12.46 46.57 -10.14
CA LYS A 115 12.36 46.93 -11.55
C LYS A 115 10.95 46.70 -12.08
N SER A 116 10.22 45.79 -11.44
CA SER A 116 8.86 45.48 -11.86
C SER A 116 7.98 46.73 -11.85
N GLU A 117 8.36 47.70 -11.02
CA GLU A 117 7.61 48.95 -10.93
C GLU A 117 8.18 50.00 -11.87
N GLY A 118 9.44 49.82 -12.26
CA GLY A 118 10.09 50.76 -13.15
C GLY A 118 11.37 51.34 -12.56
N VAL A 119 12.02 50.57 -11.69
CA VAL A 119 13.25 51.01 -11.06
C VAL A 119 14.47 50.38 -11.73
N ASN A 120 15.59 51.10 -11.69
CA ASN A 120 16.82 50.61 -12.30
C ASN A 120 17.82 50.18 -11.23
N VAL A 121 18.04 48.87 -11.14
CA VAL A 121 18.96 48.32 -10.15
C VAL A 121 19.92 47.33 -10.80
N GLN A 122 21.01 47.01 -10.10
CA GLN A 122 22.00 46.08 -10.60
C GLN A 122 22.46 45.12 -9.50
N ILE A 123 22.71 43.87 -9.88
CA ILE A 123 23.15 42.86 -8.93
C ILE A 123 24.67 42.78 -8.87
N GLU A 124 25.24 43.06 -7.70
CA GLU A 124 26.68 43.03 -7.52
C GLU A 124 27.09 41.84 -6.64
N LEU A 125 28.39 41.55 -6.62
CA LEU A 125 28.91 40.44 -5.82
C LEU A 125 29.98 40.93 -4.86
N SER A 126 30.43 40.03 -3.98
CA SER A 126 31.46 40.38 -3.00
C SER A 126 32.67 39.45 -3.14
N GLY A 127 32.86 38.93 -4.35
CA GLY A 127 33.99 38.05 -4.60
C GLY A 127 33.95 37.42 -5.97
N ALA A 128 33.47 38.19 -6.95
CA ALA A 128 33.38 37.71 -8.33
C ALA A 128 34.06 38.68 -9.30
N GLU A 129 35.04 39.41 -8.79
CA GLU A 129 35.77 40.38 -9.60
C GLU A 129 37.24 40.43 -9.21
N GLN A 130 38.06 41.06 -10.04
CA GLN A 130 39.49 41.18 -9.78
C GLN A 130 39.77 42.36 -8.86
N GLN A 131 40.89 42.31 -8.16
CA GLN A 131 41.28 43.37 -7.24
C GLN A 131 42.61 43.99 -7.66
N PRO A 132 42.59 44.75 -8.76
CA PRO A 132 43.79 45.41 -9.29
C PRO A 132 44.26 46.56 -8.40
N LYS A 133 45.23 47.32 -8.88
CA LYS A 133 45.77 48.44 -8.13
C LYS A 133 44.65 49.37 -7.67
N GLN A 4 -47.36 -85.77 -29.44
CA GLN A 4 -47.64 -86.32 -28.12
C GLN A 4 -47.57 -85.25 -27.05
N GLU A 5 -48.29 -85.47 -25.95
CA GLU A 5 -48.31 -84.52 -24.85
C GLU A 5 -47.89 -85.19 -23.54
N SER A 6 -47.42 -84.39 -22.58
CA SER A 6 -46.98 -84.92 -21.30
C SER A 6 -47.71 -84.21 -20.16
N VAL A 7 -47.66 -84.83 -18.98
CA VAL A 7 -48.32 -84.26 -17.80
C VAL A 7 -47.36 -83.40 -16.99
N THR A 8 -46.07 -83.72 -17.08
CA THR A 8 -45.05 -82.97 -16.36
C THR A 8 -45.23 -83.11 -14.86
N MET A 9 -45.49 -84.34 -14.41
CA MET A 9 -45.68 -84.61 -12.99
C MET A 9 -45.23 -86.02 -12.64
N ASP A 10 -44.55 -86.16 -11.50
CA ASP A 10 -44.06 -87.45 -11.05
C ASP A 10 -44.87 -87.96 -9.87
N GLY A 11 -45.41 -87.04 -9.07
CA GLY A 11 -46.19 -87.42 -7.92
C GLY A 11 -46.35 -86.28 -6.93
N LYS A 12 -46.49 -86.61 -5.65
CA LYS A 12 -46.66 -85.62 -4.61
C LYS A 12 -45.65 -85.84 -3.49
N GLN A 13 -44.99 -84.76 -3.07
CA GLN A 13 -44.00 -84.84 -2.00
C GLN A 13 -44.34 -83.88 -0.87
N TYR A 14 -44.06 -84.29 0.36
CA TYR A 14 -44.35 -83.48 1.53
C TYR A 14 -43.08 -83.24 2.36
N SER A 15 -43.07 -82.15 3.11
CA SER A 15 -41.92 -81.81 3.94
C SER A 15 -42.36 -81.55 5.38
N THR A 16 -41.39 -81.19 6.23
CA THR A 16 -41.67 -80.92 7.64
C THR A 16 -42.21 -79.50 7.82
N ILE A 17 -43.08 -79.33 8.80
CA ILE A 17 -43.68 -78.03 9.07
C ILE A 17 -44.54 -78.07 10.33
N GLU A 18 -44.53 -76.98 11.09
CA GLU A 18 -45.31 -76.90 12.31
C GLU A 18 -46.79 -76.78 12.00
N VAL A 19 -47.48 -77.93 11.95
CA VAL A 19 -48.91 -77.96 11.67
C VAL A 19 -49.61 -79.05 12.46
N ASN A 20 -50.91 -78.90 12.64
CA ASN A 20 -51.70 -79.87 13.38
C ASN A 20 -51.30 -79.90 14.85
N GLY A 21 -51.45 -78.75 15.52
CA GLY A 21 -51.09 -78.65 16.92
C GLY A 21 -49.62 -78.92 17.17
N GLN A 22 -48.79 -78.62 16.16
CA GLN A 22 -47.35 -78.83 16.28
C GLN A 22 -46.69 -77.64 16.96
N THR A 23 -45.77 -77.93 17.88
CA THR A 23 -45.05 -76.89 18.60
C THR A 23 -44.22 -76.03 17.66
N TYR A 24 -44.00 -74.77 18.04
CA TYR A 24 -43.22 -73.85 17.22
C TYR A 24 -41.77 -73.81 17.69
N LEU A 25 -40.99 -72.91 17.09
CA LEU A 25 -39.59 -72.76 17.45
C LEU A 25 -39.28 -71.33 17.85
N ILE A 26 -38.60 -71.17 18.99
CA ILE A 26 -38.24 -69.85 19.49
C ILE A 26 -36.73 -69.65 19.45
N PRO A 27 -36.20 -69.34 18.26
CA PRO A 27 -34.76 -69.11 18.07
C PRO A 27 -34.28 -67.82 18.74
N ASP A 28 -32.97 -67.68 18.88
CA ASP A 28 -32.39 -66.50 19.49
C ASP A 28 -31.74 -65.61 18.43
N ASN A 29 -31.67 -64.31 18.73
CA ASN A 29 -31.07 -63.35 17.81
C ASN A 29 -30.61 -62.10 18.55
N GLY A 30 -29.75 -61.32 17.89
CA GLY A 30 -29.25 -60.11 18.50
C GLY A 30 -27.74 -59.98 18.36
N SER A 31 -27.30 -59.50 17.20
CA SER A 31 -25.87 -59.33 16.93
C SER A 31 -25.49 -57.85 16.97
N LYS A 32 -25.28 -57.33 18.17
CA LYS A 32 -24.91 -55.93 18.34
C LYS A 32 -23.87 -55.78 19.44
N LYS A 33 -22.63 -55.51 19.05
CA LYS A 33 -21.54 -55.33 20.01
C LYS A 33 -21.10 -53.88 20.07
N ARG A 34 -21.08 -53.33 21.28
CA ARG A 34 -20.68 -51.94 21.48
C ARG A 34 -19.16 -51.82 21.59
N VAL A 35 -18.56 -51.15 20.60
CA VAL A 35 -17.10 -50.96 20.59
C VAL A 35 -16.73 -49.71 19.82
N ALA A 36 -15.73 -49.00 20.31
CA ALA A 36 -15.26 -47.77 19.67
C ALA A 36 -13.78 -47.52 19.99
N ARG A 37 -13.06 -46.95 19.01
CA ARG A 37 -11.65 -46.66 19.18
C ARG A 37 -11.17 -45.68 18.11
N SER A 38 -10.96 -44.43 18.50
CA SER A 38 -10.51 -43.40 17.57
C SER A 38 -9.03 -43.09 17.79
N LEU A 39 -8.68 -42.71 19.01
CA LEU A 39 -7.30 -42.39 19.35
C LEU A 39 -6.79 -41.23 18.51
N ASP A 40 -7.69 -40.30 18.19
CA ASP A 40 -7.32 -39.13 17.38
C ASP A 40 -6.86 -37.98 18.27
N SER A 41 -5.54 -37.80 18.33
CA SER A 41 -4.96 -36.74 19.15
C SER A 41 -4.37 -35.63 18.27
N LYS A 42 -4.19 -34.45 18.84
CA LYS A 42 -3.63 -33.32 18.12
C LYS A 42 -2.82 -32.42 19.05
N VAL A 43 -2.32 -31.32 18.52
CA VAL A 43 -1.53 -30.38 19.30
C VAL A 43 -1.86 -28.94 18.92
N PRO A 44 -3.05 -28.47 19.33
CA PRO A 44 -3.51 -27.11 19.05
C PRO A 44 -2.72 -26.06 19.82
N GLN A 45 -2.44 -24.93 19.18
CA GLN A 45 -1.70 -23.85 19.81
C GLN A 45 -2.56 -23.13 20.84
N GLN A 46 -1.97 -22.84 22.00
CA GLN A 46 -2.68 -22.16 23.07
C GLN A 46 -2.65 -20.66 22.87
N THR A 47 -1.50 -20.14 22.43
CA THR A 47 -1.35 -18.71 22.19
C THR A 47 -0.53 -18.45 20.93
N LEU A 48 -0.87 -17.38 20.21
CA LEU A 48 -0.17 -17.02 18.99
C LEU A 48 0.97 -16.05 19.28
N ARG A 49 1.83 -15.84 18.30
CA ARG A 49 2.97 -14.94 18.45
C ARG A 49 2.54 -13.50 18.20
N ARG A 50 3.35 -12.56 18.69
CA ARG A 50 3.05 -11.14 18.52
C ARG A 50 3.47 -10.66 17.14
N GLY A 51 4.77 -10.60 16.90
CA GLY A 51 5.28 -10.16 15.61
C GLY A 51 6.38 -9.14 15.75
N ASP A 52 7.47 -9.32 15.00
CA ASP A 52 8.59 -8.40 15.04
C ASP A 52 8.34 -7.18 14.16
N VAL A 53 7.54 -6.25 14.68
CA VAL A 53 7.21 -5.04 13.93
C VAL A 53 8.02 -3.85 14.44
N LEU A 54 8.59 -3.09 13.51
CA LEU A 54 9.40 -1.93 13.85
C LEU A 54 8.93 -0.69 13.09
N MET A 55 9.21 0.48 13.65
CA MET A 55 8.82 1.74 13.02
C MET A 55 10.01 2.68 12.91
N GLN A 56 10.00 3.52 11.88
CA GLN A 56 11.08 4.47 11.65
C GLN A 56 10.54 5.88 11.47
N GLY A 57 9.77 6.08 10.40
CA GLY A 57 9.19 7.39 10.13
C GLY A 57 10.25 8.45 9.86
N ALA A 58 10.54 8.67 8.58
CA ALA A 58 11.54 9.66 8.20
C ALA A 58 10.93 10.73 7.29
N ALA A 59 11.29 11.98 7.54
CA ALA A 59 10.78 13.09 6.76
C ALA A 59 11.84 14.18 6.58
N SER A 60 12.18 14.47 5.34
CA SER A 60 13.19 15.48 5.04
C SER A 60 12.70 16.87 5.45
N PRO A 61 13.66 17.80 5.61
CA PRO A 61 13.35 19.18 6.01
C PRO A 61 12.62 19.96 4.91
N GLU A 62 12.48 21.26 5.11
CA GLU A 62 11.81 22.11 4.13
C GLU A 62 12.37 23.53 4.17
N LEU A 63 11.93 24.36 3.23
CA LEU A 63 12.39 25.74 3.16
C LEU A 63 11.40 26.60 2.37
N THR A 64 11.23 27.84 2.80
CA THR A 64 10.32 28.77 2.14
C THR A 64 10.89 30.18 2.11
N VAL A 65 11.24 30.66 0.91
CA VAL A 65 11.79 31.99 0.75
C VAL A 65 11.48 32.56 -0.63
N SER A 66 11.25 33.86 -0.69
CA SER A 66 10.93 34.51 -1.96
C SER A 66 11.04 36.04 -1.83
N GLY A 67 11.70 36.67 -2.78
CA GLY A 67 11.86 38.11 -2.75
C GLY A 67 12.25 38.68 -4.09
N THR A 68 13.55 38.83 -4.31
CA THR A 68 14.07 39.37 -5.57
C THR A 68 15.53 39.02 -5.76
N LEU A 69 16.02 39.20 -6.99
CA LEU A 69 17.41 38.90 -7.31
C LEU A 69 17.93 39.83 -8.40
N LEU A 70 18.87 40.69 -8.03
CA LEU A 70 19.46 41.64 -8.97
C LEU A 70 20.54 40.97 -9.81
N VAL A 71 20.25 40.75 -11.08
CA VAL A 71 21.20 40.13 -12.00
C VAL A 71 21.78 41.14 -12.98
N GLU A 72 23.11 41.23 -13.03
CA GLU A 72 23.78 42.16 -13.92
C GLU A 72 23.72 41.67 -15.36
N ALA A 73 22.63 42.02 -16.05
CA ALA A 73 22.45 41.62 -17.44
C ALA A 73 21.32 42.41 -18.09
N ASP A 74 21.20 42.29 -19.41
CA ASP A 74 20.17 42.98 -20.16
C ASP A 74 18.83 42.25 -20.05
N ASP A 75 17.80 42.82 -20.66
CA ASP A 75 16.47 42.22 -20.62
C ASP A 75 16.49 40.83 -21.26
N ALA A 76 17.22 40.70 -22.36
CA ALA A 76 17.32 39.42 -23.07
C ALA A 76 17.76 38.31 -22.12
N SER A 77 18.72 38.62 -21.26
CA SER A 77 19.24 37.64 -20.30
C SER A 77 18.27 37.46 -19.13
N ALA A 78 17.60 38.55 -18.76
CA ALA A 78 16.63 38.50 -17.66
C ALA A 78 15.59 37.43 -17.88
N LYS A 79 14.81 37.57 -18.96
CA LYS A 79 13.77 36.61 -19.28
C LYS A 79 14.35 35.19 -19.37
N ALA A 80 15.61 35.10 -19.78
CA ALA A 80 16.27 33.80 -19.91
C ALA A 80 16.45 33.14 -18.55
N LEU A 81 16.65 33.96 -17.52
CA LEU A 81 16.84 33.46 -16.17
C LEU A 81 15.50 33.22 -15.48
N ALA A 82 14.53 34.08 -15.79
CA ALA A 82 13.19 33.97 -15.21
C ALA A 82 12.51 32.69 -15.66
N THR A 83 12.84 32.23 -16.87
CA THR A 83 12.25 31.02 -17.42
C THR A 83 13.01 29.78 -16.96
N ARG A 84 14.33 29.91 -16.88
CA ARG A 84 15.17 28.80 -16.47
C ARG A 84 15.08 28.58 -14.96
N HIS A 85 15.46 29.61 -14.19
CA HIS A 85 15.43 29.53 -12.74
C HIS A 85 14.00 29.62 -12.23
N GLY A 86 13.12 30.20 -13.04
CA GLY A 86 11.72 30.34 -12.65
C GLY A 86 11.43 31.69 -12.04
N LEU A 87 12.31 32.66 -12.29
CA LEU A 87 12.14 34.01 -11.75
C LEU A 87 11.18 34.82 -12.62
N ASN A 88 11.11 36.12 -12.34
CA ASN A 88 10.23 37.01 -13.10
C ASN A 88 10.87 38.38 -13.28
N PHE A 89 11.31 38.67 -14.50
CA PHE A 89 11.95 39.94 -14.81
C PHE A 89 10.92 41.06 -14.86
N LYS A 90 11.14 42.09 -14.04
CA LYS A 90 10.23 43.23 -13.98
C LYS A 90 10.93 44.50 -14.44
N GLN A 91 12.03 44.84 -13.77
CA GLN A 91 12.79 46.04 -14.11
C GLN A 91 14.24 45.91 -13.63
N SER A 92 15.03 46.95 -13.87
CA SER A 92 16.42 46.95 -13.47
C SER A 92 16.78 48.24 -12.73
N SER A 93 17.86 48.20 -11.95
CA SER A 93 18.30 49.35 -11.19
C SER A 93 19.39 50.12 -11.94
N GLY A 94 19.34 50.06 -13.27
CA GLY A 94 20.33 50.75 -14.08
C GLY A 94 21.40 49.82 -14.60
N GLY A 95 21.80 48.86 -13.76
CA GLY A 95 22.83 47.92 -14.17
C GLY A 95 22.57 46.52 -13.64
N ILE A 96 21.37 46.31 -13.11
CA ILE A 96 21.00 45.00 -12.57
C ILE A 96 19.50 44.80 -12.62
N ALA A 97 19.07 43.72 -13.29
CA ALA A 97 17.65 43.40 -13.41
C ALA A 97 17.14 42.71 -12.14
N LEU A 98 16.24 43.39 -11.43
CA LEU A 98 15.67 42.84 -10.21
C LEU A 98 14.52 41.88 -10.53
N LEU A 99 14.86 40.60 -10.69
CA LEU A 99 13.86 39.58 -10.99
C LEU A 99 13.21 39.06 -9.71
N GLU A 100 11.96 38.62 -9.83
CA GLU A 100 11.23 38.09 -8.68
C GLU A 100 11.14 36.57 -8.74
N ALA A 101 11.76 35.91 -7.76
CA ALA A 101 11.74 34.46 -7.70
C ALA A 101 10.43 33.93 -7.12
N LYS A 102 9.94 32.84 -7.68
CA LYS A 102 8.69 32.25 -7.23
C LYS A 102 8.78 31.85 -5.76
N PRO A 103 7.62 31.70 -5.11
CA PRO A 103 7.54 31.32 -3.70
C PRO A 103 7.98 29.88 -3.46
N GLY A 104 9.05 29.71 -2.70
CA GLY A 104 9.56 28.38 -2.40
C GLY A 104 10.93 28.13 -3.01
N THR A 105 11.30 28.95 -3.98
CA THR A 105 12.59 28.81 -4.64
C THR A 105 13.70 29.48 -3.82
N ASP A 106 14.88 28.87 -3.83
CA ASP A 106 16.02 29.41 -3.09
C ASP A 106 16.81 30.39 -3.96
N LEU A 107 16.26 31.59 -4.13
CA LEU A 107 16.91 32.62 -4.93
C LEU A 107 18.34 32.86 -4.45
N ASN A 108 18.58 32.64 -3.16
CA ASN A 108 19.90 32.82 -2.58
C ASN A 108 20.92 31.89 -3.23
N ALA A 109 20.52 30.65 -3.46
CA ALA A 109 21.39 29.66 -4.09
C ALA A 109 21.63 29.97 -5.55
N ILE A 110 20.63 30.59 -6.18
CA ILE A 110 20.72 30.96 -7.59
C ILE A 110 21.88 31.92 -7.83
N ALA A 111 21.94 32.97 -7.03
CA ALA A 111 23.00 33.97 -7.16
C ALA A 111 24.38 33.33 -6.98
N THR A 112 24.42 32.21 -6.26
CA THR A 112 25.68 31.50 -6.03
C THR A 112 26.15 30.79 -7.29
N LYS A 113 25.21 30.47 -8.17
CA LYS A 113 25.54 29.79 -9.41
C LYS A 113 26.01 30.78 -10.47
N LEU A 114 25.51 32.01 -10.39
CA LEU A 114 25.89 33.06 -11.34
C LEU A 114 27.28 33.60 -11.01
N LYS A 115 27.45 34.09 -9.80
CA LYS A 115 28.74 34.64 -9.37
C LYS A 115 29.86 33.64 -9.58
N SER A 116 29.51 32.35 -9.56
CA SER A 116 30.50 31.29 -9.74
C SER A 116 31.22 31.45 -11.08
N GLU A 117 30.53 32.06 -12.04
CA GLU A 117 31.11 32.28 -13.36
C GLU A 117 31.70 33.67 -13.48
N GLY A 118 31.18 34.60 -12.68
CA GLY A 118 31.68 35.97 -12.71
C GLY A 118 30.57 36.98 -12.92
N VAL A 119 29.39 36.68 -12.39
CA VAL A 119 28.24 37.57 -12.52
C VAL A 119 27.94 38.28 -11.21
N ASN A 120 28.09 39.60 -11.20
CA ASN A 120 27.83 40.39 -10.00
C ASN A 120 26.32 40.55 -9.78
N VAL A 121 25.81 39.89 -8.74
CA VAL A 121 24.40 39.96 -8.41
C VAL A 121 24.20 40.31 -6.94
N GLN A 122 22.98 40.72 -6.60
CA GLN A 122 22.65 41.09 -5.22
C GLN A 122 21.31 40.50 -4.81
N ILE A 123 21.25 39.94 -3.61
CA ILE A 123 20.02 39.35 -3.10
C ILE A 123 19.11 40.42 -2.50
N GLU A 124 18.14 40.87 -3.29
CA GLU A 124 17.20 41.89 -2.84
C GLU A 124 15.91 41.26 -2.33
N LEU A 125 15.33 41.84 -1.30
CA LEU A 125 14.09 41.33 -0.73
C LEU A 125 13.00 42.40 -0.76
N SER A 126 11.74 41.95 -0.69
CA SER A 126 10.61 42.86 -0.72
C SER A 126 9.80 42.76 0.57
N GLY A 127 10.49 42.74 1.70
CA GLY A 127 9.82 42.66 2.99
C GLY A 127 10.79 42.44 4.13
N ALA A 128 11.85 41.69 3.87
CA ALA A 128 12.86 41.40 4.89
C ALA A 128 13.39 42.70 5.50
N GLU A 129 13.53 43.72 4.66
CA GLU A 129 14.04 45.01 5.12
C GLU A 129 12.90 45.91 5.59
N GLN A 130 13.26 46.99 6.28
CA GLN A 130 12.26 47.93 6.78
C GLN A 130 11.97 49.02 5.75
N GLN A 131 10.94 49.82 6.01
CA GLN A 131 10.56 50.90 5.10
C GLN A 131 9.82 52.00 5.85
N PRO A 132 9.77 53.19 5.25
CA PRO A 132 9.10 54.36 5.84
C PRO A 132 7.58 54.20 5.85
N LYS A 133 6.88 55.27 6.21
CA LYS A 133 5.43 55.25 6.27
C LYS A 133 4.83 54.77 4.95
N GLN A 4 -48.67 -134.78 -3.98
CA GLN A 4 -47.97 -133.95 -3.00
C GLN A 4 -48.38 -132.49 -3.15
N GLU A 5 -49.64 -132.19 -2.88
CA GLU A 5 -50.15 -130.83 -2.99
C GLU A 5 -49.65 -129.96 -1.84
N SER A 6 -49.23 -128.74 -2.15
CA SER A 6 -48.72 -127.82 -1.14
C SER A 6 -48.79 -126.38 -1.64
N VAL A 7 -49.09 -125.46 -0.73
CA VAL A 7 -49.18 -124.04 -1.07
C VAL A 7 -47.93 -123.29 -0.65
N THR A 8 -47.28 -123.79 0.39
CA THR A 8 -46.06 -123.16 0.90
C THR A 8 -46.30 -121.70 1.28
N MET A 9 -47.42 -121.45 1.95
CA MET A 9 -47.77 -120.11 2.38
C MET A 9 -46.63 -119.47 3.14
N ASP A 10 -46.26 -118.25 2.75
CA ASP A 10 -45.18 -117.52 3.40
C ASP A 10 -45.08 -116.09 2.88
N GLY A 11 -44.46 -115.22 3.66
CA GLY A 11 -44.33 -113.83 3.27
C GLY A 11 -44.64 -112.87 4.40
N LYS A 12 -43.74 -111.93 4.64
CA LYS A 12 -43.92 -110.94 5.70
C LYS A 12 -44.31 -109.58 5.11
N GLN A 13 -44.66 -108.65 5.98
CA GLN A 13 -45.06 -107.31 5.56
C GLN A 13 -44.69 -106.28 6.62
N TYR A 14 -44.56 -105.02 6.20
CA TYR A 14 -44.22 -103.94 7.11
C TYR A 14 -44.81 -102.62 6.62
N SER A 15 -44.84 -101.63 7.52
CA SER A 15 -45.39 -100.32 7.19
C SER A 15 -44.93 -99.27 8.20
N THR A 16 -45.01 -98.01 7.82
CA THR A 16 -44.61 -96.91 8.68
C THR A 16 -45.73 -96.51 9.63
N ILE A 17 -45.37 -96.02 10.81
CA ILE A 17 -46.35 -95.61 11.80
C ILE A 17 -45.94 -94.30 12.47
N GLU A 18 -46.88 -93.69 13.18
CA GLU A 18 -46.61 -92.43 13.88
C GLU A 18 -46.57 -92.64 15.39
N VAL A 19 -45.64 -91.95 16.05
CA VAL A 19 -45.50 -92.06 17.49
C VAL A 19 -46.41 -91.08 18.21
N ASN A 20 -47.42 -91.61 18.91
CA ASN A 20 -48.37 -90.77 19.63
C ASN A 20 -49.06 -89.79 18.70
N GLY A 21 -49.15 -90.15 17.42
CA GLY A 21 -49.79 -89.29 16.45
C GLY A 21 -49.07 -87.96 16.29
N GLN A 22 -47.76 -87.96 16.56
CA GLN A 22 -46.96 -86.75 16.45
C GLN A 22 -45.84 -86.93 15.43
N THR A 23 -45.63 -85.92 14.60
CA THR A 23 -44.59 -85.97 13.59
C THR A 23 -43.56 -84.86 13.79
N TYR A 24 -42.38 -85.06 13.23
CA TYR A 24 -41.30 -84.08 13.37
C TYR A 24 -41.31 -83.11 12.20
N LEU A 25 -41.01 -81.84 12.48
CA LEU A 25 -40.98 -80.81 11.44
C LEU A 25 -39.63 -80.11 11.42
N ILE A 26 -39.32 -79.49 10.29
CA ILE A 26 -38.06 -78.78 10.14
C ILE A 26 -38.29 -77.33 9.69
N PRO A 27 -38.62 -76.47 10.66
CA PRO A 27 -38.87 -75.05 10.41
C PRO A 27 -37.60 -74.29 10.04
N ASP A 28 -37.70 -73.42 9.05
CA ASP A 28 -36.56 -72.62 8.60
C ASP A 28 -37.01 -71.27 8.09
N ASN A 29 -36.70 -70.22 8.84
CA ASN A 29 -37.07 -68.86 8.46
C ASN A 29 -36.44 -67.84 9.41
N GLY A 30 -36.17 -66.64 8.89
CA GLY A 30 -35.57 -65.60 9.70
C GLY A 30 -34.39 -64.95 9.04
N SER A 31 -34.65 -63.93 8.22
CA SER A 31 -33.58 -63.23 7.51
C SER A 31 -34.04 -61.82 7.11
N LYS A 32 -33.48 -60.82 7.78
CA LYS A 32 -33.83 -59.43 7.50
C LYS A 32 -32.88 -58.48 8.23
N LYS A 33 -32.63 -57.33 7.61
CA LYS A 33 -31.74 -56.33 8.21
C LYS A 33 -31.74 -55.05 7.38
N ARG A 34 -32.42 -54.03 7.88
CA ARG A 34 -32.50 -52.74 7.20
C ARG A 34 -31.44 -51.78 7.70
N VAL A 35 -30.63 -51.26 6.78
CA VAL A 35 -29.57 -50.33 7.14
C VAL A 35 -29.28 -49.36 6.00
N ALA A 36 -29.26 -48.07 6.31
CA ALA A 36 -28.99 -47.04 5.31
C ALA A 36 -28.74 -45.69 5.97
N ARG A 37 -27.54 -45.15 5.75
CA ARG A 37 -27.17 -43.86 6.33
C ARG A 37 -25.76 -43.45 5.89
N SER A 38 -25.68 -42.37 5.12
CA SER A 38 -24.40 -41.88 4.63
C SER A 38 -24.58 -40.59 3.85
N LEU A 39 -24.31 -39.46 4.50
CA LEU A 39 -24.44 -38.16 3.86
C LEU A 39 -23.77 -37.07 4.70
N ASP A 40 -23.10 -36.14 4.03
CA ASP A 40 -22.43 -35.04 4.72
C ASP A 40 -21.88 -34.03 3.71
N SER A 41 -22.03 -32.75 4.02
CA SER A 41 -21.56 -31.69 3.14
C SER A 41 -21.70 -30.32 3.82
N LYS A 42 -20.57 -29.66 4.05
CA LYS A 42 -20.58 -28.34 4.68
C LYS A 42 -19.17 -27.76 4.72
N VAL A 43 -19.05 -26.47 4.44
CA VAL A 43 -17.77 -25.78 4.45
C VAL A 43 -17.91 -24.34 4.91
N PRO A 44 -18.17 -24.15 6.21
CA PRO A 44 -18.33 -22.83 6.80
C PRO A 44 -17.01 -22.05 6.84
N GLN A 45 -16.75 -21.28 5.79
CA GLN A 45 -15.54 -20.49 5.71
C GLN A 45 -15.55 -19.59 4.48
N GLN A 46 -15.11 -18.34 4.65
CA GLN A 46 -15.08 -17.39 3.55
C GLN A 46 -14.39 -16.09 3.98
N THR A 47 -13.35 -15.71 3.25
CA THR A 47 -12.61 -14.49 3.56
C THR A 47 -11.51 -14.25 2.53
N LEU A 48 -11.54 -13.07 1.91
CA LEU A 48 -10.55 -12.72 0.90
C LEU A 48 -10.71 -11.27 0.46
N ARG A 49 -9.60 -10.54 0.44
CA ARG A 49 -9.63 -9.13 0.04
C ARG A 49 -8.21 -8.58 -0.07
N ARG A 50 -7.98 -7.74 -1.08
CA ARG A 50 -6.68 -7.14 -1.29
C ARG A 50 -6.78 -5.90 -2.17
N GLY A 51 -5.70 -5.13 -2.24
CA GLY A 51 -5.69 -3.92 -3.05
C GLY A 51 -5.90 -2.67 -2.23
N ASP A 52 -4.87 -1.83 -2.15
CA ASP A 52 -4.95 -0.59 -1.39
C ASP A 52 -3.72 0.28 -1.65
N VAL A 53 -3.97 1.48 -2.15
CA VAL A 53 -2.89 2.42 -2.45
C VAL A 53 -3.22 3.82 -1.94
N LEU A 54 -2.20 4.52 -1.45
CA LEU A 54 -2.38 5.88 -0.93
C LEU A 54 -1.04 6.50 -0.57
N MET A 55 -0.83 7.75 -0.98
CA MET A 55 0.40 8.46 -0.69
C MET A 55 0.33 9.91 -1.16
N GLN A 56 0.25 10.83 -0.21
CA GLN A 56 0.17 12.25 -0.53
C GLN A 56 0.90 13.09 0.52
N GLY A 57 1.32 14.28 0.13
CA GLY A 57 2.03 15.16 1.04
C GLY A 57 3.52 15.19 0.79
N ALA A 58 4.01 16.30 0.23
CA ALA A 58 5.43 16.44 -0.07
C ALA A 58 5.74 17.87 -0.51
N ALA A 59 6.43 18.60 0.34
CA ALA A 59 6.81 19.98 0.04
C ALA A 59 8.05 20.40 0.83
N SER A 60 8.71 21.45 0.35
CA SER A 60 9.92 21.95 1.00
C SER A 60 10.47 23.16 0.26
N PRO A 61 9.74 24.29 0.34
CA PRO A 61 10.14 25.54 -0.31
C PRO A 61 11.37 26.17 0.35
N GLU A 62 12.15 26.89 -0.45
CA GLU A 62 13.36 27.54 0.06
C GLU A 62 13.95 28.48 -0.99
N LEU A 63 14.71 29.47 -0.53
CA LEU A 63 15.33 30.44 -1.42
C LEU A 63 16.83 30.54 -1.17
N THR A 64 17.62 30.35 -2.22
CA THR A 64 19.07 30.42 -2.11
C THR A 64 19.68 31.17 -3.29
N VAL A 65 20.20 32.36 -3.02
CA VAL A 65 20.81 33.18 -4.06
C VAL A 65 21.68 34.28 -3.45
N SER A 66 22.78 34.59 -4.11
CA SER A 66 23.69 35.64 -3.64
C SER A 66 24.49 36.23 -4.80
N GLY A 67 24.47 37.56 -4.90
CA GLY A 67 25.19 38.23 -5.97
C GLY A 67 25.44 39.69 -5.65
N THR A 68 24.60 40.57 -6.18
CA THR A 68 24.75 42.00 -5.96
C THR A 68 23.44 42.73 -6.21
N LEU A 69 23.31 43.93 -5.64
CA LEU A 69 22.11 44.73 -5.81
C LEU A 69 22.46 46.21 -5.94
N LEU A 70 22.19 46.77 -7.12
CA LEU A 70 22.47 48.18 -7.36
C LEU A 70 21.35 49.07 -6.83
N VAL A 71 21.65 49.82 -5.78
CA VAL A 71 20.67 50.72 -5.19
C VAL A 71 20.98 52.17 -5.50
N GLU A 72 19.98 52.90 -6.00
CA GLU A 72 20.15 54.30 -6.35
C GLU A 72 20.14 55.17 -5.10
N ALA A 73 21.32 55.38 -4.51
CA ALA A 73 21.45 56.20 -3.31
C ALA A 73 22.91 56.47 -2.99
N ASP A 74 23.14 57.35 -2.02
CA ASP A 74 24.50 57.70 -1.61
C ASP A 74 25.07 56.63 -0.67
N ASP A 75 26.29 56.86 -0.21
CA ASP A 75 26.95 55.93 0.71
C ASP A 75 26.16 55.78 2.00
N ALA A 76 25.67 56.91 2.51
CA ALA A 76 24.89 56.90 3.74
C ALA A 76 23.70 55.95 3.65
N SER A 77 23.08 55.90 2.47
CA SER A 77 21.94 55.04 2.25
C SER A 77 22.37 53.59 2.06
N ALA A 78 23.48 53.41 1.35
CA ALA A 78 24.01 52.07 1.09
C ALA A 78 24.14 51.28 2.39
N LYS A 79 24.99 51.76 3.29
CA LYS A 79 25.21 51.10 4.57
C LYS A 79 23.89 50.84 5.28
N ALA A 80 22.94 51.75 5.10
CA ALA A 80 21.62 51.62 5.73
C ALA A 80 20.92 50.35 5.28
N LEU A 81 21.06 50.03 3.99
CA LEU A 81 20.43 48.84 3.43
C LEU A 81 21.28 47.60 3.72
N ALA A 82 22.59 47.78 3.78
CA ALA A 82 23.50 46.68 4.05
C ALA A 82 23.32 46.16 5.47
N THR A 83 22.93 47.03 6.38
CA THR A 83 22.71 46.65 7.78
C THR A 83 21.30 46.11 7.99
N ARG A 84 20.35 46.68 7.27
CA ARG A 84 18.95 46.26 7.38
C ARG A 84 18.72 44.97 6.62
N HIS A 85 18.96 45.00 5.30
CA HIS A 85 18.76 43.83 4.46
C HIS A 85 19.89 42.82 4.67
N GLY A 86 21.02 43.30 5.17
CA GLY A 86 22.16 42.43 5.41
C GLY A 86 23.15 42.43 4.25
N LEU A 87 23.07 43.46 3.41
CA LEU A 87 23.95 43.58 2.26
C LEU A 87 25.31 44.15 2.67
N ASN A 88 26.12 44.50 1.68
CA ASN A 88 27.44 45.07 1.94
C ASN A 88 27.81 46.09 0.87
N PHE A 89 27.82 47.36 1.27
CA PHE A 89 28.15 48.44 0.34
C PHE A 89 29.63 48.39 -0.02
N LYS A 90 29.90 48.22 -1.32
CA LYS A 90 31.27 48.16 -1.80
C LYS A 90 31.66 49.45 -2.52
N GLN A 91 30.93 49.78 -3.58
CA GLN A 91 31.19 50.99 -4.35
C GLN A 91 29.94 51.45 -5.09
N SER A 92 30.07 52.53 -5.84
CA SER A 92 28.95 53.08 -6.59
C SER A 92 29.42 53.68 -7.91
N SER A 93 28.52 53.75 -8.89
CA SER A 93 28.84 54.30 -10.20
C SER A 93 28.33 55.73 -10.32
N GLY A 94 28.43 56.49 -9.24
CA GLY A 94 27.98 57.87 -9.24
C GLY A 94 26.46 57.98 -9.35
N GLY A 95 25.77 56.87 -9.11
CA GLY A 95 24.33 56.87 -9.18
C GLY A 95 23.71 55.64 -8.52
N ILE A 96 24.36 54.49 -8.69
CA ILE A 96 23.87 53.25 -8.11
C ILE A 96 24.98 52.52 -7.35
N ALA A 97 24.72 52.24 -6.08
CA ALA A 97 25.69 51.54 -5.25
C ALA A 97 25.49 50.03 -5.31
N LEU A 98 26.51 49.32 -5.77
CA LEU A 98 26.45 47.86 -5.88
C LEU A 98 26.75 47.21 -4.55
N LEU A 99 25.69 46.84 -3.82
CA LEU A 99 25.84 46.19 -2.53
C LEU A 99 25.89 44.67 -2.68
N GLU A 100 26.53 44.00 -1.72
CA GLU A 100 26.64 42.55 -1.74
C GLU A 100 25.69 41.91 -0.74
N ALA A 101 24.67 41.22 -1.25
CA ALA A 101 23.69 40.56 -0.39
C ALA A 101 24.23 39.24 0.15
N LYS A 102 23.98 38.99 1.43
CA LYS A 102 24.43 37.76 2.08
C LYS A 102 23.86 36.53 1.38
N PRO A 103 24.51 35.38 1.59
CA PRO A 103 24.09 34.11 0.99
C PRO A 103 22.78 33.60 1.59
N GLY A 104 21.75 33.50 0.76
CA GLY A 104 20.45 33.03 1.22
C GLY A 104 19.38 34.10 1.15
N THR A 105 19.80 35.35 1.00
CA THR A 105 18.87 36.47 0.92
C THR A 105 18.29 36.61 -0.48
N ASP A 106 17.09 37.15 -0.57
CA ASP A 106 16.42 37.34 -1.85
C ASP A 106 16.71 38.72 -2.42
N LEU A 107 17.98 38.93 -2.80
CA LEU A 107 18.40 40.21 -3.37
C LEU A 107 17.49 40.62 -4.52
N ASN A 108 16.93 39.63 -5.21
CA ASN A 108 16.03 39.89 -6.33
C ASN A 108 14.69 40.42 -5.85
N ALA A 109 14.23 39.92 -4.71
CA ALA A 109 12.97 40.35 -4.15
C ALA A 109 13.12 41.66 -3.38
N ILE A 110 14.24 41.81 -2.69
CA ILE A 110 14.50 43.02 -1.92
C ILE A 110 14.32 44.27 -2.77
N ALA A 111 14.88 44.24 -3.97
CA ALA A 111 14.77 45.38 -4.89
C ALA A 111 13.30 45.74 -5.14
N THR A 112 12.46 44.72 -5.27
CA THR A 112 11.04 44.93 -5.50
C THR A 112 10.41 45.77 -4.40
N LYS A 113 11.02 45.75 -3.22
CA LYS A 113 10.52 46.50 -2.08
C LYS A 113 10.96 47.97 -2.18
N LEU A 114 12.09 48.20 -2.82
CA LEU A 114 12.61 49.55 -2.99
C LEU A 114 11.94 50.27 -4.16
N LYS A 115 11.90 49.59 -5.31
CA LYS A 115 11.29 50.16 -6.50
C LYS A 115 9.86 50.60 -6.22
N SER A 116 9.21 49.94 -5.25
CA SER A 116 7.84 50.26 -4.88
C SER A 116 7.75 51.69 -4.34
N GLU A 117 8.85 52.19 -3.78
CA GLU A 117 8.89 53.53 -3.24
C GLU A 117 9.13 54.57 -4.33
N GLY A 118 9.76 54.11 -5.42
CA GLY A 118 10.04 55.02 -6.53
C GLY A 118 11.52 55.11 -6.83
N VAL A 119 12.28 54.10 -6.39
CA VAL A 119 13.71 54.08 -6.61
C VAL A 119 14.07 53.16 -7.78
N ASN A 120 15.20 53.43 -8.43
CA ASN A 120 15.66 52.63 -9.55
C ASN A 120 16.83 51.75 -9.15
N VAL A 121 16.59 50.44 -9.07
CA VAL A 121 17.64 49.49 -8.70
C VAL A 121 17.79 48.41 -9.76
N GLN A 122 18.90 47.68 -9.70
CA GLN A 122 19.17 46.62 -10.66
C GLN A 122 19.77 45.40 -9.96
N ILE A 123 19.28 44.22 -10.32
CA ILE A 123 19.78 42.98 -9.73
C ILE A 123 20.98 42.44 -10.50
N GLU A 124 22.16 42.57 -9.91
CA GLU A 124 23.39 42.10 -10.54
C GLU A 124 23.80 40.74 -9.98
N LEU A 125 24.73 40.08 -10.65
CA LEU A 125 25.21 38.77 -10.22
C LEU A 125 26.70 38.82 -9.92
N SER A 126 27.16 37.91 -9.06
CA SER A 126 28.57 37.84 -8.69
C SER A 126 29.21 36.57 -9.22
N GLY A 127 28.88 36.21 -10.45
CA GLY A 127 29.43 35.02 -11.05
C GLY A 127 29.29 35.00 -12.56
N ALA A 128 28.16 35.50 -13.05
CA ALA A 128 27.91 35.54 -14.48
C ALA A 128 28.34 36.87 -15.07
N GLU A 129 29.54 37.31 -14.71
CA GLU A 129 30.08 38.57 -15.21
C GLU A 129 31.51 38.40 -15.72
N GLN A 130 31.82 39.05 -16.83
CA GLN A 130 33.14 38.97 -17.42
C GLN A 130 33.94 40.25 -17.18
N GLN A 131 35.20 40.10 -16.81
CA GLN A 131 36.07 41.25 -16.54
C GLN A 131 37.31 41.21 -17.41
N PRO A 132 37.14 41.50 -18.71
CA PRO A 132 38.24 41.49 -19.68
C PRO A 132 39.21 42.65 -19.45
N LYS A 133 40.23 42.74 -20.31
CA LYS A 133 41.22 43.80 -20.20
C LYS A 133 41.81 43.86 -18.80
N GLN A 4 -69.13 -122.19 -1.89
CA GLN A 4 -68.35 -121.92 -0.69
C GLN A 4 -67.02 -121.27 -1.05
N GLU A 5 -67.02 -120.45 -2.09
CA GLU A 5 -65.82 -119.77 -2.54
C GLU A 5 -65.96 -118.25 -2.39
N SER A 6 -66.50 -117.83 -1.25
CA SER A 6 -66.70 -116.41 -0.99
C SER A 6 -66.23 -116.05 0.42
N VAL A 7 -65.31 -115.10 0.51
CA VAL A 7 -64.77 -114.66 1.79
C VAL A 7 -65.16 -113.21 2.08
N THR A 8 -65.39 -112.45 1.03
CA THR A 8 -65.77 -111.04 1.17
C THR A 8 -64.65 -110.24 1.82
N MET A 9 -63.42 -110.45 1.35
CA MET A 9 -62.27 -109.74 1.89
C MET A 9 -61.33 -109.30 0.77
N ASP A 10 -60.57 -108.24 1.03
CA ASP A 10 -59.62 -107.72 0.05
C ASP A 10 -58.25 -107.50 0.67
N GLY A 11 -58.22 -106.77 1.78
CA GLY A 11 -56.96 -106.50 2.46
C GLY A 11 -56.09 -105.53 1.69
N LYS A 12 -56.25 -104.24 1.96
CA LYS A 12 -55.47 -103.22 1.27
C LYS A 12 -55.47 -101.91 2.07
N GLN A 13 -54.31 -101.27 2.14
CA GLN A 13 -54.19 -100.01 2.88
C GLN A 13 -52.96 -99.23 2.40
N TYR A 14 -53.17 -97.95 2.09
CA TYR A 14 -52.09 -97.10 1.62
C TYR A 14 -52.26 -95.67 2.14
N SER A 15 -51.15 -95.07 2.55
CA SER A 15 -51.18 -93.69 3.07
C SER A 15 -49.77 -93.14 3.23
N THR A 16 -49.65 -91.83 3.27
CA THR A 16 -48.36 -91.17 3.41
C THR A 16 -48.38 -90.17 4.56
N ILE A 17 -47.34 -90.22 5.39
CA ILE A 17 -47.23 -89.31 6.53
C ILE A 17 -45.91 -89.51 7.27
N GLU A 18 -45.27 -88.40 7.63
CA GLU A 18 -43.99 -88.44 8.33
C GLU A 18 -44.20 -88.79 9.81
N VAL A 19 -43.99 -90.06 10.15
CA VAL A 19 -44.15 -90.51 11.53
C VAL A 19 -43.54 -91.89 11.72
N ASN A 20 -43.23 -92.23 12.97
CA ASN A 20 -42.64 -93.53 13.30
C ASN A 20 -41.25 -93.65 12.68
N GLY A 21 -40.34 -92.76 13.10
CA GLY A 21 -38.99 -92.79 12.58
C GLY A 21 -38.77 -91.79 11.46
N GLN A 22 -39.53 -90.70 11.49
CA GLN A 22 -39.43 -89.67 10.46
C GLN A 22 -38.30 -88.69 10.79
N THR A 23 -37.61 -88.22 9.76
CA THR A 23 -36.51 -87.28 9.95
C THR A 23 -36.72 -86.01 9.12
N TYR A 24 -36.20 -84.89 9.62
CA TYR A 24 -36.34 -83.62 8.93
C TYR A 24 -35.51 -82.54 9.61
N LEU A 25 -34.71 -81.83 8.83
CA LEU A 25 -33.86 -80.77 9.36
C LEU A 25 -34.08 -79.46 8.60
N ILE A 26 -34.01 -78.34 9.31
CA ILE A 26 -34.20 -77.04 8.71
C ILE A 26 -33.07 -76.09 9.08
N PRO A 27 -31.93 -76.22 8.39
CA PRO A 27 -30.75 -75.38 8.62
C PRO A 27 -30.96 -73.94 8.17
N ASP A 28 -30.64 -73.00 9.05
CA ASP A 28 -30.79 -71.58 8.74
C ASP A 28 -29.68 -70.76 9.40
N ASN A 29 -28.71 -70.33 8.59
CA ASN A 29 -27.60 -69.55 9.08
C ASN A 29 -26.87 -68.86 7.94
N GLY A 30 -25.82 -68.11 8.27
CA GLY A 30 -25.06 -67.40 7.26
C GLY A 30 -25.54 -65.98 7.05
N SER A 31 -24.98 -65.05 7.84
CA SER A 31 -25.37 -63.65 7.74
C SER A 31 -24.46 -62.78 8.62
N LYS A 32 -23.54 -62.07 7.98
CA LYS A 32 -22.61 -61.20 8.70
C LYS A 32 -21.79 -60.37 7.72
N LYS A 33 -22.09 -59.08 7.65
CA LYS A 33 -21.37 -58.17 6.77
C LYS A 33 -21.83 -56.73 6.97
N ARG A 34 -20.97 -55.92 7.58
CA ARG A 34 -21.29 -54.53 7.84
C ARG A 34 -20.07 -53.77 8.36
N VAL A 35 -19.49 -52.93 7.51
CA VAL A 35 -18.31 -52.16 7.89
C VAL A 35 -18.22 -50.87 7.09
N ALA A 36 -18.23 -49.73 7.79
CA ALA A 36 -18.15 -48.43 7.14
C ALA A 36 -18.15 -47.31 8.17
N ARG A 37 -16.98 -46.71 8.38
CA ARG A 37 -16.83 -45.62 9.34
C ARG A 37 -15.46 -44.97 9.22
N SER A 38 -15.44 -43.76 8.68
CA SER A 38 -14.19 -43.02 8.51
C SER A 38 -14.45 -41.62 7.97
N LEU A 39 -14.34 -40.63 8.84
CA LEU A 39 -14.57 -39.24 8.46
C LEU A 39 -14.20 -38.30 9.60
N ASP A 40 -13.10 -37.58 9.44
CA ASP A 40 -12.64 -36.64 10.45
C ASP A 40 -11.42 -35.85 9.96
N SER A 41 -11.65 -34.59 9.61
CA SER A 41 -10.58 -33.74 9.11
C SER A 41 -11.07 -32.29 8.93
N LYS A 42 -10.67 -31.42 9.85
CA LYS A 42 -11.07 -30.02 9.79
C LYS A 42 -10.36 -29.20 10.87
N VAL A 43 -10.08 -27.94 10.56
CA VAL A 43 -9.41 -27.06 11.51
C VAL A 43 -9.29 -25.65 10.95
N PRO A 44 -10.40 -24.89 11.00
CA PRO A 44 -10.44 -23.51 10.50
C PRO A 44 -9.63 -22.56 11.38
N GLN A 45 -8.32 -22.55 11.18
CA GLN A 45 -7.43 -21.68 11.95
C GLN A 45 -5.99 -21.78 11.44
N GLN A 46 -5.43 -20.64 11.06
CA GLN A 46 -4.07 -20.59 10.56
C GLN A 46 -3.60 -19.15 10.38
N THR A 47 -2.68 -18.73 11.25
CA THR A 47 -2.14 -17.37 11.20
C THR A 47 -1.02 -17.18 12.21
N LEU A 48 0.04 -16.52 11.78
CA LEU A 48 1.19 -16.27 12.64
C LEU A 48 2.20 -15.36 11.96
N ARG A 49 2.31 -14.13 12.45
CA ARG A 49 3.23 -13.16 11.88
C ARG A 49 3.26 -11.88 12.71
N ARG A 50 4.42 -11.23 12.76
CA ARG A 50 4.57 -9.99 13.52
C ARG A 50 5.79 -9.21 13.04
N GLY A 51 5.84 -7.93 13.40
CA GLY A 51 6.96 -7.10 13.00
C GLY A 51 6.66 -6.25 11.78
N ASP A 52 6.75 -4.94 11.93
CA ASP A 52 6.47 -4.02 10.84
C ASP A 52 7.05 -2.64 11.13
N VAL A 53 8.08 -2.26 10.39
CA VAL A 53 8.72 -0.97 10.56
C VAL A 53 9.19 -0.39 9.23
N LEU A 54 9.09 0.92 9.09
CA LEU A 54 9.51 1.59 7.86
C LEU A 54 9.46 3.10 8.01
N MET A 55 10.64 3.73 8.07
CA MET A 55 10.72 5.18 8.21
C MET A 55 12.16 5.65 8.08
N GLN A 56 12.47 6.29 6.96
CA GLN A 56 13.82 6.79 6.71
C GLN A 56 13.77 8.05 5.84
N GLY A 57 14.69 8.97 6.11
CA GLY A 57 14.75 10.21 5.36
C GLY A 57 13.61 11.15 5.70
N ALA A 58 13.93 12.42 5.90
CA ALA A 58 12.93 13.43 6.24
C ALA A 58 12.73 14.40 5.09
N ALA A 59 11.74 15.29 5.24
CA ALA A 59 11.44 16.28 4.22
C ALA A 59 10.83 17.53 4.83
N SER A 60 11.32 18.70 4.40
CA SER A 60 10.82 19.97 4.92
C SER A 60 11.41 21.14 4.14
N PRO A 61 11.02 21.27 2.86
CA PRO A 61 11.51 22.33 1.98
C PRO A 61 10.97 23.70 2.39
N GLU A 62 11.67 24.75 1.99
CA GLU A 62 11.26 26.11 2.31
C GLU A 62 12.11 27.13 1.56
N LEU A 63 11.68 28.38 1.57
CA LEU A 63 12.40 29.46 0.89
C LEU A 63 11.75 30.81 1.16
N THR A 64 12.57 31.78 1.56
CA THR A 64 12.07 33.12 1.84
C THR A 64 13.22 34.13 1.90
N VAL A 65 13.34 34.92 0.83
CA VAL A 65 14.39 35.93 0.76
C VAL A 65 13.89 37.20 0.06
N SER A 66 14.22 38.34 0.63
CA SER A 66 13.80 39.63 0.07
C SER A 66 14.52 40.79 0.76
N GLY A 67 15.12 41.66 -0.06
CA GLY A 67 15.84 42.80 0.49
C GLY A 67 16.21 43.82 -0.58
N THR A 68 17.44 43.73 -1.07
CA THR A 68 17.92 44.65 -2.10
C THR A 68 19.10 44.05 -2.86
N LEU A 69 19.44 44.68 -3.98
CA LEU A 69 20.56 44.22 -4.80
C LEU A 69 21.18 45.37 -5.59
N LEU A 70 22.46 45.63 -5.34
CA LEU A 70 23.16 46.70 -6.02
C LEU A 70 23.78 46.20 -7.33
N VAL A 71 23.17 46.58 -8.45
CA VAL A 71 23.66 46.17 -9.75
C VAL A 71 24.45 47.29 -10.43
N GLU A 72 25.62 46.95 -10.96
CA GLU A 72 26.46 47.94 -11.62
C GLU A 72 25.98 48.20 -13.04
N ALA A 73 25.03 49.14 -13.17
CA ALA A 73 24.48 49.48 -14.47
C ALA A 73 23.66 50.78 -14.39
N ASP A 74 23.32 51.33 -15.55
CA ASP A 74 22.53 52.55 -15.60
C ASP A 74 21.05 52.25 -15.42
N ASP A 75 20.23 53.30 -15.46
CA ASP A 75 18.79 53.16 -15.30
C ASP A 75 18.22 52.22 -16.37
N ALA A 76 18.65 52.40 -17.61
CA ALA A 76 18.18 51.58 -18.71
C ALA A 76 18.34 50.09 -18.39
N SER A 77 19.41 49.76 -17.68
CA SER A 77 19.68 48.37 -17.31
C SER A 77 18.92 47.99 -16.04
N ALA A 78 18.78 48.96 -15.14
CA ALA A 78 18.09 48.73 -13.88
C ALA A 78 16.66 48.23 -14.12
N LYS A 79 15.86 49.05 -14.78
CA LYS A 79 14.48 48.69 -15.08
C LYS A 79 14.41 47.37 -15.84
N ALA A 80 15.43 47.10 -16.64
CA ALA A 80 15.50 45.87 -17.42
C ALA A 80 15.59 44.65 -16.51
N LEU A 81 16.31 44.80 -15.41
CA LEU A 81 16.48 43.71 -14.45
C LEU A 81 15.29 43.63 -13.49
N ALA A 82 14.70 44.78 -13.19
CA ALA A 82 13.56 44.84 -12.30
C ALA A 82 12.34 44.17 -12.92
N THR A 83 12.24 44.23 -14.24
CA THR A 83 11.13 43.62 -14.96
C THR A 83 11.40 42.16 -15.25
N ARG A 84 12.65 41.83 -15.50
CA ARG A 84 13.05 40.45 -15.80
C ARG A 84 13.12 39.62 -14.52
N HIS A 85 13.98 40.04 -13.60
CA HIS A 85 14.15 39.33 -12.33
C HIS A 85 12.97 39.61 -11.40
N GLY A 86 12.28 40.70 -11.65
CA GLY A 86 11.14 41.07 -10.82
C GLY A 86 11.52 42.04 -9.71
N LEU A 87 12.67 42.68 -9.86
CA LEU A 87 13.14 43.64 -8.87
C LEU A 87 12.48 45.01 -9.07
N ASN A 88 12.98 46.01 -8.36
CA ASN A 88 12.44 47.36 -8.46
C ASN A 88 13.55 48.41 -8.36
N PHE A 89 13.82 49.08 -9.47
CA PHE A 89 14.87 50.09 -9.50
C PHE A 89 14.42 51.36 -8.77
N LYS A 90 15.12 51.68 -7.68
CA LYS A 90 14.80 52.85 -6.88
C LYS A 90 15.73 54.01 -7.21
N GLN A 91 17.02 53.83 -6.93
CA GLN A 91 18.01 54.86 -7.20
C GLN A 91 19.39 54.26 -7.37
N SER A 92 20.38 55.11 -7.63
CA SER A 92 21.75 54.65 -7.81
C SER A 92 22.68 55.29 -6.77
N SER A 93 23.74 54.56 -6.42
CA SER A 93 24.70 55.06 -5.43
C SER A 93 25.98 55.53 -6.12
N GLY A 94 25.86 55.94 -7.38
CA GLY A 94 27.01 56.41 -8.12
C GLY A 94 27.42 55.44 -9.22
N GLY A 95 27.48 54.16 -8.89
CA GLY A 95 27.87 53.16 -9.87
C GLY A 95 27.15 51.84 -9.65
N ILE A 96 26.11 51.86 -8.84
CA ILE A 96 25.34 50.66 -8.56
C ILE A 96 23.91 50.99 -8.17
N ALA A 97 22.95 50.46 -8.91
CA ALA A 97 21.54 50.69 -8.64
C ALA A 97 20.99 49.69 -7.63
N LEU A 98 20.51 50.19 -6.51
CA LEU A 98 19.95 49.32 -5.46
C LEU A 98 18.51 48.95 -5.78
N LEU A 99 18.34 47.83 -6.47
CA LEU A 99 17.01 47.35 -6.83
C LEU A 99 16.38 46.57 -5.69
N GLU A 100 15.05 46.59 -5.62
CA GLU A 100 14.32 45.88 -4.57
C GLU A 100 13.69 44.61 -5.12
N ALA A 101 14.19 43.46 -4.67
CA ALA A 101 13.66 42.18 -5.11
C ALA A 101 12.35 41.85 -4.42
N LYS A 102 11.40 41.29 -5.17
CA LYS A 102 10.10 40.93 -4.63
C LYS A 102 10.25 39.91 -3.51
N PRO A 103 9.22 39.82 -2.65
CA PRO A 103 9.20 38.88 -1.53
C PRO A 103 9.09 37.43 -1.97
N GLY A 104 10.12 36.64 -1.66
CA GLY A 104 10.13 35.24 -2.05
C GLY A 104 11.18 34.92 -3.08
N THR A 105 11.72 35.96 -3.71
CA THR A 105 12.75 35.79 -4.73
C THR A 105 14.14 35.71 -4.12
N ASP A 106 14.97 34.82 -4.65
CA ASP A 106 16.32 34.65 -4.15
C ASP A 106 17.27 35.66 -4.79
N LEU A 107 17.20 36.90 -4.33
CA LEU A 107 18.05 37.96 -4.87
C LEU A 107 19.52 37.56 -4.81
N ASN A 108 19.87 36.77 -3.80
CA ASN A 108 21.25 36.30 -3.64
C ASN A 108 21.69 35.47 -4.84
N ALA A 109 20.81 34.60 -5.31
CA ALA A 109 21.09 33.75 -6.44
C ALA A 109 21.19 34.57 -7.73
N ILE A 110 20.45 35.66 -7.79
CA ILE A 110 20.45 36.53 -8.96
C ILE A 110 21.84 37.09 -9.22
N ALA A 111 22.52 37.51 -8.15
CA ALA A 111 23.86 38.07 -8.26
C ALA A 111 24.80 37.10 -8.97
N THR A 112 24.49 35.81 -8.90
CA THR A 112 25.30 34.79 -9.53
C THR A 112 25.11 34.79 -11.04
N LYS A 113 23.95 35.27 -11.48
CA LYS A 113 23.65 35.34 -12.92
C LYS A 113 24.29 36.56 -13.56
N LEU A 114 24.47 37.61 -12.76
CA LEU A 114 25.08 38.85 -13.26
C LEU A 114 26.60 38.74 -13.28
N LYS A 115 27.18 38.45 -12.12
CA LYS A 115 28.63 38.32 -11.99
C LYS A 115 29.16 37.22 -12.91
N SER A 116 28.28 36.27 -13.24
CA SER A 116 28.66 35.16 -14.11
C SER A 116 29.15 35.67 -15.45
N GLU A 117 28.61 36.81 -15.88
CA GLU A 117 28.99 37.41 -17.16
C GLU A 117 30.10 38.45 -16.97
N GLY A 118 30.21 38.96 -15.75
CA GLY A 118 31.23 39.95 -15.45
C GLY A 118 30.65 41.23 -14.88
N VAL A 119 29.55 41.09 -14.13
CA VAL A 119 28.90 42.24 -13.51
C VAL A 119 29.14 42.26 -12.01
N ASN A 120 29.81 43.32 -11.55
CA ASN A 120 30.10 43.47 -10.12
C ASN A 120 28.90 44.01 -9.37
N VAL A 121 28.29 43.16 -8.55
CA VAL A 121 27.12 43.55 -7.76
C VAL A 121 27.35 43.29 -6.29
N GLN A 122 26.51 43.90 -5.45
CA GLN A 122 26.61 43.74 -4.01
C GLN A 122 25.25 43.41 -3.39
N ILE A 123 25.23 42.42 -2.52
CA ILE A 123 24.00 42.02 -1.86
C ILE A 123 23.64 42.95 -0.71
N GLU A 124 22.76 43.91 -0.98
CA GLU A 124 22.36 44.88 0.03
C GLU A 124 20.99 44.52 0.61
N LEU A 125 20.67 45.09 1.76
CA LEU A 125 19.39 44.81 2.42
C LEU A 125 18.64 46.12 2.69
N SER A 126 17.36 45.99 3.05
CA SER A 126 16.54 47.15 3.34
C SER A 126 15.89 47.04 4.72
N GLY A 127 16.71 46.68 5.71
CA GLY A 127 16.20 46.54 7.07
C GLY A 127 17.20 45.86 7.98
N ALA A 128 18.03 44.99 7.42
CA ALA A 128 19.03 44.27 8.19
C ALA A 128 20.31 45.09 8.33
N GLU A 129 20.22 46.20 9.06
CA GLU A 129 21.38 47.06 9.27
C GLU A 129 21.21 47.90 10.52
N GLN A 130 22.27 48.61 10.91
CA GLN A 130 22.23 49.47 12.09
C GLN A 130 23.44 50.38 12.14
N GLN A 131 23.44 51.31 13.10
CA GLN A 131 24.54 52.25 13.24
C GLN A 131 24.79 53.01 11.95
N PRO A 132 23.87 53.92 11.61
CA PRO A 132 23.96 54.73 10.39
C PRO A 132 25.08 55.76 10.47
N LYS A 133 25.48 56.28 9.31
CA LYS A 133 26.55 57.28 9.26
C LYS A 133 27.82 56.76 9.91
N GLN A 4 -58.06 -126.28 -6.48
CA GLN A 4 -57.38 -125.02 -6.19
C GLN A 4 -58.02 -124.33 -4.98
N GLU A 5 -57.19 -123.82 -4.09
CA GLU A 5 -57.67 -123.14 -2.89
C GLU A 5 -57.36 -121.64 -2.95
N SER A 6 -56.08 -121.31 -3.01
CA SER A 6 -55.66 -119.92 -3.07
C SER A 6 -54.15 -119.82 -3.32
N VAL A 7 -53.71 -118.65 -3.78
CA VAL A 7 -52.29 -118.43 -4.05
C VAL A 7 -52.03 -116.97 -4.41
N THR A 8 -50.96 -116.41 -3.85
CA THR A 8 -50.60 -115.02 -4.10
C THR A 8 -49.09 -114.84 -4.06
N MET A 9 -48.55 -114.18 -5.09
CA MET A 9 -47.12 -113.93 -5.17
C MET A 9 -46.82 -112.44 -5.25
N ASP A 10 -46.73 -111.80 -4.09
CA ASP A 10 -46.45 -110.37 -4.03
C ASP A 10 -46.19 -109.92 -2.60
N GLY A 11 -45.48 -108.81 -2.44
CA GLY A 11 -45.17 -108.30 -1.12
C GLY A 11 -44.24 -107.10 -1.16
N LYS A 12 -44.61 -106.10 -1.95
CA LYS A 12 -43.81 -104.88 -2.08
C LYS A 12 -44.51 -103.69 -1.45
N GLN A 13 -43.85 -103.05 -0.50
CA GLN A 13 -44.40 -101.89 0.18
C GLN A 13 -43.30 -100.94 0.65
N TYR A 14 -43.38 -99.69 0.22
CA TYR A 14 -42.38 -98.69 0.59
C TYR A 14 -43.05 -97.49 1.26
N SER A 15 -42.29 -96.80 2.11
CA SER A 15 -42.81 -95.64 2.82
C SER A 15 -41.68 -94.87 3.49
N THR A 16 -42.00 -93.69 4.03
CA THR A 16 -41.02 -92.85 4.70
C THR A 16 -40.81 -93.30 6.14
N ILE A 17 -39.56 -93.22 6.60
CA ILE A 17 -39.23 -93.61 7.97
C ILE A 17 -37.78 -93.27 8.29
N GLU A 18 -37.53 -92.92 9.56
CA GLU A 18 -36.20 -92.58 10.00
C GLU A 18 -35.33 -93.82 10.14
N VAL A 19 -34.03 -93.66 9.91
CA VAL A 19 -33.09 -94.77 10.00
C VAL A 19 -32.13 -94.58 11.17
N ASN A 20 -32.00 -95.62 11.99
CA ASN A 20 -31.12 -95.57 13.16
C ASN A 20 -31.49 -94.40 14.07
N GLY A 21 -32.78 -94.08 14.12
CA GLY A 21 -33.24 -93.00 14.96
C GLY A 21 -32.71 -91.65 14.49
N GLN A 22 -32.29 -91.58 13.24
CA GLN A 22 -31.76 -90.33 12.69
C GLN A 22 -32.82 -89.62 11.84
N THR A 23 -33.13 -88.39 12.20
CA THR A 23 -34.12 -87.60 11.48
C THR A 23 -33.54 -86.28 11.01
N TYR A 24 -34.15 -85.70 9.98
CA TYR A 24 -33.68 -84.43 9.43
C TYR A 24 -34.60 -83.29 9.85
N LEU A 25 -33.99 -82.18 10.28
CA LEU A 25 -34.76 -81.01 10.71
C LEU A 25 -34.31 -79.77 9.96
N ILE A 26 -35.21 -78.79 9.86
CA ILE A 26 -34.90 -77.54 9.17
C ILE A 26 -35.56 -76.35 9.86
N PRO A 27 -34.94 -75.89 10.95
CA PRO A 27 -35.45 -74.74 11.72
C PRO A 27 -35.33 -73.43 10.95
N ASP A 28 -36.09 -72.43 11.39
CA ASP A 28 -36.07 -71.11 10.75
C ASP A 28 -36.33 -70.01 11.78
N ASN A 29 -35.30 -69.22 12.05
CA ASN A 29 -35.42 -68.12 13.01
C ASN A 29 -34.15 -67.28 13.03
N GLY A 30 -34.29 -66.02 13.42
CA GLY A 30 -33.14 -65.13 13.49
C GLY A 30 -33.04 -64.23 12.26
N SER A 31 -33.32 -62.95 12.46
CA SER A 31 -33.26 -61.98 11.36
C SER A 31 -33.45 -60.56 11.88
N LYS A 32 -32.38 -59.77 11.79
CA LYS A 32 -32.42 -58.38 12.25
C LYS A 32 -31.86 -57.44 11.19
N LYS A 33 -32.39 -56.23 11.16
CA LYS A 33 -31.94 -55.23 10.18
C LYS A 33 -32.55 -53.86 10.49
N ARG A 34 -31.72 -52.93 10.93
CA ARG A 34 -32.18 -51.58 11.26
C ARG A 34 -30.99 -50.67 11.58
N VAL A 35 -30.85 -49.61 10.80
CA VAL A 35 -29.76 -48.65 10.99
C VAL A 35 -30.22 -47.23 10.72
N ALA A 36 -29.66 -46.28 11.46
CA ALA A 36 -30.01 -44.88 11.28
C ALA A 36 -29.09 -43.98 12.11
N ARG A 37 -28.33 -43.13 11.43
CA ARG A 37 -27.41 -42.22 12.11
C ARG A 37 -26.75 -41.27 11.10
N SER A 38 -27.16 -40.02 11.12
CA SER A 38 -26.61 -39.02 10.20
C SER A 38 -27.09 -37.62 10.59
N LEU A 39 -26.26 -36.89 11.32
CA LEU A 39 -26.60 -35.54 11.74
C LEU A 39 -25.34 -34.77 12.16
N ASP A 40 -25.02 -33.72 11.42
CA ASP A 40 -23.85 -32.90 11.71
C ASP A 40 -23.89 -31.59 10.95
N SER A 41 -23.43 -30.51 11.58
CA SER A 41 -23.42 -29.20 10.96
C SER A 41 -22.71 -28.18 11.83
N LYS A 42 -21.52 -27.77 11.42
CA LYS A 42 -20.73 -26.80 12.17
C LYS A 42 -19.64 -26.19 11.30
N VAL A 43 -19.25 -24.96 11.61
CA VAL A 43 -18.21 -24.27 10.86
C VAL A 43 -17.92 -22.90 11.47
N PRO A 44 -17.15 -22.89 12.57
CA PRO A 44 -16.77 -21.66 13.26
C PRO A 44 -15.80 -20.81 12.46
N GLN A 45 -16.34 -19.87 11.69
CA GLN A 45 -15.50 -19.00 10.87
C GLN A 45 -16.27 -17.72 10.49
N GLN A 46 -15.75 -16.58 10.91
CA GLN A 46 -16.37 -15.30 10.61
C GLN A 46 -15.46 -14.14 11.01
N THR A 47 -15.03 -13.37 10.01
CA THR A 47 -14.15 -12.24 10.24
C THR A 47 -14.38 -11.14 9.21
N LEU A 48 -14.34 -9.89 9.67
CA LEU A 48 -14.54 -8.74 8.78
C LEU A 48 -13.77 -7.53 9.27
N ARG A 49 -12.89 -7.01 8.42
CA ARG A 49 -12.09 -5.84 8.76
C ARG A 49 -11.89 -4.93 7.55
N ARG A 50 -12.09 -3.64 7.75
CA ARG A 50 -11.94 -2.66 6.67
C ARG A 50 -11.68 -1.27 7.23
N GLY A 51 -10.99 -0.44 6.46
CA GLY A 51 -10.70 0.91 6.89
C GLY A 51 -9.32 1.03 7.53
N ASP A 52 -8.43 1.76 6.88
CA ASP A 52 -7.08 1.94 7.39
C ASP A 52 -6.36 3.06 6.65
N VAL A 53 -6.19 4.19 7.31
CA VAL A 53 -5.52 5.34 6.71
C VAL A 53 -4.40 5.86 7.62
N LEU A 54 -3.17 5.55 7.25
CA LEU A 54 -2.01 5.99 8.03
C LEU A 54 -0.91 6.52 7.11
N MET A 55 -0.72 7.83 7.12
CA MET A 55 0.30 8.47 6.30
C MET A 55 0.42 9.96 6.64
N GLN A 56 1.53 10.33 7.27
CA GLN A 56 1.77 11.71 7.65
C GLN A 56 3.25 11.97 7.85
N GLY A 57 3.69 13.18 7.50
CA GLY A 57 5.10 13.53 7.66
C GLY A 57 5.69 14.12 6.39
N ALA A 58 5.81 15.44 6.35
CA ALA A 58 6.37 16.12 5.20
C ALA A 58 6.67 17.58 5.51
N ALA A 59 7.96 17.90 5.65
CA ALA A 59 8.37 19.27 5.95
C ALA A 59 9.86 19.46 5.66
N SER A 60 10.18 20.56 5.00
CA SER A 60 11.57 20.87 4.66
C SER A 60 11.68 22.23 3.97
N PRO A 61 11.44 23.30 4.74
CA PRO A 61 11.50 24.66 4.23
C PRO A 61 12.92 25.10 3.90
N GLU A 62 13.09 25.78 2.77
CA GLU A 62 14.41 26.24 2.34
C GLU A 62 14.28 27.25 1.21
N LEU A 63 15.28 28.11 1.07
CA LEU A 63 15.29 29.13 0.02
C LEU A 63 16.59 29.09 -0.77
N THR A 64 16.48 28.92 -2.08
CA THR A 64 17.65 28.86 -2.96
C THR A 64 17.52 29.85 -4.10
N VAL A 65 18.18 30.99 -3.98
CA VAL A 65 18.15 32.02 -5.02
C VAL A 65 19.35 32.95 -4.91
N SER A 66 19.84 33.40 -6.07
CA SER A 66 20.99 34.30 -6.11
C SER A 66 21.18 34.88 -7.50
N GLY A 67 21.51 36.16 -7.56
CA GLY A 67 21.71 36.82 -8.84
C GLY A 67 22.48 38.13 -8.71
N THR A 68 21.75 39.23 -8.61
CA THR A 68 22.37 40.54 -8.49
C THR A 68 21.40 41.56 -7.91
N LEU A 69 21.90 42.73 -7.55
CA LEU A 69 21.08 43.80 -6.99
C LEU A 69 21.71 45.16 -7.22
N LEU A 70 20.92 46.09 -7.76
CA LEU A 70 21.40 47.44 -8.03
C LEU A 70 20.97 48.40 -6.93
N VAL A 71 21.90 48.69 -6.01
CA VAL A 71 21.61 49.60 -4.91
C VAL A 71 22.07 51.02 -5.23
N GLU A 72 21.17 51.98 -5.06
CA GLU A 72 21.48 53.37 -5.34
C GLU A 72 22.38 53.96 -4.25
N ALA A 73 23.69 53.84 -4.45
CA ALA A 73 24.66 54.36 -3.49
C ALA A 73 26.07 54.34 -4.06
N ASP A 74 26.99 54.99 -3.37
CA ASP A 74 28.38 55.04 -3.81
C ASP A 74 29.14 53.79 -3.40
N ASP A 75 30.40 53.70 -3.80
CA ASP A 75 31.23 52.55 -3.47
C ASP A 75 31.30 52.34 -1.96
N ALA A 76 31.47 53.43 -1.23
CA ALA A 76 31.55 53.38 0.23
C ALA A 76 30.37 52.61 0.81
N SER A 77 29.21 52.77 0.19
CA SER A 77 28.01 52.09 0.65
C SER A 77 27.93 50.67 0.09
N ALA A 78 28.39 50.50 -1.14
CA ALA A 78 28.37 49.20 -1.79
C ALA A 78 29.10 48.15 -0.96
N LYS A 79 30.39 48.37 -0.73
CA LYS A 79 31.20 47.45 0.06
C LYS A 79 30.57 47.21 1.43
N ALA A 80 29.87 48.22 1.93
CA ALA A 80 29.21 48.12 3.23
C ALA A 80 28.05 47.13 3.18
N LEU A 81 27.39 47.05 2.04
CA LEU A 81 26.26 46.14 1.86
C LEU A 81 26.75 44.72 1.57
N ALA A 82 27.80 44.61 0.78
CA ALA A 82 28.37 43.31 0.42
C ALA A 82 28.92 42.61 1.66
N THR A 83 29.39 43.39 2.63
CA THR A 83 29.95 42.84 3.85
C THR A 83 28.86 42.56 4.88
N ARG A 84 27.88 43.47 4.97
CA ARG A 84 26.78 43.32 5.92
C ARG A 84 25.81 42.23 5.44
N HIS A 85 25.23 42.43 4.26
CA HIS A 85 24.28 41.48 3.71
C HIS A 85 25.00 40.24 3.19
N GLY A 86 26.28 40.39 2.89
CA GLY A 86 27.07 39.27 2.39
C GLY A 86 27.14 39.25 0.87
N LEU A 87 26.82 40.37 0.25
CA LEU A 87 26.84 40.48 -1.20
C LEU A 87 28.27 40.72 -1.71
N ASN A 88 28.38 41.05 -3.00
CA ASN A 88 29.68 41.30 -3.59
C ASN A 88 29.62 42.53 -4.51
N PHE A 89 30.23 43.63 -4.05
CA PHE A 89 30.25 44.86 -4.83
C PHE A 89 30.98 44.66 -6.15
N LYS A 90 30.27 44.87 -7.25
CA LYS A 90 30.85 44.72 -8.58
C LYS A 90 31.28 46.08 -9.15
N GLN A 91 30.30 46.94 -9.39
CA GLN A 91 30.57 48.28 -9.93
C GLN A 91 29.30 49.12 -9.95
N SER A 92 29.42 50.35 -10.45
CA SER A 92 28.29 51.26 -10.52
C SER A 92 27.97 51.62 -11.97
N SER A 93 26.69 51.88 -12.25
CA SER A 93 26.27 52.23 -13.59
C SER A 93 25.85 53.70 -13.66
N GLY A 94 26.48 54.53 -12.83
CA GLY A 94 26.16 55.95 -12.82
C GLY A 94 25.45 56.37 -11.54
N GLY A 95 24.46 55.59 -11.14
CA GLY A 95 23.71 55.90 -9.93
C GLY A 95 23.18 54.66 -9.24
N ILE A 96 23.75 53.51 -9.57
CA ILE A 96 23.32 52.25 -8.97
C ILE A 96 24.46 51.23 -8.99
N ALA A 97 24.82 50.75 -7.80
CA ALA A 97 25.90 49.76 -7.67
C ALA A 97 25.34 48.34 -7.73
N LEU A 98 25.82 47.56 -8.69
CA LEU A 98 25.37 46.18 -8.86
C LEU A 98 26.20 45.24 -8.00
N LEU A 99 25.57 44.64 -7.00
CA LEU A 99 26.27 43.70 -6.12
C LEU A 99 25.79 42.27 -6.36
N GLU A 100 26.60 41.31 -5.95
CA GLU A 100 26.26 39.90 -6.12
C GLU A 100 25.82 39.28 -4.79
N ALA A 101 24.54 38.91 -4.72
CA ALA A 101 23.99 38.31 -3.51
C ALA A 101 24.47 36.87 -3.35
N LYS A 102 24.94 36.54 -2.15
CA LYS A 102 25.41 35.19 -1.87
C LYS A 102 24.38 34.14 -2.26
N PRO A 103 24.83 32.89 -2.42
CA PRO A 103 23.95 31.78 -2.80
C PRO A 103 22.98 31.39 -1.68
N GLY A 104 21.69 31.55 -1.94
CA GLY A 104 20.70 31.21 -0.94
C GLY A 104 20.08 32.44 -0.30
N THR A 105 20.75 33.59 -0.45
CA THR A 105 20.26 34.83 0.12
C THR A 105 19.07 35.36 -0.65
N ASP A 106 18.11 35.94 0.07
CA ASP A 106 16.91 36.50 -0.56
C ASP A 106 17.13 37.95 -0.97
N LEU A 107 17.87 38.14 -2.06
CA LEU A 107 18.16 39.49 -2.56
C LEU A 107 16.86 40.26 -2.82
N ASN A 108 15.82 39.54 -3.25
CA ASN A 108 14.53 40.15 -3.53
C ASN A 108 13.98 40.86 -2.30
N ALA A 109 14.27 40.30 -1.13
CA ALA A 109 13.81 40.87 0.13
C ALA A 109 14.70 42.04 0.57
N ILE A 110 15.97 41.98 0.19
CA ILE A 110 16.92 43.02 0.54
C ILE A 110 16.48 44.37 -0.02
N ALA A 111 16.09 44.37 -1.31
CA ALA A 111 15.65 45.60 -1.96
C ALA A 111 14.40 46.15 -1.30
N THR A 112 13.64 45.27 -0.64
CA THR A 112 12.41 45.67 0.03
C THR A 112 12.72 46.41 1.33
N LYS A 113 13.88 46.14 1.91
CA LYS A 113 14.29 46.77 3.15
C LYS A 113 14.90 48.14 2.89
N LEU A 114 15.48 48.31 1.71
CA LEU A 114 16.09 49.58 1.33
C LEU A 114 15.03 50.59 0.89
N LYS A 115 14.24 50.20 -0.09
CA LYS A 115 13.18 51.07 -0.61
C LYS A 115 12.25 51.52 0.52
N SER A 116 12.17 50.72 1.57
CA SER A 116 11.32 51.03 2.72
C SER A 116 11.70 52.38 3.32
N GLU A 117 12.97 52.76 3.16
CA GLU A 117 13.47 54.01 3.69
C GLU A 117 13.45 55.10 2.62
N GLY A 118 13.51 54.68 1.36
CA GLY A 118 13.50 55.63 0.26
C GLY A 118 14.67 55.44 -0.69
N VAL A 119 15.09 54.19 -0.85
CA VAL A 119 16.22 53.87 -1.73
C VAL A 119 15.74 53.18 -3.00
N ASN A 120 15.94 53.84 -4.13
CA ASN A 120 15.52 53.29 -5.42
C ASN A 120 16.51 52.23 -5.90
N VAL A 121 16.09 50.97 -5.88
CA VAL A 121 16.93 49.87 -6.31
C VAL A 121 16.26 49.05 -7.41
N GLN A 122 17.04 48.23 -8.10
CA GLN A 122 16.51 47.39 -9.17
C GLN A 122 17.02 45.96 -9.04
N ILE A 123 16.11 45.00 -9.17
CA ILE A 123 16.48 43.59 -9.07
C ILE A 123 17.10 43.09 -10.37
N GLU A 124 18.42 43.05 -10.41
CA GLU A 124 19.14 42.60 -11.59
C GLU A 124 19.61 41.16 -11.42
N LEU A 125 19.52 40.38 -12.49
CA LEU A 125 19.93 38.99 -12.46
C LEU A 125 21.11 38.74 -13.40
N SER A 126 21.74 37.58 -13.25
CA SER A 126 22.88 37.23 -14.09
C SER A 126 22.64 35.90 -14.80
N GLY A 127 21.50 35.79 -15.47
CA GLY A 127 21.17 34.57 -16.18
C GLY A 127 19.68 34.27 -16.15
N ALA A 128 18.86 35.30 -16.35
CA ALA A 128 17.42 35.13 -16.35
C ALA A 128 16.81 35.60 -17.67
N GLU A 129 17.58 35.48 -18.75
CA GLU A 129 17.12 35.89 -20.07
C GLU A 129 16.67 34.68 -20.88
N GLN A 130 16.24 34.94 -22.11
CA GLN A 130 15.77 33.87 -22.99
C GLN A 130 15.98 34.25 -24.46
N GLN A 131 16.01 33.24 -25.32
CA GLN A 131 16.20 33.46 -26.75
C GLN A 131 15.74 32.25 -27.56
N PRO A 132 15.48 32.46 -28.86
CA PRO A 132 15.03 31.41 -29.77
C PRO A 132 16.13 30.38 -30.05
N LYS A 133 15.86 29.49 -30.99
CA LYS A 133 16.83 28.46 -31.36
C LYS A 133 18.17 29.08 -31.75
N GLN A 4 -73.30 -121.96 -2.50
CA GLN A 4 -71.85 -121.90 -2.63
C GLN A 4 -71.28 -120.71 -1.86
N GLU A 5 -70.89 -120.95 -0.61
CA GLU A 5 -70.33 -119.90 0.22
C GLU A 5 -68.83 -120.06 0.36
N SER A 6 -68.11 -118.93 0.39
CA SER A 6 -66.67 -118.94 0.52
C SER A 6 -66.13 -117.56 0.86
N VAL A 7 -65.04 -117.52 1.61
CA VAL A 7 -64.43 -116.26 2.02
C VAL A 7 -62.90 -116.34 1.94
N THR A 8 -62.26 -115.18 1.97
CA THR A 8 -60.80 -115.11 1.91
C THR A 8 -60.29 -113.77 2.44
N MET A 9 -59.12 -113.81 3.08
CA MET A 9 -58.52 -112.59 3.63
C MET A 9 -57.01 -112.65 3.53
N ASP A 10 -56.37 -111.49 3.66
CA ASP A 10 -54.91 -111.41 3.58
C ASP A 10 -54.43 -109.99 3.88
N GLY A 11 -53.23 -109.88 4.43
CA GLY A 11 -52.68 -108.57 4.76
C GLY A 11 -51.78 -108.61 5.98
N LYS A 12 -50.47 -108.61 5.74
CA LYS A 12 -49.49 -108.64 6.82
C LYS A 12 -48.42 -107.58 6.62
N GLN A 13 -48.48 -106.51 7.41
CA GLN A 13 -47.51 -105.43 7.32
C GLN A 13 -47.48 -104.61 8.60
N TYR A 14 -46.28 -104.21 9.01
CA TYR A 14 -46.11 -103.43 10.23
C TYR A 14 -44.90 -102.51 10.12
N SER A 15 -45.05 -101.29 10.62
CA SER A 15 -43.96 -100.31 10.58
C SER A 15 -44.30 -99.08 11.42
N THR A 16 -43.28 -98.31 11.77
CA THR A 16 -43.47 -97.11 12.57
C THR A 16 -42.53 -96.00 12.12
N ILE A 17 -43.08 -94.81 11.92
CA ILE A 17 -42.29 -93.66 11.50
C ILE A 17 -42.91 -92.35 11.98
N GLU A 18 -42.17 -91.25 11.83
CA GLU A 18 -42.65 -89.95 12.25
C GLU A 18 -43.76 -89.46 11.32
N VAL A 19 -45.00 -89.70 11.70
CA VAL A 19 -46.15 -89.28 10.89
C VAL A 19 -47.38 -89.04 11.77
N ASN A 20 -48.42 -88.48 11.17
CA ASN A 20 -49.65 -88.18 11.89
C ASN A 20 -49.39 -87.17 13.01
N GLY A 21 -48.92 -85.99 12.63
CA GLY A 21 -48.64 -84.95 13.61
C GLY A 21 -47.21 -84.99 14.10
N GLN A 22 -46.32 -85.50 13.28
CA GLN A 22 -44.90 -85.60 13.64
C GLN A 22 -44.02 -84.91 12.61
N THR A 23 -43.26 -83.91 13.05
CA THR A 23 -42.37 -83.17 12.16
C THR A 23 -40.96 -83.12 12.71
N TYR A 24 -40.00 -82.84 11.84
CA TYR A 24 -38.60 -82.77 12.24
C TYR A 24 -37.93 -81.54 11.63
N LEU A 25 -37.25 -80.76 12.47
CA LEU A 25 -36.55 -79.56 12.01
C LEU A 25 -35.09 -79.58 12.45
N ILE A 26 -34.24 -78.92 11.66
CA ILE A 26 -32.82 -78.86 11.98
C ILE A 26 -32.23 -77.51 11.56
N PRO A 27 -32.43 -76.50 12.41
CA PRO A 27 -31.93 -75.14 12.16
C PRO A 27 -30.41 -75.06 12.28
N ASP A 28 -29.80 -74.26 11.42
CA ASP A 28 -28.35 -74.09 11.43
C ASP A 28 -27.97 -72.63 11.17
N ASN A 29 -27.74 -71.89 12.24
CA ASN A 29 -27.36 -70.49 12.13
C ASN A 29 -27.05 -69.90 13.51
N GLY A 30 -26.60 -68.65 13.53
CA GLY A 30 -26.28 -67.99 14.78
C GLY A 30 -24.97 -67.23 14.71
N SER A 31 -24.89 -66.26 13.80
CA SER A 31 -23.68 -65.47 13.63
C SER A 31 -23.86 -64.42 12.53
N LYS A 32 -23.87 -63.16 12.91
CA LYS A 32 -24.03 -62.07 11.96
C LYS A 32 -23.75 -60.72 12.62
N LYS A 33 -22.64 -60.10 12.24
CA LYS A 33 -22.25 -58.80 12.78
C LYS A 33 -20.95 -58.31 12.15
N ARG A 34 -21.04 -57.19 11.45
CA ARG A 34 -19.87 -56.61 10.79
C ARG A 34 -20.16 -55.18 10.34
N VAL A 35 -20.58 -54.34 11.29
CA VAL A 35 -20.89 -52.94 10.99
C VAL A 35 -19.81 -52.01 11.56
N ALA A 36 -19.09 -51.35 10.66
CA ALA A 36 -18.04 -50.42 11.08
C ALA A 36 -17.41 -49.74 9.88
N ARG A 37 -17.65 -48.43 9.76
CA ARG A 37 -17.11 -47.65 8.66
C ARG A 37 -17.51 -46.17 8.78
N SER A 38 -16.53 -45.32 9.01
CA SER A 38 -16.77 -43.89 9.15
C SER A 38 -15.46 -43.13 9.38
N LEU A 39 -15.02 -42.40 8.36
CA LEU A 39 -13.79 -41.63 8.44
C LEU A 39 -13.63 -40.74 7.22
N ASP A 40 -13.78 -39.43 7.42
CA ASP A 40 -13.64 -38.47 6.33
C ASP A 40 -13.85 -37.05 6.84
N SER A 41 -12.78 -36.25 6.82
CA SER A 41 -12.85 -34.87 7.27
C SER A 41 -11.49 -34.18 7.12
N LYS A 42 -11.41 -33.27 6.15
CA LYS A 42 -10.17 -32.54 5.90
C LYS A 42 -10.40 -31.46 4.84
N VAL A 43 -9.56 -30.42 4.88
CA VAL A 43 -9.66 -29.32 3.93
C VAL A 43 -8.30 -28.68 3.69
N PRO A 44 -7.40 -29.44 3.04
CA PRO A 44 -6.05 -28.97 2.72
C PRO A 44 -6.04 -27.88 1.66
N GLN A 45 -6.33 -26.65 2.08
CA GLN A 45 -6.36 -25.52 1.15
C GLN A 45 -6.66 -24.22 1.90
N GLN A 46 -5.67 -23.33 1.94
CA GLN A 46 -5.83 -22.05 2.63
C GLN A 46 -4.60 -21.17 2.42
N THR A 47 -4.77 -20.13 1.61
CA THR A 47 -3.67 -19.21 1.33
C THR A 47 -4.13 -18.06 0.44
N LEU A 48 -4.27 -16.88 1.02
CA LEU A 48 -4.70 -15.70 0.28
C LEU A 48 -4.66 -14.46 1.15
N ARG A 49 -4.07 -13.38 0.63
CA ARG A 49 -3.96 -12.13 1.37
C ARG A 49 -3.32 -11.05 0.50
N ARG A 50 -3.64 -9.79 0.80
CA ARG A 50 -3.10 -8.67 0.04
C ARG A 50 -3.54 -7.35 0.65
N GLY A 51 -2.68 -6.33 0.56
CA GLY A 51 -3.00 -5.03 1.11
C GLY A 51 -1.86 -4.43 1.89
N ASP A 52 -1.24 -3.39 1.34
CA ASP A 52 -0.12 -2.74 2.01
C ASP A 52 0.29 -1.48 1.25
N VAL A 53 -0.14 -0.32 1.76
CA VAL A 53 0.18 0.95 1.13
C VAL A 53 0.47 2.02 2.18
N LEU A 54 1.69 2.55 2.16
CA LEU A 54 2.10 3.58 3.11
C LEU A 54 3.49 4.10 2.78
N MET A 55 3.55 5.22 2.06
CA MET A 55 4.82 5.82 1.69
C MET A 55 4.65 7.32 1.46
N GLN A 56 5.19 8.12 2.39
CA GLN A 56 5.11 9.57 2.29
C GLN A 56 5.91 10.24 3.39
N GLY A 57 5.75 11.55 3.54
CA GLY A 57 6.47 12.28 4.55
C GLY A 57 7.47 13.26 3.97
N ALA A 58 7.12 13.84 2.82
CA ALA A 58 7.98 14.81 2.16
C ALA A 58 7.33 15.35 0.89
N ALA A 59 6.84 16.59 0.97
CA ALA A 59 6.20 17.23 -0.17
C ALA A 59 5.86 18.68 0.13
N SER A 60 6.63 19.60 -0.42
CA SER A 60 6.41 21.02 -0.20
C SER A 60 7.39 21.86 -1.02
N PRO A 61 7.23 21.84 -2.35
CA PRO A 61 8.10 22.58 -3.27
C PRO A 61 7.87 24.09 -3.17
N GLU A 62 8.95 24.85 -3.37
CA GLU A 62 8.86 26.30 -3.30
C GLU A 62 10.18 26.94 -3.75
N LEU A 63 10.10 28.19 -4.21
CA LEU A 63 11.28 28.91 -4.66
C LEU A 63 10.96 30.38 -4.91
N THR A 64 11.50 31.26 -4.07
CA THR A 64 11.27 32.69 -4.20
C THR A 64 12.11 33.47 -3.19
N VAL A 65 12.67 34.59 -3.64
CA VAL A 65 13.49 35.43 -2.79
C VAL A 65 13.60 36.85 -3.34
N SER A 66 13.59 37.83 -2.46
CA SER A 66 13.68 39.23 -2.85
C SER A 66 14.11 40.11 -1.68
N GLY A 67 14.78 41.21 -1.99
CA GLY A 67 15.25 42.11 -0.95
C GLY A 67 15.91 43.36 -1.51
N THR A 68 17.23 43.37 -1.52
CA THR A 68 17.99 44.50 -2.03
C THR A 68 19.43 44.11 -2.37
N LEU A 69 20.11 44.98 -3.10
CA LEU A 69 21.49 44.71 -3.49
C LEU A 69 22.28 46.02 -3.61
N LEU A 70 23.37 46.11 -2.85
CA LEU A 70 24.21 47.30 -2.87
C LEU A 70 25.31 47.18 -3.92
N VAL A 71 25.20 47.96 -4.99
CA VAL A 71 26.19 47.94 -6.06
C VAL A 71 27.09 49.18 -6.01
N GLU A 72 28.40 48.94 -6.05
CA GLU A 72 29.37 50.03 -6.00
C GLU A 72 29.48 50.72 -7.35
N ALA A 73 28.58 51.66 -7.62
CA ALA A 73 28.58 52.39 -8.88
C ALA A 73 27.66 53.60 -8.81
N ASP A 74 27.68 54.42 -9.85
CA ASP A 74 26.84 55.61 -9.92
C ASP A 74 25.43 55.26 -10.37
N ASP A 75 24.60 56.27 -10.56
CA ASP A 75 23.23 56.07 -10.99
C ASP A 75 23.18 55.49 -12.40
N ALA A 76 24.06 55.98 -13.28
CA ALA A 76 24.12 55.52 -14.65
C ALA A 76 24.25 53.99 -14.70
N SER A 77 25.09 53.45 -13.83
CA SER A 77 25.30 52.00 -13.78
C SER A 77 24.14 51.30 -13.08
N ALA A 78 23.58 51.96 -12.08
CA ALA A 78 22.46 51.41 -11.33
C ALA A 78 21.30 51.04 -12.26
N LYS A 79 20.75 52.04 -12.94
CA LYS A 79 19.64 51.84 -13.87
C LYS A 79 20.00 50.78 -14.90
N ALA A 80 21.27 50.72 -15.27
CA ALA A 80 21.74 49.74 -16.25
C ALA A 80 21.54 48.32 -15.75
N LEU A 81 21.72 48.13 -14.45
CA LEU A 81 21.56 46.81 -13.83
C LEU A 81 20.10 46.53 -13.50
N ALA A 82 19.37 47.58 -13.16
CA ALA A 82 17.96 47.46 -12.83
C ALA A 82 17.14 47.04 -14.05
N THR A 83 17.59 47.44 -15.23
CA THR A 83 16.90 47.12 -16.47
C THR A 83 17.35 45.77 -17.00
N ARG A 84 18.62 45.45 -16.82
CA ARG A 84 19.17 44.18 -17.27
C ARG A 84 18.79 43.05 -16.34
N HIS A 85 19.20 43.16 -15.08
CA HIS A 85 18.89 42.14 -14.08
C HIS A 85 17.44 42.22 -13.65
N GLY A 86 16.83 43.39 -13.84
CA GLY A 86 15.44 43.58 -13.46
C GLY A 86 15.30 44.19 -12.08
N LEU A 87 16.37 44.82 -11.60
CA LEU A 87 16.35 45.44 -10.28
C LEU A 87 15.71 46.82 -10.35
N ASN A 88 15.83 47.58 -9.27
CA ASN A 88 15.27 48.92 -9.20
C ASN A 88 16.16 49.85 -8.37
N PHE A 89 16.81 50.78 -9.06
CA PHE A 89 17.70 51.73 -8.38
C PHE A 89 16.90 52.76 -7.60
N LYS A 90 17.09 52.75 -6.27
CA LYS A 90 16.38 53.69 -5.40
C LYS A 90 17.29 54.84 -4.99
N GLN A 91 18.35 54.52 -4.26
CA GLN A 91 19.30 55.53 -3.81
C GLN A 91 20.66 54.92 -3.52
N SER A 92 21.60 55.75 -3.08
CA SER A 92 22.94 55.28 -2.77
C SER A 92 23.49 55.97 -1.52
N SER A 93 24.46 55.33 -0.88
CA SER A 93 25.06 55.89 0.33
C SER A 93 26.37 56.61 0.01
N GLY A 94 26.45 57.14 -1.21
CA GLY A 94 27.64 57.86 -1.62
C GLY A 94 28.74 56.92 -2.11
N GLY A 95 28.38 55.66 -2.35
CA GLY A 95 29.34 54.69 -2.83
C GLY A 95 28.68 53.43 -3.36
N ILE A 96 27.60 53.01 -2.70
CA ILE A 96 26.89 51.81 -3.12
C ILE A 96 25.40 52.08 -3.25
N ALA A 97 24.84 51.76 -4.41
CA ALA A 97 23.42 51.96 -4.67
C ALA A 97 22.61 50.73 -4.30
N LEU A 98 21.63 50.90 -3.43
CA LEU A 98 20.78 49.79 -2.99
C LEU A 98 19.63 49.57 -3.97
N LEU A 99 19.82 48.61 -4.88
CA LEU A 99 18.81 48.30 -5.88
C LEU A 99 17.82 47.26 -5.34
N GLU A 100 16.57 47.34 -5.80
CA GLU A 100 15.54 46.41 -5.37
C GLU A 100 15.24 45.38 -6.46
N ALA A 101 15.55 44.12 -6.16
CA ALA A 101 15.31 43.04 -7.11
C ALA A 101 13.86 42.55 -7.05
N LYS A 102 13.30 42.26 -8.21
CA LYS A 102 11.91 41.79 -8.29
C LYS A 102 11.73 40.50 -7.49
N PRO A 103 10.48 40.19 -7.15
CA PRO A 103 10.14 38.98 -6.39
C PRO A 103 10.35 37.71 -7.19
N GLY A 104 11.27 36.86 -6.74
CA GLY A 104 11.55 35.62 -7.43
C GLY A 104 12.95 35.58 -8.00
N THR A 105 13.57 36.74 -8.13
CA THR A 105 14.92 36.84 -8.67
C THR A 105 15.96 36.53 -7.60
N ASP A 106 17.05 35.89 -8.01
CA ASP A 106 18.12 35.52 -7.09
C ASP A 106 19.19 36.63 -7.03
N LEU A 107 18.85 37.73 -6.36
CA LEU A 107 19.77 38.85 -6.23
C LEU A 107 21.09 38.41 -5.60
N ASN A 108 21.00 37.45 -4.68
CA ASN A 108 22.18 36.94 -4.01
C ASN A 108 23.22 36.44 -5.01
N ALA A 109 22.75 35.92 -6.13
CA ALA A 109 23.63 35.41 -7.18
C ALA A 109 24.08 36.53 -8.10
N ILE A 110 23.17 37.45 -8.40
CA ILE A 110 23.47 38.57 -9.27
C ILE A 110 24.73 39.31 -8.82
N ALA A 111 24.83 39.55 -7.52
CA ALA A 111 25.98 40.23 -6.95
C ALA A 111 27.27 39.52 -7.33
N THR A 112 27.31 38.21 -7.15
CA THR A 112 28.48 37.42 -7.47
C THR A 112 28.87 37.57 -8.94
N LYS A 113 27.89 37.91 -9.77
CA LYS A 113 28.12 38.09 -11.19
C LYS A 113 28.86 39.39 -11.47
N LEU A 114 28.64 40.38 -10.61
CA LEU A 114 29.29 41.68 -10.75
C LEU A 114 30.72 41.63 -10.23
N LYS A 115 30.89 41.03 -9.05
CA LYS A 115 32.21 40.92 -8.44
C LYS A 115 33.15 40.11 -9.32
N SER A 116 32.58 39.30 -10.22
CA SER A 116 33.37 38.47 -11.11
C SER A 116 34.34 39.31 -11.92
N GLU A 117 34.02 40.59 -12.10
CA GLU A 117 34.87 41.50 -12.86
C GLU A 117 35.80 42.28 -11.93
N GLY A 118 35.46 42.28 -10.63
CA GLY A 118 36.27 42.98 -9.65
C GLY A 118 35.49 44.05 -8.92
N VAL A 119 34.17 43.90 -8.89
CA VAL A 119 33.32 44.86 -8.21
C VAL A 119 33.01 44.41 -6.79
N ASN A 120 32.76 45.38 -5.91
CA ASN A 120 32.46 45.09 -4.51
C ASN A 120 31.02 45.44 -4.18
N VAL A 121 30.19 44.42 -3.98
CA VAL A 121 28.79 44.62 -3.66
C VAL A 121 28.41 43.92 -2.35
N GLN A 122 27.27 44.30 -1.80
CA GLN A 122 26.80 43.72 -0.54
C GLN A 122 25.33 43.33 -0.64
N ILE A 123 25.01 42.12 -0.18
CA ILE A 123 23.64 41.62 -0.22
C ILE A 123 22.82 42.20 0.94
N GLU A 124 22.04 43.23 0.63
CA GLU A 124 21.20 43.87 1.64
C GLU A 124 19.75 43.37 1.55
N LEU A 125 18.97 43.66 2.58
CA LEU A 125 17.57 43.24 2.62
C LEU A 125 16.66 44.42 2.92
N SER A 126 15.35 44.18 2.90
CA SER A 126 14.37 45.22 3.16
C SER A 126 13.46 44.83 4.33
N GLY A 127 13.99 43.98 5.22
CA GLY A 127 13.21 43.54 6.37
C GLY A 127 13.96 42.54 7.22
N ALA A 128 15.28 42.70 7.30
CA ALA A 128 16.12 41.81 8.09
C ALA A 128 16.80 42.55 9.24
N GLU A 129 16.94 43.86 9.07
CA GLU A 129 17.57 44.69 10.10
C GLU A 129 16.54 45.59 10.79
N GLN A 130 16.80 45.91 12.04
CA GLN A 130 15.90 46.77 12.81
C GLN A 130 16.37 48.21 12.79
N GLN A 131 15.43 49.14 12.61
CA GLN A 131 15.75 50.56 12.57
C GLN A 131 15.76 51.16 13.97
N PRO A 132 16.44 52.31 14.12
CA PRO A 132 16.53 53.00 15.41
C PRO A 132 15.22 53.62 15.83
N LYS A 133 15.16 54.11 17.06
CA LYS A 133 13.96 54.74 17.59
C LYS A 133 12.81 53.74 17.64
N GLN A 4 -60.82 -134.94 -1.46
CA GLN A 4 -60.27 -133.63 -1.79
C GLN A 4 -60.15 -132.77 -0.54
N GLU A 5 -59.24 -131.80 -0.58
CA GLU A 5 -59.03 -130.90 0.54
C GLU A 5 -58.28 -129.64 0.11
N SER A 6 -58.29 -128.63 0.97
CA SER A 6 -57.61 -127.37 0.67
C SER A 6 -57.42 -126.55 1.95
N VAL A 7 -56.55 -125.54 1.86
CA VAL A 7 -56.27 -124.68 3.00
C VAL A 7 -56.10 -123.22 2.57
N THR A 8 -56.72 -122.31 3.30
CA THR A 8 -56.65 -120.89 2.99
C THR A 8 -56.14 -120.10 4.19
N MET A 9 -55.08 -119.32 3.97
CA MET A 9 -54.50 -118.51 5.03
C MET A 9 -54.11 -117.13 4.51
N ASP A 10 -54.19 -116.12 5.37
CA ASP A 10 -53.84 -114.75 4.99
C ASP A 10 -52.90 -114.14 6.02
N GLY A 11 -52.09 -113.18 5.57
CA GLY A 11 -51.15 -112.52 6.46
C GLY A 11 -50.68 -111.19 5.92
N LYS A 12 -51.09 -110.10 6.57
CA LYS A 12 -50.71 -108.77 6.14
C LYS A 12 -50.10 -107.98 7.30
N GLN A 13 -48.85 -108.28 7.62
CA GLN A 13 -48.15 -107.61 8.71
C GLN A 13 -47.21 -106.53 8.17
N TYR A 14 -47.42 -105.29 8.61
CA TYR A 14 -46.59 -104.18 8.18
C TYR A 14 -46.43 -103.15 9.28
N SER A 15 -45.41 -102.30 9.16
CA SER A 15 -45.15 -101.26 10.16
C SER A 15 -44.83 -99.94 9.49
N THR A 16 -45.56 -98.89 9.87
CA THR A 16 -45.36 -97.57 9.31
C THR A 16 -45.54 -96.49 10.36
N ILE A 17 -44.62 -95.53 10.38
CA ILE A 17 -44.68 -94.43 11.35
C ILE A 17 -44.55 -93.09 10.65
N GLU A 18 -45.57 -92.24 10.84
CA GLU A 18 -45.59 -90.92 10.22
C GLU A 18 -46.14 -89.88 11.18
N VAL A 19 -45.68 -88.64 11.05
CA VAL A 19 -46.14 -87.56 11.91
C VAL A 19 -47.17 -86.68 11.20
N ASN A 20 -48.34 -86.55 11.79
CA ASN A 20 -49.41 -85.75 11.21
C ASN A 20 -49.86 -86.32 9.87
N GLY A 21 -49.55 -87.59 9.65
CA GLY A 21 -49.93 -88.24 8.41
C GLY A 21 -48.85 -88.13 7.34
N GLN A 22 -47.97 -87.15 7.50
CA GLN A 22 -46.88 -86.94 6.53
C GLN A 22 -45.60 -86.52 7.25
N THR A 23 -44.54 -87.29 7.04
CA THR A 23 -43.25 -87.00 7.65
C THR A 23 -42.55 -85.85 6.95
N TYR A 24 -42.12 -84.85 7.73
CA TYR A 24 -41.44 -83.69 7.17
C TYR A 24 -40.80 -82.85 8.28
N LEU A 25 -39.68 -82.23 7.96
CA LEU A 25 -38.96 -81.40 8.93
C LEU A 25 -38.71 -80.01 8.36
N ILE A 26 -38.95 -78.99 9.19
CA ILE A 26 -38.75 -77.60 8.78
C ILE A 26 -37.60 -76.97 9.55
N PRO A 27 -36.36 -77.27 9.13
CA PRO A 27 -35.15 -76.73 9.76
C PRO A 27 -34.99 -75.23 9.51
N ASP A 28 -34.76 -74.48 10.58
CA ASP A 28 -34.58 -73.03 10.47
C ASP A 28 -33.34 -72.58 11.24
N ASN A 29 -32.37 -72.05 10.52
CA ASN A 29 -31.13 -71.58 11.14
C ASN A 29 -30.32 -70.73 10.18
N GLY A 30 -29.76 -69.64 10.67
CA GLY A 30 -28.96 -68.75 9.83
C GLY A 30 -29.63 -67.41 9.61
N SER A 31 -29.47 -66.50 10.57
CA SER A 31 -30.07 -65.17 10.48
C SER A 31 -29.00 -64.10 10.60
N LYS A 32 -28.55 -63.59 9.45
CA LYS A 32 -27.53 -62.55 9.42
C LYS A 32 -28.16 -61.17 9.52
N LYS A 33 -27.62 -60.33 10.39
CA LYS A 33 -28.13 -58.98 10.58
C LYS A 33 -27.12 -58.11 11.34
N ARG A 34 -26.84 -56.93 10.80
CA ARG A 34 -25.90 -56.01 11.43
C ARG A 34 -25.91 -54.66 10.73
N VAL A 35 -25.38 -53.65 11.41
CA VAL A 35 -25.33 -52.30 10.86
C VAL A 35 -23.97 -51.64 11.12
N ALA A 36 -23.62 -50.68 10.27
CA ALA A 36 -22.35 -49.98 10.41
C ALA A 36 -22.24 -48.83 9.41
N ARG A 37 -22.30 -47.60 9.93
CA ARG A 37 -22.22 -46.42 9.08
C ARG A 37 -22.12 -45.16 9.93
N SER A 38 -20.95 -44.52 9.90
CA SER A 38 -20.72 -43.30 10.66
C SER A 38 -19.33 -42.73 10.40
N LEU A 39 -19.27 -41.66 9.63
CA LEU A 39 -18.00 -41.02 9.30
C LEU A 39 -18.23 -39.67 8.64
N ASP A 40 -17.55 -38.64 9.15
CA ASP A 40 -17.68 -37.29 8.61
C ASP A 40 -16.67 -36.35 9.27
N SER A 41 -15.86 -35.70 8.45
CA SER A 41 -14.85 -34.77 8.95
C SER A 41 -14.46 -33.75 7.88
N LYS A 42 -14.67 -32.48 8.19
CA LYS A 42 -14.34 -31.41 7.26
C LYS A 42 -13.43 -30.37 7.92
N VAL A 43 -13.11 -29.32 7.17
CA VAL A 43 -12.25 -28.25 7.68
C VAL A 43 -12.59 -26.91 7.05
N PRO A 44 -13.77 -26.39 7.38
CA PRO A 44 -14.24 -25.10 6.86
C PRO A 44 -13.44 -23.92 7.40
N GLN A 45 -12.45 -23.47 6.63
CA GLN A 45 -11.61 -22.35 7.04
C GLN A 45 -10.68 -21.93 5.92
N GLN A 46 -10.73 -20.65 5.56
CA GLN A 46 -9.89 -20.13 4.50
C GLN A 46 -9.65 -18.62 4.68
N THR A 47 -8.44 -18.28 5.11
CA THR A 47 -8.09 -16.88 5.32
C THR A 47 -6.58 -16.69 5.34
N LEU A 48 -6.06 -15.94 4.38
CA LEU A 48 -4.63 -15.68 4.30
C LEU A 48 -4.34 -14.46 3.44
N ARG A 49 -3.66 -13.48 4.02
CA ARG A 49 -3.31 -12.26 3.30
C ARG A 49 -2.21 -11.49 4.03
N ARG A 50 -1.52 -10.62 3.30
CA ARG A 50 -0.44 -9.83 3.87
C ARG A 50 0.06 -8.79 2.87
N GLY A 51 0.62 -7.70 3.39
CA GLY A 51 1.14 -6.64 2.53
C GLY A 51 0.70 -5.27 2.98
N ASP A 52 1.58 -4.58 3.71
CA ASP A 52 1.28 -3.24 4.20
C ASP A 52 2.58 -2.47 4.46
N VAL A 53 2.80 -1.41 3.69
CA VAL A 53 3.98 -0.58 3.84
C VAL A 53 3.92 0.65 2.93
N LEU A 54 4.31 1.79 3.48
CA LEU A 54 4.29 3.04 2.72
C LEU A 54 5.00 4.15 3.48
N MET A 55 6.11 4.62 2.93
CA MET A 55 6.89 5.68 3.57
C MET A 55 8.04 6.13 2.66
N GLN A 56 7.99 7.38 2.21
CA GLN A 56 9.03 7.92 1.35
C GLN A 56 8.83 9.41 1.12
N GLY A 57 9.70 10.01 0.32
CA GLY A 57 9.60 11.43 0.04
C GLY A 57 10.17 12.29 1.15
N ALA A 58 10.94 13.31 0.78
CA ALA A 58 11.54 14.20 1.75
C ALA A 58 12.14 15.43 1.08
N ALA A 59 11.49 16.58 1.26
CA ALA A 59 11.96 17.82 0.67
C ALA A 59 11.50 19.03 1.49
N SER A 60 12.39 19.99 1.66
CA SER A 60 12.08 21.20 2.43
C SER A 60 13.04 22.33 2.07
N PRO A 61 12.87 22.90 0.87
CA PRO A 61 13.70 24.00 0.39
C PRO A 61 13.45 25.30 1.16
N GLU A 62 14.43 26.20 1.11
CA GLU A 62 14.32 27.48 1.80
C GLU A 62 15.20 28.53 1.15
N LEU A 63 14.86 29.80 1.35
CA LEU A 63 15.62 30.91 0.77
C LEU A 63 15.81 32.02 1.80
N THR A 64 17.07 32.31 2.12
CA THR A 64 17.39 33.36 3.08
C THR A 64 18.70 34.05 2.72
N VAL A 65 18.69 34.81 1.63
CA VAL A 65 19.87 35.54 1.18
C VAL A 65 19.64 37.04 1.20
N SER A 66 20.73 37.80 1.15
CA SER A 66 20.64 39.25 1.18
C SER A 66 22.04 39.88 1.03
N GLY A 67 22.09 41.01 0.35
CA GLY A 67 23.36 41.70 0.14
C GLY A 67 23.18 43.11 -0.37
N THR A 68 23.50 43.32 -1.64
CA THR A 68 23.37 44.64 -2.26
C THR A 68 23.03 44.53 -3.74
N LEU A 69 22.58 45.63 -4.32
CA LEU A 69 22.22 45.66 -5.74
C LEU A 69 22.61 46.98 -6.38
N LEU A 70 23.43 46.91 -7.43
CA LEU A 70 23.88 48.10 -8.13
C LEU A 70 22.98 48.39 -9.34
N VAL A 71 22.06 49.33 -9.17
CA VAL A 71 21.15 49.70 -10.25
C VAL A 71 21.59 51.00 -10.91
N GLU A 72 21.66 50.99 -12.25
CA GLU A 72 22.07 52.17 -13.00
C GLU A 72 20.94 53.19 -13.06
N ALA A 73 20.87 54.04 -12.04
CA ALA A 73 19.83 55.07 -11.97
C ALA A 73 20.19 56.14 -10.96
N ASP A 74 19.47 57.25 -10.99
CA ASP A 74 19.71 58.36 -10.08
C ASP A 74 19.07 58.08 -8.72
N ASP A 75 19.23 59.02 -7.79
CA ASP A 75 18.68 58.89 -6.45
C ASP A 75 17.16 58.74 -6.51
N ALA A 76 16.52 59.54 -7.35
CA ALA A 76 15.07 59.51 -7.49
C ALA A 76 14.59 58.10 -7.82
N SER A 77 15.37 57.38 -8.61
CA SER A 77 15.02 56.02 -9.01
C SER A 77 15.35 55.03 -7.89
N ALA A 78 16.42 55.31 -7.16
CA ALA A 78 16.84 54.45 -6.06
C ALA A 78 15.72 54.28 -5.04
N LYS A 79 15.31 55.39 -4.42
CA LYS A 79 14.25 55.36 -3.42
C LYS A 79 13.01 54.67 -3.97
N ALA A 80 12.76 54.86 -5.27
CA ALA A 80 11.60 54.25 -5.92
C ALA A 80 11.69 52.73 -5.90
N LEU A 81 12.89 52.21 -6.11
CA LEU A 81 13.12 50.77 -6.12
C LEU A 81 13.24 50.24 -4.69
N ALA A 82 13.79 51.06 -3.80
CA ALA A 82 13.96 50.66 -2.41
C ALA A 82 12.61 50.48 -1.71
N THR A 83 11.62 51.25 -2.15
CA THR A 83 10.29 51.19 -1.58
C THR A 83 9.46 50.10 -2.25
N ARG A 84 9.65 49.94 -3.56
CA ARG A 84 8.92 48.93 -4.32
C ARG A 84 9.47 47.54 -4.05
N HIS A 85 10.74 47.34 -4.37
CA HIS A 85 11.40 46.05 -4.17
C HIS A 85 11.70 45.83 -2.69
N GLY A 86 11.76 46.92 -1.92
CA GLY A 86 12.04 46.81 -0.51
C GLY A 86 13.51 47.01 -0.20
N LEU A 87 14.26 47.57 -1.15
CA LEU A 87 15.69 47.81 -0.97
C LEU A 87 15.93 49.08 -0.17
N ASN A 88 17.19 49.52 -0.13
CA ASN A 88 17.55 50.72 0.60
C ASN A 88 18.68 51.46 -0.11
N PHE A 89 18.37 52.63 -0.67
CA PHE A 89 19.35 53.43 -1.38
C PHE A 89 20.44 53.93 -0.42
N LYS A 90 21.67 53.52 -0.69
CA LYS A 90 22.80 53.93 0.14
C LYS A 90 23.61 55.04 -0.52
N GLN A 91 24.06 54.78 -1.75
CA GLN A 91 24.85 55.75 -2.50
C GLN A 91 25.12 55.25 -3.90
N SER A 92 25.82 56.07 -4.69
CA SER A 92 26.16 55.72 -6.07
C SER A 92 27.64 55.97 -6.34
N SER A 93 28.24 55.10 -7.15
CA SER A 93 29.65 55.23 -7.49
C SER A 93 29.85 55.19 -9.01
N GLY A 94 29.81 56.36 -9.62
CA GLY A 94 29.98 56.45 -11.06
C GLY A 94 28.67 56.51 -11.80
N GLY A 95 27.90 55.43 -11.74
CA GLY A 95 26.61 55.38 -12.41
C GLY A 95 25.76 54.21 -11.95
N ILE A 96 26.01 53.76 -10.73
CA ILE A 96 25.24 52.64 -10.16
C ILE A 96 24.97 52.86 -8.68
N ALA A 97 23.70 52.73 -8.30
CA ALA A 97 23.30 52.90 -6.91
C ALA A 97 23.26 51.56 -6.17
N LEU A 98 24.12 51.43 -5.17
CA LEU A 98 24.19 50.21 -4.39
C LEU A 98 23.10 50.17 -3.32
N LEU A 99 21.95 49.61 -3.67
CA LEU A 99 20.83 49.50 -2.75
C LEU A 99 20.95 48.27 -1.87
N GLU A 100 20.36 48.34 -0.67
CA GLU A 100 20.42 47.22 0.27
C GLU A 100 19.07 46.49 0.31
N ALA A 101 19.07 45.26 -0.18
CA ALA A 101 17.86 44.45 -0.21
C ALA A 101 17.59 43.82 1.16
N LYS A 102 16.33 43.84 1.58
CA LYS A 102 15.95 43.28 2.86
C LYS A 102 16.31 41.80 2.94
N PRO A 103 16.41 41.28 4.17
CA PRO A 103 16.75 39.87 4.41
C PRO A 103 15.63 38.93 3.99
N GLY A 104 15.92 38.08 3.00
CA GLY A 104 14.93 37.13 2.52
C GLY A 104 14.53 37.39 1.09
N THR A 105 14.80 38.60 0.62
CA THR A 105 14.45 38.98 -0.75
C THR A 105 15.52 38.51 -1.74
N ASP A 106 15.07 38.03 -2.90
CA ASP A 106 15.98 37.55 -3.93
C ASP A 106 16.46 38.70 -4.82
N LEU A 107 17.39 39.49 -4.32
CA LEU A 107 17.91 40.62 -5.06
C LEU A 107 18.48 40.18 -6.41
N ASN A 108 19.10 39.00 -6.42
CA ASN A 108 19.68 38.45 -7.64
C ASN A 108 18.62 38.34 -8.74
N ALA A 109 17.38 38.14 -8.33
CA ALA A 109 16.27 38.02 -9.28
C ALA A 109 15.78 39.39 -9.72
N ILE A 110 15.88 40.37 -8.83
CA ILE A 110 15.45 41.73 -9.15
C ILE A 110 16.22 42.30 -10.33
N ALA A 111 17.54 42.19 -10.27
CA ALA A 111 18.39 42.69 -11.35
C ALA A 111 17.97 42.12 -12.70
N THR A 112 17.67 40.83 -12.73
CA THR A 112 17.25 40.17 -13.96
C THR A 112 16.01 40.83 -14.55
N LYS A 113 15.23 41.49 -13.69
CA LYS A 113 14.02 42.17 -14.13
C LYS A 113 14.35 43.53 -14.74
N LEU A 114 15.46 44.12 -14.29
CA LEU A 114 15.89 45.42 -14.80
C LEU A 114 16.62 45.27 -16.13
N LYS A 115 17.64 44.43 -16.15
CA LYS A 115 18.42 44.19 -17.36
C LYS A 115 17.51 43.83 -18.53
N SER A 116 16.38 43.22 -18.22
CA SER A 116 15.42 42.81 -19.25
C SER A 116 14.97 44.02 -20.07
N GLU A 117 15.04 45.20 -19.47
CA GLU A 117 14.64 46.42 -20.14
C GLU A 117 15.79 47.01 -20.94
N GLY A 118 17.01 46.71 -20.50
CA GLY A 118 18.19 47.22 -21.19
C GLY A 118 19.09 48.04 -20.28
N VAL A 119 19.01 47.76 -18.98
CA VAL A 119 19.81 48.49 -18.00
C VAL A 119 20.99 47.64 -17.53
N ASN A 120 22.06 48.31 -17.11
CA ASN A 120 23.26 47.62 -16.63
C ASN A 120 23.34 47.65 -15.12
N VAL A 121 23.13 46.50 -14.49
CA VAL A 121 23.19 46.39 -13.04
C VAL A 121 24.14 45.29 -12.60
N GLN A 122 24.51 45.31 -11.33
CA GLN A 122 25.42 44.32 -10.78
C GLN A 122 24.96 43.83 -9.41
N ILE A 123 25.10 42.54 -9.16
CA ILE A 123 24.68 41.95 -7.89
C ILE A 123 25.85 41.90 -6.91
N GLU A 124 25.80 42.75 -5.89
CA GLU A 124 26.85 42.80 -4.88
C GLU A 124 26.38 42.17 -3.57
N LEU A 125 27.32 41.90 -2.68
CA LEU A 125 27.01 41.30 -1.39
C LEU A 125 27.48 42.18 -0.24
N SER A 126 27.00 41.89 0.96
CA SER A 126 27.38 42.65 2.14
C SER A 126 28.06 41.76 3.18
N GLY A 127 28.97 40.91 2.71
CA GLY A 127 29.69 40.02 3.61
C GLY A 127 30.62 39.07 2.87
N ALA A 128 30.24 38.70 1.64
CA ALA A 128 31.05 37.81 0.84
C ALA A 128 32.36 38.47 0.43
N GLU A 129 32.37 39.79 0.41
CA GLU A 129 33.57 40.55 0.03
C GLU A 129 34.73 40.22 0.96
N GLN A 130 35.85 40.90 0.76
CA GLN A 130 37.03 40.68 1.59
C GLN A 130 37.68 42.01 1.98
N GLN A 131 38.35 42.01 3.12
CA GLN A 131 39.02 43.21 3.61
C GLN A 131 40.35 42.87 4.28
N PRO A 132 41.35 42.52 3.46
CA PRO A 132 42.68 42.16 3.95
C PRO A 132 43.44 43.36 4.51
N LYS A 133 44.72 43.17 4.80
CA LYS A 133 45.55 44.24 5.34
C LYS A 133 45.49 45.48 4.46
N GLN A 4 -57.39 -126.75 -12.90
CA GLN A 4 -57.15 -126.45 -11.49
C GLN A 4 -56.19 -125.29 -11.34
N GLU A 5 -56.61 -124.26 -10.62
CA GLU A 5 -55.78 -123.07 -10.40
C GLU A 5 -55.34 -122.98 -8.94
N SER A 6 -54.33 -122.16 -8.68
CA SER A 6 -53.82 -121.98 -7.34
C SER A 6 -53.46 -120.52 -7.07
N VAL A 7 -54.13 -119.92 -6.10
CA VAL A 7 -53.88 -118.51 -5.75
C VAL A 7 -52.53 -118.35 -5.08
N THR A 8 -52.44 -118.79 -3.82
CA THR A 8 -51.20 -118.69 -3.06
C THR A 8 -50.81 -117.24 -2.84
N MET A 9 -51.79 -116.42 -2.44
CA MET A 9 -51.54 -115.01 -2.19
C MET A 9 -51.53 -114.71 -0.69
N ASP A 10 -50.38 -114.96 -0.06
CA ASP A 10 -50.23 -114.72 1.38
C ASP A 10 -50.56 -113.27 1.72
N GLY A 11 -50.24 -112.37 0.80
CA GLY A 11 -50.50 -110.96 1.03
C GLY A 11 -49.39 -110.29 1.82
N LYS A 12 -48.68 -109.37 1.17
CA LYS A 12 -47.59 -108.65 1.82
C LYS A 12 -48.10 -107.37 2.48
N GLN A 13 -47.51 -107.03 3.62
CA GLN A 13 -47.90 -105.82 4.35
C GLN A 13 -46.69 -104.94 4.65
N TYR A 14 -46.90 -103.63 4.64
CA TYR A 14 -45.83 -102.69 4.90
C TYR A 14 -46.03 -102.00 6.26
N SER A 15 -44.91 -101.59 6.87
CA SER A 15 -44.97 -100.93 8.17
C SER A 15 -43.93 -99.81 8.25
N THR A 16 -44.34 -98.68 8.82
CA THR A 16 -43.44 -97.53 8.94
C THR A 16 -43.57 -96.89 10.33
N ILE A 17 -42.49 -96.29 10.80
CA ILE A 17 -42.48 -95.65 12.10
C ILE A 17 -42.29 -94.14 11.97
N GLU A 18 -42.99 -93.39 12.80
CA GLU A 18 -42.90 -91.93 12.77
C GLU A 18 -42.78 -91.37 14.18
N VAL A 19 -42.07 -90.25 14.30
CA VAL A 19 -41.88 -89.60 15.60
C VAL A 19 -42.93 -88.52 15.84
N ASN A 20 -43.55 -88.56 17.01
CA ASN A 20 -44.58 -87.59 17.37
C ASN A 20 -45.75 -87.66 16.40
N GLY A 21 -45.87 -88.79 15.71
CA GLY A 21 -46.95 -88.97 14.75
C GLY A 21 -46.56 -88.54 13.35
N GLN A 22 -45.53 -87.71 13.25
CA GLN A 22 -45.06 -87.23 11.96
C GLN A 22 -43.54 -87.13 11.92
N THR A 23 -42.92 -87.85 11.01
CA THR A 23 -41.47 -87.84 10.87
C THR A 23 -40.99 -86.58 10.16
N TYR A 24 -40.30 -85.72 10.89
CA TYR A 24 -39.79 -84.48 10.33
C TYR A 24 -38.52 -84.04 11.05
N LEU A 25 -37.90 -82.97 10.55
CA LEU A 25 -36.68 -82.44 11.16
C LEU A 25 -36.93 -81.07 11.78
N ILE A 26 -36.09 -80.71 12.74
CA ILE A 26 -36.22 -79.42 13.43
C ILE A 26 -34.88 -78.70 13.50
N PRO A 27 -34.50 -78.07 12.39
CA PRO A 27 -33.23 -77.33 12.30
C PRO A 27 -33.25 -76.05 13.14
N ASP A 28 -32.06 -75.61 13.54
CA ASP A 28 -31.94 -74.40 14.35
C ASP A 28 -31.00 -73.39 13.69
N ASN A 29 -31.58 -72.37 13.08
CA ASN A 29 -30.80 -71.34 12.40
C ASN A 29 -31.51 -69.99 12.46
N GLY A 30 -30.72 -68.92 12.57
CA GLY A 30 -31.29 -67.59 12.65
C GLY A 30 -30.44 -66.64 13.47
N SER A 31 -29.55 -65.92 12.80
CA SER A 31 -28.66 -64.97 13.47
C SER A 31 -28.43 -63.73 12.62
N LYS A 32 -28.90 -62.59 13.11
CA LYS A 32 -28.72 -61.33 12.39
C LYS A 32 -27.98 -60.31 13.23
N LYS A 33 -26.68 -60.54 13.40
CA LYS A 33 -25.83 -59.63 14.18
C LYS A 33 -25.17 -58.60 13.28
N ARG A 34 -25.94 -57.61 12.84
CA ARG A 34 -25.42 -56.57 11.97
C ARG A 34 -25.83 -55.19 12.48
N VAL A 35 -24.99 -54.59 13.32
CA VAL A 35 -25.27 -53.27 13.88
C VAL A 35 -24.08 -52.34 13.73
N ALA A 36 -24.30 -51.19 13.11
CA ALA A 36 -23.23 -50.22 12.90
C ALA A 36 -23.80 -48.87 12.45
N ARG A 37 -23.40 -47.80 13.14
CA ARG A 37 -23.87 -46.46 12.82
C ARG A 37 -23.16 -45.42 13.68
N SER A 38 -22.32 -44.61 13.05
CA SER A 38 -21.57 -43.59 13.76
C SER A 38 -20.76 -42.73 12.78
N LEU A 39 -21.27 -41.53 12.49
CA LEU A 39 -20.60 -40.62 11.58
C LEU A 39 -20.76 -39.17 12.03
N ASP A 40 -19.64 -38.48 12.21
CA ASP A 40 -19.66 -37.09 12.64
C ASP A 40 -18.61 -36.28 11.89
N SER A 41 -19.06 -35.22 11.22
CA SER A 41 -18.15 -34.36 10.46
C SER A 41 -18.82 -33.01 10.15
N LYS A 42 -18.04 -31.94 10.29
CA LYS A 42 -18.54 -30.60 10.02
C LYS A 42 -17.58 -29.82 9.13
N VAL A 43 -18.03 -28.66 8.67
CA VAL A 43 -17.19 -27.81 7.81
C VAL A 43 -17.42 -26.33 8.12
N PRO A 44 -16.94 -25.90 9.29
CA PRO A 44 -17.07 -24.51 9.73
C PRO A 44 -16.21 -23.56 8.92
N GLN A 45 -16.33 -22.26 9.19
CA GLN A 45 -15.55 -21.26 8.49
C GLN A 45 -15.71 -19.89 9.14
N GLN A 46 -14.65 -19.09 9.11
CA GLN A 46 -14.67 -17.76 9.70
C GLN A 46 -13.52 -16.91 9.18
N THR A 47 -13.86 -15.78 8.57
CA THR A 47 -12.85 -14.88 8.02
C THR A 47 -13.39 -13.46 7.90
N LEU A 48 -12.62 -12.50 8.40
CA LEU A 48 -13.02 -11.09 8.35
C LEU A 48 -11.87 -10.21 7.88
N ARG A 49 -12.20 -9.05 7.31
CA ARG A 49 -11.19 -8.13 6.82
C ARG A 49 -11.64 -6.68 7.04
N ARG A 50 -10.68 -5.76 7.00
CA ARG A 50 -10.96 -4.34 7.19
C ARG A 50 -9.73 -3.49 6.91
N GLY A 51 -9.96 -2.22 6.58
CA GLY A 51 -8.85 -1.32 6.30
C GLY A 51 -9.17 -0.37 5.16
N ASP A 52 -9.17 0.93 5.45
CA ASP A 52 -9.44 1.94 4.44
C ASP A 52 -8.90 3.30 4.87
N VAL A 53 -8.27 3.99 3.94
CA VAL A 53 -7.69 5.30 4.22
C VAL A 53 -7.14 5.95 2.95
N LEU A 54 -7.39 7.24 2.79
CA LEU A 54 -6.91 7.97 1.62
C LEU A 54 -6.62 9.43 1.97
N MET A 55 -5.47 9.92 1.52
CA MET A 55 -5.07 11.29 1.78
C MET A 55 -4.33 11.88 0.59
N GLN A 56 -4.46 13.19 0.40
CA GLN A 56 -3.80 13.87 -0.71
C GLN A 56 -3.43 15.30 -0.32
N GLY A 57 -2.63 15.95 -1.16
CA GLY A 57 -2.21 17.31 -0.88
C GLY A 57 -0.80 17.59 -1.39
N ALA A 58 -0.66 18.68 -2.14
CA ALA A 58 0.64 19.06 -2.69
C ALA A 58 0.66 20.52 -3.10
N ALA A 59 1.46 21.32 -2.41
CA ALA A 59 1.57 22.74 -2.71
C ALA A 59 2.71 23.38 -1.92
N SER A 60 3.66 23.97 -2.65
CA SER A 60 4.81 24.61 -2.01
C SER A 60 5.04 25.99 -2.61
N PRO A 61 5.79 26.84 -1.88
CA PRO A 61 6.10 28.19 -2.32
C PRO A 61 7.07 28.21 -3.49
N GLU A 62 7.50 29.41 -3.88
CA GLU A 62 8.44 29.56 -4.99
C GLU A 62 8.95 30.99 -5.07
N LEU A 63 10.14 31.16 -5.66
CA LEU A 63 10.74 32.48 -5.80
C LEU A 63 11.94 32.43 -6.75
N THR A 64 11.78 32.99 -7.94
CA THR A 64 12.83 33.02 -8.94
C THR A 64 13.01 34.41 -9.53
N VAL A 65 14.13 35.05 -9.20
CA VAL A 65 14.42 36.39 -9.70
C VAL A 65 15.88 36.75 -9.50
N SER A 66 16.46 37.47 -10.46
CA SER A 66 17.86 37.88 -10.38
C SER A 66 18.10 39.12 -11.23
N GLY A 67 18.82 40.09 -10.68
CA GLY A 67 19.13 41.30 -11.40
C GLY A 67 20.38 41.99 -10.90
N THR A 68 20.20 42.95 -9.99
CA THR A 68 21.33 43.68 -9.43
C THR A 68 20.93 44.39 -8.14
N LEU A 69 21.92 44.91 -7.43
CA LEU A 69 21.68 45.62 -6.17
C LEU A 69 22.80 46.60 -5.87
N LEU A 70 22.47 47.89 -5.85
CA LEU A 70 23.45 48.93 -5.58
C LEU A 70 23.60 49.16 -4.08
N VAL A 71 24.67 48.62 -3.50
CA VAL A 71 24.92 48.77 -2.07
C VAL A 71 25.87 49.93 -1.81
N GLU A 72 25.49 50.80 -0.88
CA GLU A 72 26.32 51.95 -0.53
C GLU A 72 27.46 51.54 0.38
N ALA A 73 28.58 51.15 -0.23
CA ALA A 73 29.75 50.72 0.53
C ALA A 73 30.99 50.66 -0.35
N ASP A 74 32.14 50.39 0.25
CA ASP A 74 33.39 50.29 -0.48
C ASP A 74 33.60 48.88 -1.02
N ASP A 75 34.77 48.65 -1.62
CA ASP A 75 35.09 47.35 -2.17
C ASP A 75 35.15 46.29 -1.07
N ALA A 76 35.78 46.63 0.04
CA ALA A 76 35.91 45.72 1.16
C ALA A 76 34.55 45.15 1.57
N SER A 77 33.52 45.98 1.48
CA SER A 77 32.17 45.56 1.84
C SER A 77 31.49 44.87 0.67
N ALA A 78 31.77 45.33 -0.54
CA ALA A 78 31.19 44.75 -1.74
C ALA A 78 31.42 43.23 -1.78
N LYS A 79 32.68 42.83 -1.83
CA LYS A 79 33.02 41.41 -1.87
C LYS A 79 32.48 40.68 -0.65
N ALA A 80 32.30 41.42 0.44
CA ALA A 80 31.79 40.84 1.68
C ALA A 80 30.32 40.46 1.53
N LEU A 81 29.59 41.22 0.72
CA LEU A 81 28.17 40.97 0.50
C LEU A 81 27.97 39.92 -0.60
N ALA A 82 28.85 39.95 -1.60
CA ALA A 82 28.78 39.00 -2.70
C ALA A 82 29.06 37.58 -2.23
N THR A 83 29.88 37.46 -1.19
CA THR A 83 30.24 36.16 -0.65
C THR A 83 29.21 35.69 0.38
N ARG A 84 28.69 36.64 1.16
CA ARG A 84 27.70 36.32 2.18
C ARG A 84 26.33 36.08 1.55
N HIS A 85 25.82 37.10 0.87
CA HIS A 85 24.51 37.00 0.21
C HIS A 85 24.60 36.13 -1.05
N GLY A 86 25.81 36.02 -1.59
CA GLY A 86 26.00 35.22 -2.79
C GLY A 86 25.96 36.06 -4.05
N LEU A 87 26.12 37.38 -3.89
CA LEU A 87 26.09 38.29 -5.03
C LEU A 87 27.44 38.32 -5.73
N ASN A 88 27.61 39.27 -6.64
CA ASN A 88 28.86 39.41 -7.38
C ASN A 88 29.23 40.88 -7.55
N PHE A 89 30.26 41.32 -6.83
CA PHE A 89 30.72 42.70 -6.90
C PHE A 89 31.29 43.01 -8.27
N LYS A 90 30.61 43.90 -9.00
CA LYS A 90 31.06 44.29 -10.33
C LYS A 90 31.88 45.58 -10.27
N GLN A 91 31.26 46.66 -9.82
CA GLN A 91 31.94 47.94 -9.73
C GLN A 91 31.15 48.92 -8.86
N SER A 92 31.70 50.12 -8.68
CA SER A 92 31.03 51.14 -7.87
C SER A 92 31.25 52.52 -8.46
N SER A 93 30.26 53.39 -8.29
CA SER A 93 30.34 54.75 -8.82
C SER A 93 30.84 55.72 -7.75
N GLY A 94 31.79 55.25 -6.94
CA GLY A 94 32.35 56.07 -5.89
C GLY A 94 31.41 56.23 -4.71
N GLY A 95 30.39 55.38 -4.64
CA GLY A 95 29.43 55.44 -3.56
C GLY A 95 28.56 54.21 -3.49
N ILE A 96 28.02 53.80 -4.63
CA ILE A 96 27.15 52.63 -4.68
C ILE A 96 27.77 51.53 -5.55
N ALA A 97 27.93 50.35 -4.98
CA ALA A 97 28.51 49.22 -5.71
C ALA A 97 27.41 48.30 -6.25
N LEU A 98 27.35 48.19 -7.57
CA LEU A 98 26.35 47.35 -8.21
C LEU A 98 26.79 45.89 -8.22
N LEU A 99 26.14 45.07 -7.40
CA LEU A 99 26.47 43.66 -7.30
C LEU A 99 25.44 42.81 -8.07
N GLU A 100 25.85 41.61 -8.46
CA GLU A 100 24.97 40.71 -9.20
C GLU A 100 24.46 39.59 -8.29
N ALA A 101 23.17 39.62 -7.98
CA ALA A 101 22.57 38.60 -7.13
C ALA A 101 22.34 37.31 -7.89
N LYS A 102 22.65 36.19 -7.25
CA LYS A 102 22.47 34.88 -7.87
C LYS A 102 21.00 34.61 -8.18
N PRO A 103 20.74 33.73 -9.16
CA PRO A 103 19.39 33.37 -9.58
C PRO A 103 18.66 32.55 -8.52
N GLY A 104 17.58 33.10 -7.99
CA GLY A 104 16.81 32.41 -6.97
C GLY A 104 16.83 33.12 -5.63
N THR A 105 17.79 34.03 -5.47
CA THR A 105 17.92 34.78 -4.23
C THR A 105 17.09 36.07 -4.27
N ASP A 106 16.35 36.32 -3.20
CA ASP A 106 15.51 37.51 -3.11
C ASP A 106 16.36 38.75 -2.88
N LEU A 107 16.97 39.26 -3.95
CA LEU A 107 17.80 40.45 -3.86
C LEU A 107 17.05 41.61 -3.24
N ASN A 108 15.77 41.73 -3.57
CA ASN A 108 14.93 42.78 -3.05
C ASN A 108 14.87 42.73 -1.52
N ALA A 109 14.77 41.52 -0.99
CA ALA A 109 14.71 41.32 0.46
C ALA A 109 16.03 41.69 1.12
N ILE A 110 17.12 41.53 0.38
CA ILE A 110 18.45 41.86 0.89
C ILE A 110 18.57 43.34 1.23
N ALA A 111 18.04 44.19 0.35
CA ALA A 111 18.09 45.62 0.56
C ALA A 111 17.35 46.02 1.84
N THR A 112 16.38 45.20 2.22
CA THR A 112 15.60 45.45 3.43
C THR A 112 16.45 45.27 4.69
N LYS A 113 17.49 44.47 4.58
CA LYS A 113 18.38 44.21 5.70
C LYS A 113 19.42 45.31 5.84
N LEU A 114 19.76 45.94 4.72
CA LEU A 114 20.74 47.02 4.71
C LEU A 114 20.11 48.34 5.13
N LYS A 115 19.10 48.76 4.38
CA LYS A 115 18.40 50.00 4.67
C LYS A 115 17.86 50.00 6.10
N SER A 116 17.59 48.81 6.63
CA SER A 116 17.06 48.67 7.97
C SER A 116 17.99 49.31 9.00
N GLU A 117 19.28 49.34 8.67
CA GLU A 117 20.28 49.92 9.56
C GLU A 117 20.56 51.38 9.18
N GLY A 118 20.33 51.70 7.91
CA GLY A 118 20.56 53.06 7.44
C GLY A 118 21.46 53.10 6.23
N VAL A 119 21.36 52.08 5.38
CA VAL A 119 22.18 52.01 4.17
C VAL A 119 21.35 52.28 2.93
N ASN A 120 21.66 53.38 2.24
CA ASN A 120 20.94 53.75 1.03
C ASN A 120 21.34 52.88 -0.14
N VAL A 121 20.42 52.02 -0.57
CA VAL A 121 20.68 51.12 -1.69
C VAL A 121 19.58 51.23 -2.75
N GLN A 122 19.87 50.70 -3.94
CA GLN A 122 18.90 50.75 -5.03
C GLN A 122 18.82 49.39 -5.74
N ILE A 123 17.59 48.94 -6.00
CA ILE A 123 17.38 47.67 -6.66
C ILE A 123 17.40 47.82 -8.18
N GLU A 124 18.46 47.31 -8.81
CA GLU A 124 18.61 47.40 -10.25
C GLU A 124 18.39 46.03 -10.90
N LEU A 125 18.20 46.03 -12.21
CA LEU A 125 17.97 44.79 -12.95
C LEU A 125 18.91 44.70 -14.16
N SER A 126 19.16 43.48 -14.62
CA SER A 126 20.04 43.26 -15.75
C SER A 126 19.24 42.80 -16.97
N GLY A 127 18.22 43.58 -17.33
CA GLY A 127 17.40 43.24 -18.47
C GLY A 127 15.99 43.81 -18.36
N ALA A 128 15.52 43.97 -17.13
CA ALA A 128 14.18 44.49 -16.88
C ALA A 128 14.23 46.00 -16.64
N GLU A 129 14.52 46.75 -17.70
CA GLU A 129 14.59 48.21 -17.60
C GLU A 129 14.27 48.86 -18.94
N GLN A 130 14.18 50.19 -18.94
CA GLN A 130 13.88 50.93 -20.15
C GLN A 130 15.09 51.75 -20.61
N GLN A 131 16.20 51.07 -20.85
CA GLN A 131 17.42 51.72 -21.30
C GLN A 131 17.80 51.28 -22.71
N PRO A 132 17.03 51.77 -23.70
CA PRO A 132 17.28 51.43 -25.11
C PRO A 132 18.55 52.07 -25.64
N LYS A 133 18.76 51.96 -26.96
CA LYS A 133 19.94 52.52 -27.59
C LYS A 133 20.07 54.01 -27.29
N GLN A 4 -46.13 -127.24 -19.64
CA GLN A 4 -46.00 -127.05 -18.20
C GLN A 4 -46.69 -125.77 -17.75
N GLU A 5 -47.11 -125.74 -16.50
CA GLU A 5 -47.79 -124.58 -15.94
C GLU A 5 -47.03 -124.01 -14.75
N SER A 6 -47.18 -122.72 -14.52
CA SER A 6 -46.51 -122.05 -13.42
C SER A 6 -47.30 -120.83 -12.95
N VAL A 7 -47.46 -120.71 -11.63
CA VAL A 7 -48.19 -119.59 -11.05
C VAL A 7 -47.97 -119.51 -9.54
N THR A 8 -47.74 -118.29 -9.05
CA THR A 8 -47.51 -118.07 -7.63
C THR A 8 -47.66 -116.60 -7.27
N MET A 9 -48.13 -116.34 -6.06
CA MET A 9 -48.33 -114.97 -5.58
C MET A 9 -47.24 -114.59 -4.58
N ASP A 10 -46.36 -113.68 -4.99
CA ASP A 10 -45.28 -113.22 -4.14
C ASP A 10 -45.77 -112.19 -3.13
N GLY A 11 -46.62 -111.28 -3.61
CA GLY A 11 -47.15 -110.24 -2.74
C GLY A 11 -46.30 -108.99 -2.74
N LYS A 12 -46.95 -107.84 -2.62
CA LYS A 12 -46.24 -106.56 -2.60
C LYS A 12 -46.51 -105.80 -1.31
N GLN A 13 -45.45 -105.46 -0.59
CA GLN A 13 -45.57 -104.74 0.67
C GLN A 13 -44.58 -103.57 0.72
N TYR A 14 -44.76 -102.72 1.72
CA TYR A 14 -43.88 -101.56 1.89
C TYR A 14 -43.23 -101.55 3.27
N SER A 15 -42.34 -100.61 3.49
CA SER A 15 -41.64 -100.49 4.76
C SER A 15 -41.55 -99.03 5.21
N THR A 16 -42.29 -98.70 6.28
CA THR A 16 -42.30 -97.35 6.80
C THR A 16 -42.70 -97.33 8.26
N ILE A 17 -42.09 -96.43 9.04
CA ILE A 17 -42.40 -96.31 10.46
C ILE A 17 -42.66 -94.86 10.84
N GLU A 18 -43.93 -94.56 11.12
CA GLU A 18 -44.32 -93.20 11.50
C GLU A 18 -45.14 -93.22 12.79
N VAL A 19 -45.03 -92.16 13.57
CA VAL A 19 -45.74 -92.04 14.83
C VAL A 19 -47.04 -91.26 14.65
N ASN A 20 -48.16 -91.87 15.04
CA ASN A 20 -49.46 -91.23 14.91
C ASN A 20 -49.72 -90.79 13.48
N GLY A 21 -49.10 -91.49 12.53
CA GLY A 21 -49.28 -91.16 11.13
C GLY A 21 -48.83 -89.74 10.81
N GLN A 22 -47.89 -89.22 11.60
CA GLN A 22 -47.38 -87.88 11.39
C GLN A 22 -45.88 -87.82 11.64
N THR A 23 -45.26 -86.70 11.27
CA THR A 23 -43.83 -86.52 11.45
C THR A 23 -43.54 -85.40 12.44
N TYR A 24 -42.40 -85.50 13.12
CA TYR A 24 -42.01 -84.49 14.10
C TYR A 24 -41.01 -83.51 13.49
N LEU A 25 -41.26 -82.22 13.68
CA LEU A 25 -40.39 -81.18 13.15
C LEU A 25 -39.82 -80.33 14.28
N ILE A 26 -38.50 -80.14 14.26
CA ILE A 26 -37.83 -79.34 15.28
C ILE A 26 -37.01 -78.22 14.65
N PRO A 27 -37.68 -77.14 14.25
CA PRO A 27 -37.03 -75.97 13.63
C PRO A 27 -36.16 -75.21 14.62
N ASP A 28 -35.19 -74.47 14.09
CA ASP A 28 -34.29 -73.68 14.93
C ASP A 28 -34.30 -72.21 14.51
N ASN A 29 -34.82 -71.35 15.38
CA ASN A 29 -34.88 -69.92 15.09
C ASN A 29 -34.89 -69.11 16.39
N GLY A 30 -34.28 -67.93 16.33
CA GLY A 30 -34.23 -67.07 17.51
C GLY A 30 -33.04 -66.13 17.49
N SER A 31 -33.26 -64.91 17.02
CA SER A 31 -32.19 -63.92 16.95
C SER A 31 -32.73 -62.57 16.50
N LYS A 32 -32.16 -61.50 17.05
CA LYS A 32 -32.59 -60.15 16.71
C LYS A 32 -31.51 -59.13 17.08
N LYS A 33 -31.52 -57.98 16.40
CA LYS A 33 -30.56 -56.93 16.66
C LYS A 33 -31.18 -55.55 16.46
N ARG A 34 -30.61 -54.55 17.12
CA ARG A 34 -31.12 -53.19 17.01
C ARG A 34 -30.15 -52.20 17.67
N VAL A 35 -29.53 -51.36 16.85
CA VAL A 35 -28.59 -50.36 17.35
C VAL A 35 -28.13 -49.43 16.23
N ALA A 36 -27.91 -48.17 16.58
CA ALA A 36 -27.47 -47.16 15.61
C ALA A 36 -26.73 -46.02 16.29
N ARG A 37 -25.69 -45.52 15.64
CA ARG A 37 -24.90 -44.42 16.18
C ARG A 37 -24.32 -43.57 15.06
N SER A 38 -24.99 -42.46 14.75
CA SER A 38 -24.54 -41.56 13.70
C SER A 38 -25.25 -40.21 13.79
N LEU A 39 -24.57 -39.23 14.36
CA LEU A 39 -25.14 -37.89 14.52
C LEU A 39 -24.05 -36.88 14.86
N ASP A 40 -23.92 -35.85 14.03
CA ASP A 40 -22.92 -34.81 14.26
C ASP A 40 -23.10 -33.67 13.27
N SER A 41 -22.89 -32.44 13.74
CA SER A 41 -23.03 -31.27 12.90
C SER A 41 -22.44 -30.03 13.58
N LYS A 42 -21.32 -29.56 13.06
CA LYS A 42 -20.65 -28.38 13.62
C LYS A 42 -19.69 -27.78 12.61
N VAL A 43 -19.16 -26.60 12.94
CA VAL A 43 -18.22 -25.91 12.06
C VAL A 43 -17.31 -24.98 12.85
N PRO A 44 -16.38 -25.57 13.62
CA PRO A 44 -15.43 -24.81 14.43
C PRO A 44 -14.40 -24.07 13.59
N GLN A 45 -14.71 -22.82 13.27
CA GLN A 45 -13.81 -21.99 12.46
C GLN A 45 -14.28 -20.55 12.43
N GLN A 46 -13.48 -19.65 13.02
CA GLN A 46 -13.82 -18.23 13.05
C GLN A 46 -12.56 -17.38 12.98
N THR A 47 -12.33 -16.77 11.83
CA THR A 47 -11.17 -15.92 11.62
C THR A 47 -11.39 -14.94 10.48
N LEU A 48 -11.16 -13.66 10.74
CA LEU A 48 -11.34 -12.63 9.73
C LEU A 48 -10.89 -11.27 10.25
N ARG A 49 -10.02 -10.60 9.50
CA ARG A 49 -9.52 -9.29 9.88
C ARG A 49 -9.02 -8.51 8.67
N ARG A 50 -9.03 -7.19 8.78
CA ARG A 50 -8.58 -6.33 7.69
C ARG A 50 -8.57 -4.87 8.11
N GLY A 51 -7.58 -4.12 7.64
CA GLY A 51 -7.48 -2.72 7.98
C GLY A 51 -6.06 -2.28 8.28
N ASP A 52 -5.52 -1.41 7.43
CA ASP A 52 -4.15 -0.93 7.60
C ASP A 52 -3.90 0.31 6.75
N VAL A 53 -3.81 1.46 7.39
CA VAL A 53 -3.58 2.72 6.69
C VAL A 53 -2.78 3.69 7.55
N LEU A 54 -1.83 4.37 6.92
CA LEU A 54 -0.99 5.33 7.63
C LEU A 54 -0.13 6.13 6.65
N MET A 55 -0.33 7.44 6.63
CA MET A 55 0.42 8.32 5.75
C MET A 55 0.24 9.78 6.15
N GLN A 56 1.33 10.42 6.58
CA GLN A 56 1.29 11.81 7.00
C GLN A 56 2.64 12.47 6.78
N GLY A 57 2.67 13.80 6.92
CA GLY A 57 3.91 14.54 6.73
C GLY A 57 4.36 14.54 5.28
N ALA A 58 4.59 15.73 4.74
CA ALA A 58 5.04 15.87 3.35
C ALA A 58 5.36 17.32 3.01
N ALA A 59 6.65 17.61 2.87
CA ALA A 59 7.09 18.97 2.55
C ALA A 59 8.52 18.96 2.02
N SER A 60 8.89 20.02 1.31
CA SER A 60 10.23 20.15 0.75
C SER A 60 10.47 21.56 0.22
N PRO A 61 10.56 22.52 1.15
CA PRO A 61 10.80 23.93 0.81
C PRO A 61 12.21 24.17 0.29
N GLU A 62 12.33 25.10 -0.66
CA GLU A 62 13.63 25.42 -1.25
C GLU A 62 13.58 26.76 -1.97
N LEU A 63 14.74 27.36 -2.18
CA LEU A 63 14.83 28.65 -2.87
C LEU A 63 16.27 28.97 -3.23
N THR A 64 16.49 29.36 -4.49
CA THR A 64 17.82 29.69 -4.98
C THR A 64 17.78 30.91 -5.90
N VAL A 65 18.27 32.04 -5.40
CA VAL A 65 18.29 33.26 -6.18
C VAL A 65 19.62 33.99 -6.02
N SER A 66 20.15 34.51 -7.13
CA SER A 66 21.41 35.22 -7.12
C SER A 66 21.66 35.92 -8.45
N GLY A 67 21.92 37.22 -8.38
CA GLY A 67 22.18 37.98 -9.59
C GLY A 67 22.91 39.28 -9.32
N THR A 68 22.18 40.39 -9.26
CA THR A 68 22.78 41.69 -9.00
C THR A 68 21.73 42.69 -8.53
N LEU A 69 22.20 43.77 -7.92
CA LEU A 69 21.29 44.81 -7.41
C LEU A 69 21.89 46.20 -7.63
N LEU A 70 21.15 47.06 -8.33
CA LEU A 70 21.60 48.41 -8.60
C LEU A 70 21.08 49.39 -7.54
N VAL A 71 21.95 49.72 -6.59
CA VAL A 71 21.58 50.64 -5.52
C VAL A 71 22.08 52.06 -5.82
N GLU A 72 21.16 53.02 -5.81
CA GLU A 72 21.51 54.41 -6.07
C GLU A 72 22.25 55.02 -4.89
N ALA A 73 23.56 54.78 -4.83
CA ALA A 73 24.38 55.30 -3.75
C ALA A 73 25.87 55.24 -4.11
N ASP A 74 26.71 55.80 -3.24
CA ASP A 74 28.14 55.82 -3.46
C ASP A 74 28.79 54.53 -2.95
N ASP A 75 30.11 54.50 -2.94
CA ASP A 75 30.85 53.33 -2.48
C ASP A 75 30.64 53.12 -0.99
N ALA A 76 30.70 54.21 -0.23
CA ALA A 76 30.52 54.14 1.22
C ALA A 76 29.23 53.38 1.57
N SER A 77 28.19 53.60 0.79
CA SER A 77 26.91 52.95 1.02
C SER A 77 26.89 51.55 0.39
N ALA A 78 27.70 51.37 -0.64
CA ALA A 78 27.77 50.08 -1.33
C ALA A 78 28.25 48.99 -0.38
N LYS A 79 29.46 49.15 0.14
CA LYS A 79 30.03 48.18 1.06
C LYS A 79 29.12 47.95 2.26
N ALA A 80 28.55 49.03 2.78
CA ALA A 80 27.65 48.94 3.93
C ALA A 80 26.53 47.94 3.67
N LEU A 81 25.97 47.99 2.47
CA LEU A 81 24.88 47.09 2.09
C LEU A 81 25.43 45.70 1.76
N ALA A 82 26.64 45.66 1.21
CA ALA A 82 27.26 44.40 0.84
C ALA A 82 27.58 43.56 2.08
N THR A 83 27.89 44.24 3.18
CA THR A 83 28.22 43.56 4.43
C THR A 83 26.95 43.25 5.23
N ARG A 84 25.97 44.14 5.15
CA ARG A 84 24.72 43.96 5.87
C ARG A 84 23.83 42.94 5.16
N HIS A 85 23.47 43.23 3.91
CA HIS A 85 22.62 42.33 3.13
C HIS A 85 23.42 41.13 2.64
N GLY A 86 24.73 41.28 2.60
CA GLY A 86 25.59 40.19 2.15
C GLY A 86 25.94 40.30 0.67
N LEU A 87 25.76 41.50 0.12
CA LEU A 87 26.05 41.73 -1.30
C LEU A 87 27.54 41.98 -1.51
N ASN A 88 27.90 42.42 -2.71
CA ASN A 88 29.29 42.69 -3.04
C ASN A 88 29.39 43.79 -4.09
N PHE A 89 29.83 44.97 -3.66
CA PHE A 89 29.98 46.11 -4.56
C PHE A 89 31.14 45.90 -5.52
N LYS A 90 30.85 45.97 -6.82
CA LYS A 90 31.87 45.79 -7.84
C LYS A 90 32.08 47.07 -8.64
N GLN A 91 30.99 47.57 -9.24
CA GLN A 91 31.06 48.79 -10.02
C GLN A 91 29.71 49.51 -10.03
N SER A 92 29.68 50.69 -10.65
CA SER A 92 28.46 51.47 -10.72
C SER A 92 28.35 52.19 -12.06
N SER A 93 27.12 52.58 -12.43
CA SER A 93 26.89 53.28 -13.69
C SER A 93 26.88 54.78 -13.48
N GLY A 94 27.54 55.23 -12.42
CA GLY A 94 27.61 56.65 -12.13
C GLY A 94 26.51 57.09 -11.18
N GLY A 95 25.37 56.42 -11.24
CA GLY A 95 24.26 56.76 -10.38
C GLY A 95 23.74 55.57 -9.59
N ILE A 96 24.13 54.37 -10.01
CA ILE A 96 23.70 53.15 -9.34
C ILE A 96 24.85 52.15 -9.24
N ALA A 97 24.96 51.50 -8.10
CA ALA A 97 26.01 50.50 -7.87
C ALA A 97 25.45 49.09 -8.00
N LEU A 98 25.94 48.36 -9.00
CA LEU A 98 25.50 46.99 -9.23
C LEU A 98 26.24 46.02 -8.32
N LEU A 99 25.66 45.77 -7.15
CA LEU A 99 26.26 44.85 -6.18
C LEU A 99 25.86 43.41 -6.48
N GLU A 100 26.71 42.47 -6.06
CA GLU A 100 26.45 41.05 -6.28
C GLU A 100 25.98 40.38 -5.00
N ALA A 101 24.75 39.89 -5.01
CA ALA A 101 24.19 39.22 -3.85
C ALA A 101 24.63 37.77 -3.78
N LYS A 102 24.85 37.28 -2.56
CA LYS A 102 25.30 35.90 -2.35
C LYS A 102 24.29 34.92 -2.94
N PRO A 103 24.74 33.68 -3.19
CA PRO A 103 23.89 32.63 -3.75
C PRO A 103 22.83 32.15 -2.76
N GLY A 104 21.56 32.34 -3.12
CA GLY A 104 20.48 31.92 -2.25
C GLY A 104 19.73 33.10 -1.66
N THR A 105 20.37 34.25 -1.64
CA THR A 105 19.75 35.46 -1.08
C THR A 105 18.73 36.04 -2.04
N ASP A 106 17.61 36.50 -1.49
CA ASP A 106 16.54 37.08 -2.30
C ASP A 106 16.80 38.56 -2.57
N LEU A 107 17.73 38.83 -3.47
CA LEU A 107 18.08 40.21 -3.81
C LEU A 107 16.83 41.00 -4.22
N ASN A 108 15.87 40.31 -4.82
CA ASN A 108 14.63 40.94 -5.26
C ASN A 108 13.91 41.58 -4.07
N ALA A 109 14.09 41.00 -2.89
CA ALA A 109 13.45 41.50 -1.69
C ALA A 109 14.27 42.64 -1.07
N ILE A 110 15.59 42.56 -1.21
CA ILE A 110 16.47 43.58 -0.66
C ILE A 110 16.08 44.98 -1.15
N ALA A 111 15.87 45.10 -2.47
CA ALA A 111 15.48 46.36 -3.06
C ALA A 111 14.24 46.94 -2.38
N THR A 112 13.32 46.06 -2.00
CA THR A 112 12.09 46.48 -1.33
C THR A 112 12.39 47.12 0.01
N LYS A 113 13.53 46.78 0.60
CA LYS A 113 13.93 47.34 1.89
C LYS A 113 14.53 48.72 1.72
N LEU A 114 15.12 48.96 0.55
CA LEU A 114 15.75 50.25 0.26
C LEU A 114 14.70 51.27 -0.19
N LYS A 115 13.96 50.92 -1.23
CA LYS A 115 12.92 51.80 -1.76
C LYS A 115 11.97 52.26 -0.66
N SER A 116 11.82 51.42 0.37
CA SER A 116 10.95 51.75 1.49
C SER A 116 11.35 53.07 2.14
N GLU A 117 12.62 53.43 1.97
CA GLU A 117 13.13 54.67 2.54
C GLU A 117 12.96 55.83 1.56
N GLY A 118 12.92 55.50 0.27
CA GLY A 118 12.77 56.53 -0.75
C GLY A 118 13.91 56.53 -1.74
N VAL A 119 14.51 55.36 -1.96
CA VAL A 119 15.61 55.23 -2.90
C VAL A 119 15.18 54.50 -4.16
N ASN A 120 15.75 54.89 -5.29
CA ASN A 120 15.42 54.27 -6.57
C ASN A 120 16.49 53.24 -6.96
N VAL A 121 16.11 51.96 -6.91
CA VAL A 121 17.03 50.89 -7.25
C VAL A 121 16.46 50.01 -8.37
N GLN A 122 17.31 49.21 -8.98
CA GLN A 122 16.90 48.32 -10.06
C GLN A 122 17.44 46.91 -9.85
N ILE A 123 16.64 45.91 -10.21
CA ILE A 123 17.06 44.52 -10.07
C ILE A 123 17.71 44.01 -11.35
N GLU A 124 19.02 43.82 -11.31
CA GLU A 124 19.77 43.34 -12.47
C GLU A 124 20.11 41.86 -12.30
N LEU A 125 20.32 41.19 -13.42
CA LEU A 125 20.66 39.76 -13.42
C LEU A 125 21.88 39.49 -14.30
N SER A 126 22.67 38.49 -13.91
CA SER A 126 23.86 38.13 -14.66
C SER A 126 23.60 36.91 -15.54
N GLY A 127 22.48 36.93 -16.25
CA GLY A 127 22.13 35.83 -17.13
C GLY A 127 20.64 35.75 -17.40
N ALA A 128 20.03 36.91 -17.66
CA ALA A 128 18.61 36.98 -17.94
C ALA A 128 18.34 37.75 -19.23
N GLU A 129 19.32 37.78 -20.11
CA GLU A 129 19.19 38.49 -21.38
C GLU A 129 19.87 37.72 -22.51
N GLN A 130 19.89 38.32 -23.70
CA GLN A 130 20.50 37.69 -24.86
C GLN A 130 21.89 38.27 -25.11
N GLN A 131 22.72 37.50 -25.81
CA GLN A 131 24.08 37.93 -26.12
C GLN A 131 24.28 38.07 -27.63
N PRO A 132 23.64 39.08 -28.23
CA PRO A 132 23.73 39.34 -29.67
C PRO A 132 25.11 39.85 -30.08
N LYS A 133 25.22 40.25 -31.34
CA LYS A 133 26.49 40.77 -31.85
C LYS A 133 27.03 41.89 -30.97
N GLN A 4 -45.99 -80.36 -38.55
CA GLN A 4 -45.01 -80.30 -37.48
C GLN A 4 -45.67 -80.52 -36.12
N GLU A 5 -44.86 -80.73 -35.09
CA GLU A 5 -45.38 -80.96 -33.75
C GLU A 5 -44.24 -80.94 -32.73
N SER A 6 -44.59 -81.19 -31.47
CA SER A 6 -43.60 -81.20 -30.39
C SER A 6 -44.19 -81.81 -29.12
N VAL A 7 -43.38 -82.63 -28.44
CA VAL A 7 -43.82 -83.27 -27.21
C VAL A 7 -42.98 -82.82 -26.03
N THR A 8 -43.22 -81.59 -25.58
CA THR A 8 -42.49 -81.04 -24.45
C THR A 8 -43.29 -81.16 -23.15
N MET A 9 -42.58 -81.34 -22.04
CA MET A 9 -43.23 -81.48 -20.75
C MET A 9 -42.33 -80.95 -19.63
N ASP A 10 -42.94 -80.59 -18.51
CA ASP A 10 -42.19 -80.07 -17.36
C ASP A 10 -43.12 -79.84 -16.17
N GLY A 11 -42.52 -79.69 -15.00
CA GLY A 11 -43.30 -79.47 -13.78
C GLY A 11 -42.63 -80.05 -12.55
N LYS A 12 -43.20 -79.75 -11.39
CA LYS A 12 -42.66 -80.25 -10.13
C LYS A 12 -43.66 -80.05 -8.99
N GLN A 13 -43.49 -80.82 -7.91
CA GLN A 13 -44.36 -80.73 -6.77
C GLN A 13 -43.62 -81.05 -5.48
N TYR A 14 -43.78 -80.20 -4.47
CA TYR A 14 -43.12 -80.40 -3.18
C TYR A 14 -43.94 -79.80 -2.05
N SER A 15 -44.01 -80.52 -0.94
CA SER A 15 -44.77 -80.06 0.23
C SER A 15 -43.86 -79.38 1.24
N THR A 16 -43.93 -78.06 1.30
CA THR A 16 -43.11 -77.28 2.22
C THR A 16 -43.76 -75.94 2.54
N ILE A 17 -43.58 -75.48 3.77
CA ILE A 17 -44.15 -74.21 4.20
C ILE A 17 -43.05 -73.23 4.64
N GLU A 18 -42.93 -72.13 3.90
CA GLU A 18 -41.92 -71.11 4.21
C GLU A 18 -42.58 -69.85 4.74
N VAL A 19 -42.14 -69.41 5.91
CA VAL A 19 -42.68 -68.21 6.53
C VAL A 19 -41.64 -67.08 6.54
N ASN A 20 -41.95 -65.99 5.85
CA ASN A 20 -41.05 -64.85 5.78
C ASN A 20 -39.73 -65.24 5.13
N GLY A 21 -39.74 -66.35 4.39
CA GLY A 21 -38.54 -66.81 3.73
C GLY A 21 -37.74 -67.78 4.58
N GLN A 22 -37.97 -67.75 5.89
CA GLN A 22 -37.27 -68.63 6.81
C GLN A 22 -38.23 -69.17 7.88
N THR A 23 -38.35 -70.50 7.94
CA THR A 23 -39.23 -71.14 8.91
C THR A 23 -38.44 -72.05 9.84
N TYR A 24 -38.23 -71.58 11.07
CA TYR A 24 -37.48 -72.35 12.06
C TYR A 24 -37.55 -71.68 13.43
N LEU A 25 -37.71 -72.49 14.47
CA LEU A 25 -37.79 -71.98 15.84
C LEU A 25 -36.75 -72.66 16.73
N ILE A 26 -35.87 -71.87 17.31
CA ILE A 26 -34.83 -72.39 18.19
C ILE A 26 -34.60 -71.46 19.38
N PRO A 27 -34.08 -72.03 20.48
CA PRO A 27 -33.80 -71.27 21.70
C PRO A 27 -32.63 -70.31 21.53
N ASP A 28 -32.84 -69.06 21.94
CA ASP A 28 -31.80 -68.04 21.82
C ASP A 28 -30.97 -67.97 23.12
N ASN A 29 -29.71 -68.40 23.03
CA ASN A 29 -28.83 -68.38 24.18
C ASN A 29 -27.70 -67.36 23.99
N GLY A 30 -27.18 -66.84 25.09
CA GLY A 30 -26.10 -65.87 25.02
C GLY A 30 -26.54 -64.49 25.48
N SER A 31 -26.38 -64.23 26.78
CA SER A 31 -26.75 -62.94 27.35
C SER A 31 -25.76 -62.51 28.42
N LYS A 32 -25.68 -61.21 28.66
CA LYS A 32 -24.78 -60.66 29.67
C LYS A 32 -25.12 -59.21 29.98
N LYS A 33 -24.33 -58.59 30.85
CA LYS A 33 -24.56 -57.21 31.23
C LYS A 33 -23.24 -56.51 31.57
N ARG A 34 -22.82 -55.59 30.71
CA ARG A 34 -21.58 -54.86 30.91
C ARG A 34 -21.53 -53.61 30.04
N VAL A 35 -21.06 -52.51 30.62
CA VAL A 35 -20.97 -51.24 29.90
C VAL A 35 -20.32 -50.17 30.75
N ALA A 36 -19.45 -49.38 30.15
CA ALA A 36 -18.76 -48.31 30.85
C ALA A 36 -18.31 -47.20 29.88
N ARG A 37 -17.81 -46.10 30.44
CA ARG A 37 -17.35 -44.99 29.63
C ARG A 37 -16.81 -43.86 30.51
N SER A 38 -15.49 -43.66 30.46
CA SER A 38 -14.86 -42.61 31.25
C SER A 38 -13.37 -42.52 30.94
N LEU A 39 -12.99 -41.49 30.19
CA LEU A 39 -11.59 -41.29 29.81
C LEU A 39 -11.38 -39.90 29.24
N ASP A 40 -10.74 -39.03 30.01
CA ASP A 40 -10.47 -37.66 29.58
C ASP A 40 -9.52 -36.96 30.54
N SER A 41 -8.50 -36.31 30.00
CA SER A 41 -7.52 -35.61 30.82
C SER A 41 -6.74 -34.60 29.97
N LYS A 42 -6.98 -33.32 30.20
CA LYS A 42 -6.30 -32.26 29.47
C LYS A 42 -6.61 -30.89 30.08
N VAL A 43 -5.65 -29.99 29.99
CA VAL A 43 -5.82 -28.64 30.53
C VAL A 43 -4.71 -27.72 30.04
N PRO A 44 -4.83 -27.25 28.78
CA PRO A 44 -3.85 -26.35 28.17
C PRO A 44 -3.88 -24.95 28.79
N GLN A 45 -2.73 -24.52 29.30
CA GLN A 45 -2.62 -23.21 29.92
C GLN A 45 -1.16 -22.77 30.02
N GLN A 46 -0.77 -21.83 29.18
CA GLN A 46 0.60 -21.32 29.17
C GLN A 46 0.70 -20.03 28.36
N THR A 47 0.90 -18.91 29.04
CA THR A 47 1.01 -17.62 28.38
C THR A 47 1.97 -16.70 29.13
N LEU A 48 2.68 -15.85 28.39
CA LEU A 48 3.62 -14.92 28.99
C LEU A 48 4.11 -13.90 27.96
N ARG A 49 3.63 -12.68 28.07
CA ARG A 49 4.02 -11.61 27.16
C ARG A 49 3.70 -10.23 27.74
N ARG A 50 4.56 -9.27 27.45
CA ARG A 50 4.39 -7.91 27.96
C ARG A 50 5.44 -6.97 27.38
N GLY A 51 5.01 -5.78 26.96
CA GLY A 51 5.93 -4.81 26.39
C GLY A 51 6.43 -5.23 25.04
N ASP A 52 6.00 -4.52 23.99
CA ASP A 52 6.41 -4.82 22.64
C ASP A 52 5.93 -3.74 21.66
N VAL A 53 6.89 -3.10 20.99
CA VAL A 53 6.56 -2.03 20.04
C VAL A 53 7.79 -1.62 19.25
N LEU A 54 7.61 -1.44 17.94
CA LEU A 54 8.71 -1.04 17.07
C LEU A 54 8.20 -0.27 15.86
N MET A 55 8.61 0.98 15.73
CA MET A 55 8.20 1.82 14.62
C MET A 55 8.91 3.16 14.64
N GLN A 56 9.07 3.77 13.47
CA GLN A 56 9.74 5.06 13.36
C GLN A 56 9.65 5.60 11.94
N GLY A 57 9.91 6.90 11.78
CA GLY A 57 9.84 7.52 10.48
C GLY A 57 8.49 8.13 10.19
N ALA A 58 8.26 9.32 10.72
CA ALA A 58 7.00 10.02 10.51
C ALA A 58 7.23 11.48 10.10
N ALA A 59 7.43 11.69 8.81
CA ALA A 59 7.67 13.03 8.29
C ALA A 59 7.65 13.04 6.76
N SER A 60 7.04 14.06 6.18
CA SER A 60 6.96 14.19 4.73
C SER A 60 7.29 15.60 4.28
N PRO A 61 8.58 15.97 4.40
CA PRO A 61 9.06 17.31 4.02
C PRO A 61 9.03 17.52 2.50
N GLU A 62 8.60 18.70 2.08
CA GLU A 62 8.53 19.02 0.66
C GLU A 62 9.06 20.43 0.39
N LEU A 63 9.16 20.78 -0.88
CA LEU A 63 9.66 22.10 -1.27
C LEU A 63 9.14 22.49 -2.66
N THR A 64 8.87 23.77 -2.84
CA THR A 64 8.37 24.28 -4.12
C THR A 64 8.38 25.80 -4.14
N VAL A 65 9.33 26.37 -4.89
CA VAL A 65 9.44 27.81 -5.00
C VAL A 65 9.77 28.22 -6.43
N SER A 66 9.27 29.38 -6.84
CA SER A 66 9.50 29.89 -8.19
C SER A 66 8.90 31.29 -8.36
N GLY A 67 9.67 32.17 -8.98
CA GLY A 67 9.20 33.53 -9.19
C GLY A 67 10.15 34.35 -10.06
N THR A 68 11.06 35.07 -9.41
CA THR A 68 12.02 35.89 -10.12
C THR A 68 13.20 36.27 -9.22
N LEU A 69 14.30 36.68 -9.83
CA LEU A 69 15.49 37.07 -9.08
C LEU A 69 16.17 38.27 -9.74
N LEU A 70 16.38 39.32 -8.95
CA LEU A 70 17.02 40.53 -9.44
C LEU A 70 18.51 40.53 -9.14
N VAL A 71 19.32 40.17 -10.14
CA VAL A 71 20.77 40.13 -9.97
C VAL A 71 21.43 41.36 -10.57
N GLU A 72 22.22 42.06 -9.76
CA GLU A 72 22.91 43.25 -10.21
C GLU A 72 24.08 42.90 -11.12
N ALA A 73 23.79 42.74 -12.41
CA ALA A 73 24.81 42.40 -13.39
C ALA A 73 24.33 42.68 -14.81
N ASP A 74 25.25 42.61 -15.76
CA ASP A 74 24.91 42.86 -17.17
C ASP A 74 24.26 41.63 -17.80
N ASP A 75 23.87 41.76 -19.06
CA ASP A 75 23.25 40.66 -19.78
C ASP A 75 24.17 39.44 -19.84
N ALA A 76 25.45 39.70 -20.10
CA ALA A 76 26.44 38.63 -20.19
C ALA A 76 26.42 37.77 -18.93
N SER A 77 26.19 38.40 -17.78
CA SER A 77 26.16 37.68 -16.51
C SER A 77 24.82 36.98 -16.32
N ALA A 78 23.74 37.63 -16.75
CA ALA A 78 22.41 37.07 -16.63
C ALA A 78 22.35 35.66 -17.22
N LYS A 79 22.61 35.55 -18.51
CA LYS A 79 22.60 34.26 -19.19
C LYS A 79 23.49 33.25 -18.46
N ALA A 80 24.58 33.73 -17.90
CA ALA A 80 25.51 32.88 -17.18
C ALA A 80 24.85 32.25 -15.96
N LEU A 81 24.03 33.04 -15.27
CA LEU A 81 23.33 32.56 -14.09
C LEU A 81 22.09 31.75 -14.47
N ALA A 82 21.47 32.13 -15.58
CA ALA A 82 20.28 31.45 -16.07
C ALA A 82 20.60 30.02 -16.50
N THR A 83 21.82 29.83 -16.99
CA THR A 83 22.26 28.51 -17.44
C THR A 83 22.81 27.68 -16.28
N ARG A 84 23.47 28.35 -15.34
CA ARG A 84 24.05 27.67 -14.20
C ARG A 84 22.98 27.35 -13.17
N HIS A 85 22.31 28.39 -12.66
CA HIS A 85 21.26 28.21 -11.66
C HIS A 85 19.99 27.67 -12.31
N GLY A 86 19.86 27.87 -13.62
CA GLY A 86 18.69 27.40 -14.33
C GLY A 86 17.63 28.47 -14.48
N LEU A 87 18.04 29.72 -14.31
CA LEU A 87 17.11 30.85 -14.42
C LEU A 87 16.90 31.25 -15.88
N ASN A 88 16.24 32.38 -16.09
CA ASN A 88 15.98 32.87 -17.44
C ASN A 88 16.03 34.40 -17.48
N PHE A 89 17.09 34.93 -18.10
CA PHE A 89 17.26 36.38 -18.21
C PHE A 89 16.13 36.99 -19.04
N LYS A 90 15.37 37.89 -18.42
CA LYS A 90 14.27 38.55 -19.10
C LYS A 90 14.66 39.97 -19.51
N GLN A 91 15.01 40.79 -18.53
CA GLN A 91 15.40 42.17 -18.79
C GLN A 91 15.99 42.83 -17.54
N SER A 92 16.44 44.06 -17.68
CA SER A 92 17.02 44.79 -16.56
C SER A 92 16.34 46.15 -16.38
N SER A 93 16.20 46.57 -15.13
CA SER A 93 15.56 47.84 -14.81
C SER A 93 16.44 48.67 -13.89
N GLY A 94 17.31 49.49 -14.49
CA GLY A 94 18.20 50.33 -13.71
C GLY A 94 19.57 49.71 -13.51
N GLY A 95 19.61 48.59 -12.78
CA GLY A 95 20.87 47.92 -12.53
C GLY A 95 20.68 46.51 -11.98
N ILE A 96 19.54 45.91 -12.29
CA ILE A 96 19.24 44.57 -11.81
C ILE A 96 18.51 43.77 -12.88
N ALA A 97 19.00 42.55 -13.13
CA ALA A 97 18.39 41.68 -14.13
C ALA A 97 17.39 40.73 -13.48
N LEU A 98 16.12 40.87 -13.86
CA LEU A 98 15.07 40.01 -13.31
C LEU A 98 15.01 38.68 -14.04
N LEU A 99 15.70 37.68 -13.50
CA LEU A 99 15.73 36.36 -14.09
C LEU A 99 14.58 35.51 -13.59
N GLU A 100 14.15 34.55 -14.41
CA GLU A 100 13.05 33.67 -14.04
C GLU A 100 13.56 32.28 -13.67
N ALA A 101 13.44 31.94 -12.39
CA ALA A 101 13.89 30.64 -11.91
C ALA A 101 12.85 29.56 -12.17
N LYS A 102 13.32 28.37 -12.56
CA LYS A 102 12.43 27.26 -12.86
C LYS A 102 11.63 26.87 -11.60
N PRO A 103 10.53 26.15 -11.83
CA PRO A 103 9.65 25.69 -10.74
C PRO A 103 10.30 24.61 -9.89
N GLY A 104 10.50 24.92 -8.60
CA GLY A 104 11.12 23.96 -7.70
C GLY A 104 12.46 24.43 -7.19
N THR A 105 13.04 25.41 -7.87
CA THR A 105 14.33 25.95 -7.48
C THR A 105 14.20 26.98 -6.35
N ASP A 106 15.14 26.97 -5.44
CA ASP A 106 15.13 27.90 -4.31
C ASP A 106 15.86 29.20 -4.66
N LEU A 107 15.21 30.03 -5.47
CA LEU A 107 15.80 31.29 -5.89
C LEU A 107 16.19 32.14 -4.68
N ASN A 108 15.46 31.96 -3.57
CA ASN A 108 15.73 32.70 -2.34
C ASN A 108 17.13 32.37 -1.82
N ALA A 109 17.50 31.10 -1.92
CA ALA A 109 18.82 30.66 -1.45
C ALA A 109 19.93 31.12 -2.39
N ILE A 110 19.58 31.27 -3.66
CA ILE A 110 20.55 31.71 -4.66
C ILE A 110 21.08 33.10 -4.35
N ALA A 111 20.17 34.02 -4.08
CA ALA A 111 20.54 35.39 -3.75
C ALA A 111 21.54 35.43 -2.60
N THR A 112 21.40 34.48 -1.68
CA THR A 112 22.29 34.40 -0.52
C THR A 112 23.73 34.13 -0.95
N LYS A 113 23.89 33.52 -2.12
CA LYS A 113 25.22 33.20 -2.63
C LYS A 113 25.86 34.43 -3.29
N LEU A 114 25.01 35.32 -3.78
CA LEU A 114 25.49 36.55 -4.43
C LEU A 114 25.84 37.61 -3.39
N LYS A 115 24.85 38.00 -2.60
CA LYS A 115 25.06 39.01 -1.56
C LYS A 115 26.17 38.59 -0.61
N SER A 116 26.41 37.29 -0.52
CA SER A 116 27.45 36.76 0.37
C SER A 116 28.81 37.36 0.01
N GLU A 117 28.97 37.76 -1.25
CA GLU A 117 30.21 38.36 -1.72
C GLU A 117 30.12 39.87 -1.74
N GLY A 118 28.91 40.39 -1.88
CA GLY A 118 28.71 41.83 -1.91
C GLY A 118 27.93 42.28 -3.13
N VAL A 119 27.00 41.44 -3.57
CA VAL A 119 26.18 41.75 -4.74
C VAL A 119 24.76 42.15 -4.33
N ASN A 120 24.33 43.32 -4.79
CA ASN A 120 22.99 43.82 -4.47
C ASN A 120 21.93 43.11 -5.31
N VAL A 121 21.14 42.27 -4.67
CA VAL A 121 20.09 41.53 -5.37
C VAL A 121 18.79 41.53 -4.56
N GLN A 122 17.69 41.18 -5.21
CA GLN A 122 16.39 41.13 -4.55
C GLN A 122 15.57 39.94 -5.03
N ILE A 123 14.88 39.28 -4.11
CA ILE A 123 14.06 38.13 -4.44
C ILE A 123 12.64 38.55 -4.81
N GLU A 124 12.33 38.51 -6.10
CA GLU A 124 11.01 38.89 -6.58
C GLU A 124 10.16 37.65 -6.87
N LEU A 125 8.85 37.85 -6.96
CA LEU A 125 7.93 36.75 -7.23
C LEU A 125 7.07 37.05 -8.45
N SER A 126 6.43 36.02 -8.99
CA SER A 126 5.58 36.18 -10.17
C SER A 126 4.14 35.79 -9.84
N GLY A 127 3.66 36.23 -8.69
CA GLY A 127 2.30 35.93 -8.28
C GLY A 127 2.15 35.85 -6.78
N ALA A 128 2.82 36.76 -6.07
CA ALA A 128 2.75 36.80 -4.61
C ALA A 128 2.08 38.09 -4.12
N GLU A 129 2.16 39.13 -4.94
CA GLU A 129 1.56 40.41 -4.58
C GLU A 129 0.22 40.61 -5.29
N GLN A 130 -0.48 41.66 -4.92
CA GLN A 130 -1.79 41.96 -5.51
C GLN A 130 -1.66 43.05 -6.57
N GLN A 131 -2.70 43.19 -7.39
CA GLN A 131 -2.70 44.20 -8.45
C GLN A 131 -4.09 44.83 -8.58
N PRO A 132 -4.11 46.17 -8.74
CA PRO A 132 -5.35 46.93 -8.89
C PRO A 132 -6.04 46.65 -10.22
N LYS A 133 -7.09 47.42 -10.50
CA LYS A 133 -7.84 47.26 -11.74
C LYS A 133 -6.91 47.28 -12.95
N GLN A 4 -78.37 -125.39 9.93
CA GLN A 4 -76.92 -125.25 9.86
C GLN A 4 -76.50 -123.83 10.23
N GLU A 5 -75.27 -123.68 10.70
CA GLU A 5 -74.74 -122.38 11.09
C GLU A 5 -73.23 -122.44 11.28
N SER A 6 -72.53 -121.51 10.63
CA SER A 6 -71.07 -121.45 10.73
C SER A 6 -70.61 -120.05 11.07
N VAL A 7 -69.29 -119.86 11.13
CA VAL A 7 -68.71 -118.56 11.44
C VAL A 7 -67.69 -118.14 10.39
N THR A 8 -67.20 -116.92 10.50
CA THR A 8 -66.21 -116.39 9.56
C THR A 8 -65.13 -115.61 10.28
N MET A 9 -63.98 -115.44 9.62
CA MET A 9 -62.86 -114.71 10.20
C MET A 9 -62.30 -113.71 9.19
N ASP A 10 -61.70 -112.64 9.72
CA ASP A 10 -61.11 -111.60 8.87
C ASP A 10 -60.37 -110.57 9.71
N GLY A 11 -59.66 -109.67 9.03
CA GLY A 11 -58.91 -108.65 9.73
C GLY A 11 -58.09 -107.79 8.79
N LYS A 12 -58.15 -106.47 9.00
CA LYS A 12 -57.41 -105.54 8.16
C LYS A 12 -56.20 -104.98 8.91
N GLN A 13 -55.09 -104.81 8.19
CA GLN A 13 -53.87 -104.28 8.77
C GLN A 13 -53.04 -103.51 7.74
N TYR A 14 -52.22 -102.59 8.22
CA TYR A 14 -51.38 -101.79 7.34
C TYR A 14 -49.89 -102.05 7.61
N SER A 15 -49.05 -101.69 6.65
CA SER A 15 -47.61 -101.90 6.78
C SER A 15 -46.85 -100.73 6.16
N THR A 16 -46.05 -100.04 6.99
CA THR A 16 -45.27 -98.91 6.52
C THR A 16 -43.77 -99.18 6.67
N ILE A 17 -42.97 -98.47 5.88
CA ILE A 17 -41.51 -98.64 5.93
C ILE A 17 -40.83 -97.34 6.38
N GLU A 18 -39.87 -97.48 7.28
CA GLU A 18 -39.13 -96.32 7.79
C GLU A 18 -37.65 -96.65 7.94
N VAL A 19 -36.81 -95.63 7.78
CA VAL A 19 -35.37 -95.80 7.89
C VAL A 19 -34.89 -95.48 9.30
N ASN A 20 -34.02 -96.34 9.84
CA ASN A 20 -33.49 -96.15 11.18
C ASN A 20 -34.61 -96.15 12.21
N GLY A 21 -35.75 -96.73 11.84
CA GLY A 21 -36.88 -96.79 12.75
C GLY A 21 -37.82 -95.61 12.59
N GLN A 22 -37.31 -94.53 12.02
CA GLN A 22 -38.11 -93.32 11.82
C GLN A 22 -37.76 -92.65 10.49
N THR A 23 -38.76 -92.52 9.63
CA THR A 23 -38.57 -91.90 8.32
C THR A 23 -38.14 -90.45 8.47
N TYR A 24 -36.97 -90.12 7.94
CA TYR A 24 -36.45 -88.76 8.00
C TYR A 24 -36.66 -88.03 6.68
N LEU A 25 -36.66 -86.70 6.74
CA LEU A 25 -36.85 -85.88 5.55
C LEU A 25 -35.64 -84.97 5.32
N ILE A 26 -35.37 -84.67 4.05
CA ILE A 26 -34.24 -83.82 3.70
C ILE A 26 -34.74 -82.52 3.07
N PRO A 27 -35.14 -81.56 3.91
CA PRO A 27 -35.62 -80.25 3.45
C PRO A 27 -34.52 -79.40 2.85
N ASP A 28 -34.91 -78.44 2.01
CA ASP A 28 -33.94 -77.55 1.37
C ASP A 28 -34.09 -76.12 1.89
N ASN A 29 -32.97 -75.50 2.25
CA ASN A 29 -32.98 -74.14 2.77
C ASN A 29 -31.56 -73.62 2.94
N GLY A 30 -31.44 -72.35 3.34
CA GLY A 30 -30.14 -71.75 3.53
C GLY A 30 -30.06 -70.35 2.97
N SER A 31 -29.84 -69.37 3.85
CA SER A 31 -29.74 -67.98 3.43
C SER A 31 -29.02 -67.15 4.48
N LYS A 32 -27.93 -66.50 4.07
CA LYS A 32 -27.14 -65.68 4.98
C LYS A 32 -26.21 -64.74 4.20
N LYS A 33 -26.13 -63.50 4.64
CA LYS A 33 -25.27 -62.51 3.98
C LYS A 33 -25.25 -61.21 4.76
N ARG A 34 -24.05 -60.71 5.07
CA ARG A 34 -23.90 -59.48 5.81
C ARG A 34 -22.65 -58.73 5.36
N VAL A 35 -22.76 -57.40 5.28
CA VAL A 35 -21.64 -56.57 4.86
C VAL A 35 -21.84 -55.12 5.29
N ALA A 36 -20.77 -54.48 5.73
CA ALA A 36 -20.82 -53.09 6.18
C ALA A 36 -19.44 -52.45 6.13
N ARG A 37 -19.32 -51.36 5.37
CA ARG A 37 -18.07 -50.65 5.23
C ARG A 37 -18.25 -49.35 4.46
N SER A 38 -18.14 -48.23 5.17
CA SER A 38 -18.31 -46.92 4.56
C SER A 38 -18.06 -45.80 5.57
N LEU A 39 -16.89 -45.20 5.50
CA LEU A 39 -16.53 -44.12 6.42
C LEU A 39 -15.79 -43.00 5.68
N ASP A 40 -16.00 -41.78 6.12
CA ASP A 40 -15.34 -40.62 5.50
C ASP A 40 -15.54 -39.37 6.36
N SER A 41 -14.43 -38.77 6.79
CA SER A 41 -14.48 -37.57 7.61
C SER A 41 -13.20 -36.76 7.45
N LYS A 42 -13.31 -35.62 6.78
CA LYS A 42 -12.16 -34.74 6.57
C LYS A 42 -12.59 -33.42 5.94
N VAL A 43 -11.93 -32.34 6.36
CA VAL A 43 -12.26 -31.02 5.83
C VAL A 43 -11.24 -29.98 6.30
N PRO A 44 -10.06 -29.97 5.67
CA PRO A 44 -8.98 -29.04 6.00
C PRO A 44 -9.31 -27.60 5.61
N GLN A 45 -8.65 -26.65 6.27
CA GLN A 45 -8.88 -25.23 5.99
C GLN A 45 -7.86 -24.38 6.71
N GLN A 46 -7.09 -23.61 5.93
CA GLN A 46 -6.07 -22.73 6.49
C GLN A 46 -5.88 -21.50 5.62
N THR A 47 -5.99 -20.33 6.24
CA THR A 47 -5.84 -19.06 5.52
C THR A 47 -5.53 -17.92 6.48
N LEU A 48 -4.48 -17.17 6.18
CA LEU A 48 -4.07 -16.05 7.02
C LEU A 48 -2.96 -15.25 6.35
N ARG A 49 -2.88 -13.96 6.68
CA ARG A 49 -1.87 -13.09 6.12
C ARG A 49 -1.91 -11.71 6.78
N ARG A 50 -0.74 -11.07 6.86
CA ARG A 50 -0.64 -9.75 7.48
C ARG A 50 0.77 -9.18 7.32
N GLY A 51 0.87 -7.85 7.35
CA GLY A 51 2.16 -7.21 7.19
C GLY A 51 2.15 -6.13 6.13
N ASP A 52 2.24 -4.87 6.57
CA ASP A 52 2.24 -3.74 5.65
C ASP A 52 2.57 -2.45 6.38
N VAL A 53 3.67 -1.81 5.99
CA VAL A 53 4.10 -0.56 6.61
C VAL A 53 4.85 0.32 5.61
N LEU A 54 4.54 1.61 5.60
CA LEU A 54 5.19 2.55 4.69
C LEU A 54 4.80 3.98 5.04
N MET A 55 5.80 4.87 5.07
CA MET A 55 5.56 6.27 5.37
C MET A 55 6.82 7.09 5.17
N GLN A 56 6.74 8.06 4.25
CA GLN A 56 7.89 8.92 3.96
C GLN A 56 7.46 10.13 3.15
N GLY A 57 8.19 11.23 3.29
CA GLY A 57 7.88 12.44 2.56
C GLY A 57 7.82 13.66 3.45
N ALA A 58 8.80 14.56 3.28
CA ALA A 58 8.85 15.77 4.09
C ALA A 58 9.76 16.82 3.43
N ALA A 59 9.31 18.07 3.41
CA ALA A 59 10.08 19.15 2.82
C ALA A 59 9.42 20.50 3.09
N SER A 60 10.24 21.53 3.28
CA SER A 60 9.74 22.87 3.54
C SER A 60 10.86 23.90 3.46
N PRO A 61 11.35 24.15 2.24
CA PRO A 61 12.43 25.10 1.99
C PRO A 61 11.98 26.55 2.20
N GLU A 62 12.85 27.48 1.86
CA GLU A 62 12.54 28.90 2.03
C GLU A 62 13.65 29.77 1.42
N LEU A 63 13.30 30.99 1.04
CA LEU A 63 14.26 31.92 0.47
C LEU A 63 13.68 33.34 0.40
N THR A 64 14.24 34.24 1.19
CA THR A 64 13.79 35.61 1.23
C THR A 64 14.92 36.56 1.60
N VAL A 65 15.03 37.67 0.88
CA VAL A 65 16.07 38.66 1.13
C VAL A 65 15.79 39.96 0.38
N SER A 66 16.14 41.08 1.01
CA SER A 66 15.93 42.39 0.40
C SER A 66 16.68 43.47 1.16
N GLY A 67 17.46 44.27 0.44
CA GLY A 67 18.22 45.33 1.06
C GLY A 67 18.59 46.43 0.09
N THR A 68 19.76 46.32 -0.53
CA THR A 68 20.23 47.31 -1.49
C THR A 68 21.32 46.73 -2.38
N LEU A 69 21.54 47.38 -3.52
CA LEU A 69 22.55 46.94 -4.47
C LEU A 69 23.33 48.13 -5.03
N LEU A 70 24.65 48.12 -4.81
CA LEU A 70 25.50 49.20 -5.30
C LEU A 70 26.08 48.86 -6.67
N VAL A 71 25.53 49.48 -7.71
CA VAL A 71 26.00 49.24 -9.07
C VAL A 71 26.77 50.45 -9.60
N GLU A 72 28.01 50.20 -10.03
CA GLU A 72 28.86 51.27 -10.56
C GLU A 72 28.41 51.68 -11.95
N ALA A 73 27.58 52.72 -12.02
CA ALA A 73 27.07 53.21 -13.29
C ALA A 73 26.35 54.54 -13.12
N ASP A 74 25.94 55.14 -14.23
CA ASP A 74 25.24 56.42 -14.20
C ASP A 74 23.76 56.22 -13.90
N ASP A 75 23.05 57.32 -13.63
CA ASP A 75 21.63 57.25 -13.33
C ASP A 75 20.88 56.52 -14.44
N ALA A 76 21.26 56.78 -15.68
CA ALA A 76 20.62 56.14 -16.83
C ALA A 76 20.70 54.62 -16.73
N SER A 77 21.82 54.13 -16.20
CA SER A 77 22.03 52.70 -16.05
C SER A 77 21.26 52.15 -14.85
N ALA A 78 21.15 52.97 -13.81
CA ALA A 78 20.44 52.56 -12.60
C ALA A 78 19.01 52.16 -12.92
N LYS A 79 18.22 53.10 -13.44
CA LYS A 79 16.84 52.83 -13.78
C LYS A 79 16.72 51.62 -14.68
N ALA A 80 17.72 51.41 -15.53
CA ALA A 80 17.73 50.28 -16.44
C ALA A 80 17.77 48.96 -15.67
N LEU A 81 18.48 48.95 -14.55
CA LEU A 81 18.59 47.75 -13.72
C LEU A 81 17.40 47.62 -12.79
N ALA A 82 16.86 48.76 -12.36
CA ALA A 82 15.71 48.78 -11.46
C ALA A 82 14.47 48.23 -12.16
N THR A 83 14.39 48.45 -13.47
CA THR A 83 13.25 47.99 -14.25
C THR A 83 13.45 46.54 -14.70
N ARG A 84 14.69 46.18 -15.00
CA ARG A 84 15.01 44.83 -15.45
C ARG A 84 15.03 43.86 -14.27
N HIS A 85 15.92 44.12 -13.32
CA HIS A 85 16.04 43.27 -12.14
C HIS A 85 14.89 43.51 -11.17
N GLY A 86 14.27 44.67 -11.28
CA GLY A 86 13.14 45.00 -10.42
C GLY A 86 13.56 45.80 -9.20
N LEU A 87 14.72 46.44 -9.30
CA LEU A 87 15.25 47.26 -8.21
C LEU A 87 14.66 48.66 -8.23
N ASN A 88 15.20 49.54 -7.40
CA ASN A 88 14.72 50.92 -7.34
C ASN A 88 15.87 51.88 -7.06
N PHE A 89 16.27 52.64 -8.08
CA PHE A 89 17.37 53.60 -7.94
C PHE A 89 16.94 54.79 -7.10
N LYS A 90 17.65 55.02 -6.00
CA LYS A 90 17.35 56.13 -5.10
C LYS A 90 18.47 57.16 -5.12
N GLN A 91 19.69 56.71 -4.82
CA GLN A 91 20.84 57.59 -4.79
C GLN A 91 22.12 56.81 -5.08
N SER A 92 23.25 57.52 -5.05
CA SER A 92 24.55 56.89 -5.32
C SER A 92 25.59 57.35 -4.30
N SER A 93 26.62 56.54 -4.13
CA SER A 93 27.69 56.86 -3.18
C SER A 93 28.85 57.56 -3.88
N GLY A 94 28.56 58.19 -5.00
CA GLY A 94 29.59 58.90 -5.74
C GLY A 94 30.09 58.10 -6.93
N GLY A 95 30.15 56.79 -6.78
CA GLY A 95 30.63 55.94 -7.85
C GLY A 95 29.90 54.60 -7.90
N ILE A 96 28.81 54.51 -7.15
CA ILE A 96 28.02 53.28 -7.11
C ILE A 96 26.57 53.56 -6.73
N ALA A 97 25.67 53.43 -7.71
CA ALA A 97 24.25 53.68 -7.47
C ALA A 97 23.64 52.60 -6.58
N LEU A 98 23.17 53.00 -5.42
CA LEU A 98 22.57 52.07 -4.47
C LEU A 98 21.07 51.91 -4.73
N LEU A 99 20.70 50.87 -5.46
CA LEU A 99 19.30 50.61 -5.78
C LEU A 99 18.66 49.71 -4.74
N GLU A 100 17.33 49.72 -4.68
CA GLU A 100 16.60 48.90 -3.73
C GLU A 100 15.96 47.69 -4.42
N ALA A 101 16.44 46.50 -4.07
CA ALA A 101 15.92 45.27 -4.65
C ALA A 101 14.60 44.87 -4.01
N LYS A 102 13.63 44.51 -4.84
CA LYS A 102 12.31 44.10 -4.35
C LYS A 102 12.43 42.96 -3.35
N PRO A 103 11.39 42.80 -2.52
CA PRO A 103 11.35 41.74 -1.51
C PRO A 103 11.22 40.35 -2.11
N GLY A 104 12.24 39.52 -1.88
CA GLY A 104 12.22 38.16 -2.42
C GLY A 104 13.26 37.95 -3.49
N THR A 105 13.70 39.04 -4.11
CA THR A 105 14.72 38.96 -5.16
C THR A 105 16.10 38.75 -4.58
N ASP A 106 16.86 37.82 -5.17
CA ASP A 106 18.21 37.53 -4.71
C ASP A 106 19.19 38.59 -5.20
N LEU A 107 19.17 39.75 -4.57
CA LEU A 107 20.06 40.84 -4.95
C LEU A 107 21.51 40.37 -4.98
N ASN A 108 21.84 39.43 -4.10
CA ASN A 108 23.20 38.89 -4.04
C ASN A 108 23.57 38.18 -5.34
N ALA A 109 22.61 37.47 -5.92
CA ALA A 109 22.83 36.75 -7.16
C ALA A 109 22.90 37.70 -8.35
N ILE A 110 22.18 38.82 -8.24
CA ILE A 110 22.18 39.82 -9.31
C ILE A 110 23.57 40.37 -9.56
N ALA A 111 24.25 40.76 -8.49
CA ALA A 111 25.59 41.31 -8.60
C ALA A 111 26.52 40.34 -9.35
N THR A 112 26.26 39.05 -9.21
CA THR A 112 27.06 38.03 -9.86
C THR A 112 26.88 38.08 -11.38
N LYS A 113 25.74 38.60 -11.81
CA LYS A 113 25.44 38.71 -13.24
C LYS A 113 26.11 39.95 -13.83
N LEU A 114 26.32 40.96 -13.01
CA LEU A 114 26.95 42.20 -13.46
C LEU A 114 28.47 42.06 -13.47
N LYS A 115 29.03 41.65 -12.34
CA LYS A 115 30.47 41.48 -12.23
C LYS A 115 31.00 40.58 -13.35
N SER A 116 30.15 39.67 -13.82
CA SER A 116 30.54 38.76 -14.88
C SER A 116 30.99 39.52 -16.12
N GLU A 117 30.50 40.74 -16.27
CA GLU A 117 30.85 41.58 -17.41
C GLU A 117 32.12 42.37 -17.13
N GLY A 118 32.39 42.62 -15.86
CA GLY A 118 33.57 43.38 -15.48
C GLY A 118 33.23 44.63 -14.69
N VAL A 119 32.11 44.60 -14.00
CA VAL A 119 31.67 45.74 -13.20
C VAL A 119 31.88 45.48 -11.72
N ASN A 120 32.11 46.56 -10.96
CA ASN A 120 32.33 46.46 -9.52
C ASN A 120 31.08 46.87 -8.76
N VAL A 121 30.42 45.89 -8.14
CA VAL A 121 29.21 46.16 -7.37
C VAL A 121 29.33 45.58 -5.97
N GLN A 122 28.44 46.03 -5.07
CA GLN A 122 28.44 45.57 -3.69
C GLN A 122 27.01 45.34 -3.20
N ILE A 123 26.83 44.27 -2.43
CA ILE A 123 25.52 43.94 -1.88
C ILE A 123 25.31 44.59 -0.52
N GLU A 124 24.44 45.59 -0.46
CA GLU A 124 24.15 46.29 0.78
C GLU A 124 22.88 45.75 1.42
N LEU A 125 22.67 46.08 2.69
CA LEU A 125 21.50 45.63 3.43
C LEU A 125 20.74 46.82 4.02
N SER A 126 19.43 46.65 4.20
CA SER A 126 18.60 47.70 4.75
C SER A 126 18.17 47.37 6.19
N GLY A 127 19.10 46.80 6.95
CA GLY A 127 18.81 46.44 8.33
C GLY A 127 20.06 46.14 9.12
N ALA A 128 21.00 45.45 8.49
CA ALA A 128 22.26 45.08 9.15
C ALA A 128 23.28 46.22 9.04
N GLU A 129 22.99 47.33 9.70
CA GLU A 129 23.88 48.49 9.68
C GLU A 129 23.46 49.52 10.71
N GLN A 130 24.12 50.67 10.70
CA GLN A 130 23.81 51.74 11.64
C GLN A 130 23.66 53.08 10.91
N GLN A 131 22.50 53.70 11.07
CA GLN A 131 22.24 54.99 10.43
C GLN A 131 21.97 56.08 11.46
N PRO A 132 23.02 56.44 12.23
CA PRO A 132 22.91 57.47 13.27
C PRO A 132 22.72 58.86 12.68
N LYS A 133 22.76 59.87 13.55
CA LYS A 133 22.58 61.25 13.14
C LYS A 133 23.57 61.60 12.02
N GLN A 4 -63.00 -134.74 6.31
CA GLN A 4 -61.65 -134.22 6.43
C GLN A 4 -61.66 -132.69 6.59
N GLU A 5 -60.91 -132.20 7.58
CA GLU A 5 -60.84 -130.78 7.83
C GLU A 5 -59.55 -130.41 8.58
N SER A 6 -58.94 -129.30 8.19
CA SER A 6 -57.70 -128.85 8.81
C SER A 6 -57.55 -127.33 8.69
N VAL A 7 -57.16 -126.70 9.79
CA VAL A 7 -56.98 -125.25 9.82
C VAL A 7 -55.58 -124.88 10.32
N THR A 8 -54.92 -123.99 9.60
CA THR A 8 -53.58 -123.55 9.97
C THR A 8 -53.33 -122.12 9.51
N MET A 9 -52.51 -121.39 10.27
CA MET A 9 -52.19 -120.01 9.95
C MET A 9 -50.68 -119.78 9.97
N ASP A 10 -50.23 -118.67 9.40
CA ASP A 10 -48.81 -118.34 9.36
C ASP A 10 -48.61 -116.87 9.03
N GLY A 11 -47.35 -116.44 9.01
CA GLY A 11 -47.05 -115.05 8.70
C GLY A 11 -46.68 -114.26 9.93
N LYS A 12 -45.41 -113.90 10.07
CA LYS A 12 -44.94 -113.13 11.21
C LYS A 12 -43.94 -112.07 10.77
N GLN A 13 -44.40 -110.82 10.70
CA GLN A 13 -43.55 -109.72 10.30
C GLN A 13 -43.86 -108.46 11.10
N TYR A 14 -42.85 -107.61 11.29
CA TYR A 14 -43.03 -106.38 12.04
C TYR A 14 -42.09 -105.29 11.53
N SER A 15 -42.59 -104.07 11.44
CA SER A 15 -41.79 -102.94 10.98
C SER A 15 -42.53 -101.62 11.20
N THR A 16 -41.76 -100.53 11.27
CA THR A 16 -42.34 -99.21 11.48
C THR A 16 -41.48 -98.13 10.84
N ILE A 17 -42.13 -97.23 10.11
CA ILE A 17 -41.43 -96.14 9.44
C ILE A 17 -42.34 -94.93 9.27
N GLU A 18 -41.73 -93.75 9.13
CA GLU A 18 -42.49 -92.52 8.95
C GLU A 18 -43.02 -92.41 7.53
N VAL A 19 -44.28 -92.82 7.35
CA VAL A 19 -44.92 -92.76 6.03
C VAL A 19 -46.43 -92.64 6.17
N ASN A 20 -47.10 -92.42 5.04
CA ASN A 20 -48.55 -92.28 5.02
C ASN A 20 -48.99 -91.03 5.79
N GLY A 21 -48.56 -89.87 5.31
CA GLY A 21 -48.92 -88.62 5.95
C GLY A 21 -47.82 -88.10 6.86
N GLN A 22 -46.57 -88.43 6.52
CA GLN A 22 -45.42 -88.00 7.32
C GLN A 22 -45.00 -86.59 6.93
N THR A 23 -44.54 -85.82 7.91
CA THR A 23 -44.09 -84.45 7.66
C THR A 23 -42.69 -84.22 8.23
N TYR A 24 -42.03 -83.17 7.74
CA TYR A 24 -40.69 -82.84 8.20
C TYR A 24 -40.29 -81.44 7.75
N LEU A 25 -39.81 -80.64 8.70
CA LEU A 25 -39.39 -79.27 8.39
C LEU A 25 -37.96 -79.03 8.86
N ILE A 26 -37.22 -78.21 8.10
CA ILE A 26 -35.85 -77.90 8.44
C ILE A 26 -35.49 -76.46 8.05
N PRO A 27 -35.92 -75.51 8.90
CA PRO A 27 -35.66 -74.08 8.67
C PRO A 27 -34.19 -73.73 8.83
N ASP A 28 -33.68 -72.89 7.93
CA ASP A 28 -32.29 -72.47 7.98
C ASP A 28 -32.14 -71.05 7.43
N ASN A 29 -31.91 -70.09 8.34
CA ASN A 29 -31.74 -68.70 7.95
C ASN A 29 -31.39 -67.83 9.16
N GLY A 30 -30.95 -66.61 8.91
CA GLY A 30 -30.58 -65.71 9.97
C GLY A 30 -29.27 -65.00 9.71
N SER A 31 -29.34 -63.89 8.99
CA SER A 31 -28.14 -63.11 8.67
C SER A 31 -28.50 -61.86 7.87
N LYS A 32 -28.44 -60.71 8.51
CA LYS A 32 -28.76 -59.44 7.87
C LYS A 32 -27.99 -58.29 8.51
N LYS A 33 -27.00 -57.77 7.78
CA LYS A 33 -26.19 -56.67 8.27
C LYS A 33 -25.54 -55.92 7.11
N ARG A 34 -26.06 -54.74 6.80
CA ARG A 34 -25.53 -53.92 5.72
C ARG A 34 -26.03 -52.49 5.82
N VAL A 35 -25.15 -51.58 6.23
CA VAL A 35 -25.52 -50.18 6.37
C VAL A 35 -24.30 -49.34 6.79
N ALA A 36 -24.11 -48.22 6.10
CA ALA A 36 -23.00 -47.32 6.40
C ALA A 36 -23.05 -46.07 5.55
N ARG A 37 -23.06 -44.91 6.20
CA ARG A 37 -23.11 -43.63 5.50
C ARG A 37 -23.00 -42.47 6.49
N SER A 38 -21.89 -41.73 6.39
CA SER A 38 -21.66 -40.60 7.28
C SER A 38 -20.49 -39.75 6.77
N LEU A 39 -20.81 -38.62 6.17
CA LEU A 39 -19.78 -37.72 5.64
C LEU A 39 -20.32 -36.29 5.52
N ASP A 40 -19.42 -35.35 5.27
CA ASP A 40 -19.80 -33.94 5.13
C ASP A 40 -18.59 -33.09 4.77
N SER A 41 -18.56 -32.63 3.52
CA SER A 41 -17.47 -31.80 3.04
C SER A 41 -17.72 -31.36 1.60
N LYS A 42 -18.13 -30.10 1.44
CA LYS A 42 -18.41 -29.54 0.13
C LYS A 42 -18.74 -28.06 0.21
N VAL A 43 -17.98 -27.24 -0.51
CA VAL A 43 -18.19 -25.79 -0.51
C VAL A 43 -17.24 -25.10 -1.47
N PRO A 44 -17.56 -25.15 -2.77
CA PRO A 44 -16.74 -24.52 -3.81
C PRO A 44 -16.80 -23.00 -3.77
N GLN A 45 -16.04 -22.42 -2.84
CA GLN A 45 -16.00 -20.97 -2.68
C GLN A 45 -14.98 -20.56 -1.62
N GLN A 46 -14.17 -19.57 -1.93
CA GLN A 46 -13.15 -19.08 -1.00
C GLN A 46 -12.41 -17.88 -1.59
N THR A 47 -12.52 -16.74 -0.90
CA THR A 47 -11.86 -15.53 -1.35
C THR A 47 -12.11 -14.38 -0.38
N LEU A 48 -11.03 -13.74 0.06
CA LEU A 48 -11.14 -12.62 1.00
C LEU A 48 -9.77 -12.00 1.25
N ARG A 49 -9.55 -10.81 0.69
CA ARG A 49 -8.28 -10.11 0.85
C ARG A 49 -8.33 -8.74 0.17
N ARG A 50 -7.71 -7.75 0.82
CA ARG A 50 -7.68 -6.40 0.28
C ARG A 50 -6.83 -5.48 1.15
N GLY A 51 -6.57 -4.28 0.66
CA GLY A 51 -5.76 -3.33 1.41
C GLY A 51 -4.33 -3.30 0.94
N ASP A 52 -3.89 -2.14 0.46
CA ASP A 52 -2.52 -1.98 -0.02
C ASP A 52 -2.25 -0.53 -0.43
N VAL A 53 -1.51 0.19 0.40
CA VAL A 53 -1.19 1.58 0.14
C VAL A 53 0.16 1.96 0.73
N LEU A 54 1.09 2.38 -0.12
CA LEU A 54 2.42 2.78 0.32
C LEU A 54 3.24 3.33 -0.84
N MET A 55 3.64 4.60 -0.73
CA MET A 55 4.43 5.24 -1.77
C MET A 55 4.87 6.63 -1.33
N GLN A 56 6.14 6.76 -0.98
CA GLN A 56 6.68 8.04 -0.54
C GLN A 56 8.21 8.04 -0.63
N GLY A 57 8.81 9.22 -0.48
CA GLY A 57 10.25 9.35 -0.55
C GLY A 57 10.69 10.59 -1.28
N ALA A 58 10.34 11.75 -0.75
CA ALA A 58 10.71 13.03 -1.36
C ALA A 58 10.24 14.19 -0.52
N ALA A 59 11.19 14.86 0.14
CA ALA A 59 10.87 16.00 0.99
C ALA A 59 12.13 16.63 1.57
N SER A 60 12.49 17.81 1.05
CA SER A 60 13.68 18.51 1.51
C SER A 60 13.80 19.87 0.83
N PRO A 61 12.89 20.79 1.18
CA PRO A 61 12.87 22.15 0.62
C PRO A 61 14.04 22.98 1.11
N GLU A 62 14.47 23.94 0.27
CA GLU A 62 15.58 24.81 0.63
C GLU A 62 15.56 26.08 -0.21
N LEU A 63 15.99 27.19 0.38
CA LEU A 63 16.01 28.47 -0.31
C LEU A 63 16.61 29.56 0.57
N THR A 64 17.63 30.24 0.05
CA THR A 64 18.29 31.30 0.80
C THR A 64 19.34 32.00 -0.05
N VAL A 65 19.43 33.32 0.08
CA VAL A 65 20.38 34.11 -0.68
C VAL A 65 20.56 35.50 -0.07
N SER A 66 21.80 35.99 -0.11
CA SER A 66 22.10 37.31 0.45
C SER A 66 23.51 37.75 0.06
N GLY A 67 23.64 39.00 -0.37
CA GLY A 67 24.93 39.52 -0.76
C GLY A 67 24.93 41.03 -0.90
N THR A 68 24.76 41.51 -2.13
CA THR A 68 24.74 42.94 -2.40
C THR A 68 24.03 43.25 -3.71
N LEU A 69 23.72 44.52 -3.93
CA LEU A 69 23.03 44.95 -5.15
C LEU A 69 23.43 46.36 -5.53
N LEU A 70 23.90 46.53 -6.76
CA LEU A 70 24.31 47.84 -7.25
C LEU A 70 23.18 48.53 -8.01
N VAL A 71 22.48 49.44 -7.35
CA VAL A 71 21.38 50.16 -7.97
C VAL A 71 21.84 51.52 -8.51
N GLU A 72 21.54 51.79 -9.77
CA GLU A 72 21.92 53.04 -10.40
C GLU A 72 21.01 54.18 -9.94
N ALA A 73 21.41 54.87 -8.88
CA ALA A 73 20.64 55.97 -8.34
C ALA A 73 21.43 56.75 -7.32
N ASP A 74 20.89 57.90 -6.89
CA ASP A 74 21.55 58.74 -5.90
C ASP A 74 21.31 58.22 -4.49
N ASP A 75 21.92 58.87 -3.51
CA ASP A 75 21.78 58.47 -2.11
C ASP A 75 20.31 58.50 -1.69
N ALA A 76 19.61 59.55 -2.11
CA ALA A 76 18.19 59.70 -1.77
C ALA A 76 17.40 58.46 -2.18
N SER A 77 17.75 57.88 -3.32
CA SER A 77 17.08 56.70 -3.82
C SER A 77 17.56 55.45 -3.10
N ALA A 78 18.84 55.43 -2.76
CA ALA A 78 19.44 54.30 -2.06
C ALA A 78 18.67 53.98 -0.78
N LYS A 79 18.66 54.93 0.15
CA LYS A 79 17.97 54.76 1.42
C LYS A 79 16.50 54.39 1.20
N ALA A 80 15.95 54.85 0.07
CA ALA A 80 14.56 54.57 -0.25
C ALA A 80 14.37 53.09 -0.58
N LEU A 81 15.38 52.48 -1.16
CA LEU A 81 15.32 51.06 -1.51
C LEU A 81 15.68 50.18 -0.32
N ALA A 82 16.61 50.66 0.50
CA ALA A 82 17.04 49.92 1.68
C ALA A 82 15.91 49.80 2.70
N THR A 83 15.05 50.81 2.73
CA THR A 83 13.92 50.81 3.66
C THR A 83 12.73 50.07 3.09
N ARG A 84 12.54 50.18 1.77
CA ARG A 84 11.43 49.52 1.10
C ARG A 84 11.71 48.02 0.93
N HIS A 85 12.79 47.72 0.21
CA HIS A 85 13.18 46.33 -0.03
C HIS A 85 13.80 45.70 1.22
N GLY A 86 14.29 46.56 2.11
CA GLY A 86 14.90 46.08 3.33
C GLY A 86 16.41 45.96 3.22
N LEU A 87 16.98 46.61 2.21
CA LEU A 87 18.42 46.58 1.99
C LEU A 87 19.14 47.57 2.90
N ASN A 88 20.42 47.77 2.64
CA ASN A 88 21.23 48.70 3.43
C ASN A 88 22.17 49.50 2.54
N PHE A 89 21.90 50.81 2.42
CA PHE A 89 22.73 51.68 1.61
C PHE A 89 24.08 51.94 2.27
N LYS A 90 25.14 51.40 1.68
CA LYS A 90 26.48 51.57 2.22
C LYS A 90 27.16 52.78 1.59
N GLN A 91 27.39 52.72 0.28
CA GLN A 91 28.03 53.81 -0.44
C GLN A 91 27.73 53.74 -1.94
N SER A 92 28.25 54.70 -2.68
CA SER A 92 28.03 54.75 -4.12
C SER A 92 29.31 55.16 -4.85
N SER A 93 29.47 54.66 -6.07
CA SER A 93 30.65 54.97 -6.87
C SER A 93 30.37 56.12 -7.84
N GLY A 94 29.44 56.98 -7.46
CA GLY A 94 29.08 58.12 -8.30
C GLY A 94 28.17 57.73 -9.44
N GLY A 95 27.58 56.54 -9.35
CA GLY A 95 26.68 56.06 -10.39
C GLY A 95 25.86 54.87 -9.96
N ILE A 96 26.48 53.98 -9.18
CA ILE A 96 25.81 52.78 -8.70
C ILE A 96 25.97 52.63 -7.19
N ALA A 97 24.85 52.60 -6.47
CA ALA A 97 24.87 52.45 -5.02
C ALA A 97 24.78 50.99 -4.63
N LEU A 98 25.83 50.48 -4.00
CA LEU A 98 25.87 49.08 -3.57
C LEU A 98 25.17 48.91 -2.22
N LEU A 99 23.97 48.35 -2.26
CA LEU A 99 23.20 48.13 -1.03
C LEU A 99 23.30 46.68 -0.58
N GLU A 100 23.07 46.46 0.71
CA GLU A 100 23.14 45.11 1.27
C GLU A 100 21.73 44.57 1.55
N ALA A 101 21.37 43.50 0.84
CA ALA A 101 20.06 42.89 1.00
C ALA A 101 20.03 41.99 2.23
N LYS A 102 18.96 42.11 3.02
CA LYS A 102 18.81 41.30 4.22
C LYS A 102 18.86 39.82 3.90
N PRO A 103 19.17 39.00 4.91
CA PRO A 103 19.25 37.53 4.76
C PRO A 103 17.89 36.90 4.52
N GLY A 104 17.72 36.29 3.36
CA GLY A 104 16.47 35.64 3.03
C GLY A 104 15.74 36.32 1.88
N THR A 105 16.12 37.57 1.61
CA THR A 105 15.51 38.33 0.54
C THR A 105 16.12 37.99 -0.81
N ASP A 106 15.29 37.94 -1.85
CA ASP A 106 15.76 37.62 -3.19
C ASP A 106 16.23 38.88 -3.92
N LEU A 107 17.42 39.34 -3.56
CA LEU A 107 18.00 40.53 -4.17
C LEU A 107 18.02 40.40 -5.69
N ASN A 108 18.17 39.18 -6.18
CA ASN A 108 18.21 38.93 -7.61
C ASN A 108 16.89 39.34 -8.26
N ALA A 109 15.79 39.03 -7.61
CA ALA A 109 14.47 39.37 -8.12
C ALA A 109 14.23 40.88 -8.07
N ILE A 110 14.87 41.54 -7.12
CA ILE A 110 14.74 42.98 -6.96
C ILE A 110 15.25 43.72 -8.18
N ALA A 111 16.42 43.31 -8.67
CA ALA A 111 17.03 43.92 -9.84
C ALA A 111 16.11 43.82 -11.06
N THR A 112 15.23 42.82 -11.05
CA THR A 112 14.30 42.61 -12.15
C THR A 112 13.24 43.69 -12.18
N LYS A 113 12.98 44.30 -11.02
CA LYS A 113 11.98 45.36 -10.92
C LYS A 113 12.56 46.70 -11.37
N LEU A 114 13.87 46.86 -11.21
CA LEU A 114 14.54 48.09 -11.61
C LEU A 114 14.79 48.11 -13.11
N LYS A 115 15.56 47.14 -13.59
CA LYS A 115 15.87 47.05 -15.02
C LYS A 115 14.60 46.98 -15.85
N SER A 116 13.53 46.49 -15.24
CA SER A 116 12.24 46.36 -15.92
C SER A 116 11.77 47.71 -16.45
N GLU A 117 12.18 48.78 -15.76
CA GLU A 117 11.80 50.14 -16.16
C GLU A 117 12.90 50.78 -17.02
N GLY A 118 14.12 50.30 -16.86
CA GLY A 118 15.23 50.83 -17.62
C GLY A 118 16.38 51.28 -16.73
N VAL A 119 16.56 50.59 -15.61
CA VAL A 119 17.62 50.92 -14.68
C VAL A 119 18.77 49.91 -14.75
N ASN A 120 19.98 50.41 -14.97
CA ASN A 120 21.15 49.55 -15.06
C ASN A 120 21.69 49.19 -13.68
N VAL A 121 21.53 47.93 -13.30
CA VAL A 121 21.98 47.46 -11.99
C VAL A 121 22.79 46.17 -12.13
N GLN A 122 23.53 45.83 -11.07
CA GLN A 122 24.35 44.62 -11.08
C GLN A 122 24.24 43.89 -9.74
N ILE A 123 24.18 42.57 -9.81
CA ILE A 123 24.07 41.74 -8.61
C ILE A 123 25.45 41.39 -8.07
N GLU A 124 25.80 41.98 -6.92
CA GLU A 124 27.09 41.73 -6.30
C GLU A 124 26.93 40.85 -5.06
N LEU A 125 28.05 40.33 -4.56
CA LEU A 125 28.03 39.48 -3.39
C LEU A 125 28.86 40.08 -2.25
N SER A 126 28.71 39.54 -1.05
CA SER A 126 29.43 40.03 0.11
C SER A 126 30.15 38.88 0.83
N GLY A 127 30.88 38.08 0.06
CA GLY A 127 31.60 36.96 0.64
C GLY A 127 32.04 35.95 -0.40
N ALA A 128 31.26 35.82 -1.46
CA ALA A 128 31.58 34.89 -2.54
C ALA A 128 32.97 35.16 -3.10
N GLU A 129 33.43 36.39 -2.99
CA GLU A 129 34.75 36.77 -3.49
C GLU A 129 35.58 37.42 -2.38
N GLN A 130 36.89 37.45 -2.57
CA GLN A 130 37.80 38.05 -1.60
C GLN A 130 37.52 39.53 -1.45
N GLN A 131 38.34 40.21 -0.64
CA GLN A 131 38.19 41.63 -0.41
C GLN A 131 39.38 42.41 -0.97
N PRO A 132 39.17 43.71 -1.25
CA PRO A 132 40.21 44.59 -1.79
C PRO A 132 41.31 44.88 -0.77
N LYS A 133 42.21 45.79 -1.12
CA LYS A 133 43.30 46.17 -0.24
C LYS A 133 42.79 46.54 1.15
N GLN A 4 -65.62 -117.55 -10.19
CA GLN A 4 -64.31 -117.14 -10.69
C GLN A 4 -63.57 -116.31 -9.64
N GLU A 5 -62.27 -116.14 -9.85
CA GLU A 5 -61.44 -115.37 -8.91
C GLU A 5 -61.70 -113.87 -9.08
N SER A 6 -62.22 -113.25 -8.03
CA SER A 6 -62.52 -111.82 -8.05
C SER A 6 -62.33 -111.21 -6.66
N VAL A 7 -62.16 -109.89 -6.63
CA VAL A 7 -61.97 -109.17 -5.38
C VAL A 7 -62.89 -107.96 -5.29
N THR A 8 -63.66 -107.89 -4.22
CA THR A 8 -64.59 -106.77 -4.02
C THR A 8 -64.90 -106.57 -2.53
N MET A 9 -65.56 -105.47 -2.21
CA MET A 9 -65.92 -105.16 -0.83
C MET A 9 -64.68 -105.11 0.05
N ASP A 10 -63.55 -104.75 -0.55
CA ASP A 10 -62.29 -104.65 0.18
C ASP A 10 -61.91 -103.19 0.43
N GLY A 11 -61.21 -102.94 1.53
CA GLY A 11 -60.79 -101.59 1.85
C GLY A 11 -59.31 -101.49 2.17
N LYS A 12 -58.60 -100.66 1.43
CA LYS A 12 -57.17 -100.48 1.64
C LYS A 12 -56.89 -99.17 2.36
N GLN A 13 -55.71 -99.07 2.97
CA GLN A 13 -55.31 -97.87 3.69
C GLN A 13 -53.80 -97.72 3.71
N TYR A 14 -53.33 -96.48 3.85
CA TYR A 14 -51.91 -96.20 3.88
C TYR A 14 -51.59 -95.11 4.91
N SER A 15 -50.39 -95.19 5.49
CA SER A 15 -49.96 -94.22 6.48
C SER A 15 -48.47 -94.36 6.77
N THR A 16 -47.96 -93.49 7.65
CA THR A 16 -46.55 -93.52 8.00
C THR A 16 -46.25 -94.64 8.99
N ILE A 17 -44.99 -95.09 8.99
CA ILE A 17 -44.58 -96.16 9.88
C ILE A 17 -43.28 -95.80 10.61
N GLU A 18 -43.39 -95.62 11.93
CA GLU A 18 -42.23 -95.28 12.74
C GLU A 18 -41.34 -96.49 12.96
N VAL A 19 -40.02 -96.25 13.01
CA VAL A 19 -39.07 -97.33 13.22
C VAL A 19 -38.11 -96.99 14.36
N ASN A 20 -37.98 -97.92 15.31
CA ASN A 20 -37.10 -97.72 16.46
C ASN A 20 -37.40 -96.39 17.14
N GLY A 21 -38.65 -95.98 17.10
CA GLY A 21 -39.05 -94.73 17.72
C GLY A 21 -38.27 -93.54 17.19
N GLN A 22 -37.76 -93.67 15.97
CA GLN A 22 -37.00 -92.60 15.34
C GLN A 22 -37.79 -91.95 14.21
N THR A 23 -37.86 -90.62 14.22
CA THR A 23 -38.59 -89.88 13.21
C THR A 23 -37.67 -88.93 12.45
N TYR A 24 -38.09 -88.53 11.26
CA TYR A 24 -37.30 -87.62 10.43
C TYR A 24 -37.76 -86.18 10.64
N LEU A 25 -36.79 -85.29 10.85
CA LEU A 25 -37.08 -83.87 11.06
C LEU A 25 -36.41 -83.02 9.99
N ILE A 26 -36.95 -81.82 9.77
CA ILE A 26 -36.41 -80.91 8.78
C ILE A 26 -35.92 -79.62 9.44
N PRO A 27 -34.71 -79.69 10.03
CA PRO A 27 -34.09 -78.54 10.70
C PRO A 27 -33.66 -77.46 9.72
N ASP A 28 -33.79 -76.21 10.13
CA ASP A 28 -33.40 -75.07 9.28
C ASP A 28 -32.90 -73.91 10.13
N ASN A 29 -31.62 -73.59 9.96
CA ASN A 29 -31.00 -72.50 10.71
C ASN A 29 -29.73 -72.00 10.02
N GLY A 30 -29.23 -70.85 10.45
CA GLY A 30 -28.03 -70.29 9.86
C GLY A 30 -28.18 -68.82 9.52
N SER A 31 -27.90 -67.96 10.49
CA SER A 31 -28.02 -66.52 10.29
C SER A 31 -27.28 -65.76 11.38
N LYS A 32 -26.34 -64.91 10.98
CA LYS A 32 -25.56 -64.12 11.92
C LYS A 32 -24.91 -62.92 11.23
N LYS A 33 -25.20 -61.73 11.72
CA LYS A 33 -24.64 -60.50 11.16
C LYS A 33 -24.35 -59.48 12.25
N ARG A 34 -23.50 -58.51 11.93
CA ARG A 34 -23.14 -57.47 12.89
C ARG A 34 -23.03 -56.11 12.19
N VAL A 35 -22.80 -55.07 12.98
CA VAL A 35 -22.66 -53.72 12.44
C VAL A 35 -21.77 -52.86 13.32
N ALA A 36 -21.07 -51.91 12.70
CA ALA A 36 -20.19 -51.01 13.43
C ALA A 36 -19.67 -49.89 12.54
N ARG A 37 -19.95 -48.66 12.92
CA ARG A 37 -19.51 -47.50 12.15
C ARG A 37 -19.36 -46.27 13.05
N SER A 38 -18.13 -46.00 13.47
CA SER A 38 -17.85 -44.86 14.33
C SER A 38 -16.35 -44.60 14.42
N LEU A 39 -15.87 -43.65 13.63
CA LEU A 39 -14.45 -43.31 13.63
C LEU A 39 -14.22 -41.96 12.94
N ASP A 40 -13.84 -40.96 13.73
CA ASP A 40 -13.59 -39.62 13.20
C ASP A 40 -13.02 -38.70 14.28
N SER A 41 -12.20 -37.76 13.87
CA SER A 41 -11.57 -36.82 14.80
C SER A 41 -10.72 -35.80 14.06
N LYS A 42 -11.02 -34.51 14.28
CA LYS A 42 -10.29 -33.44 13.64
C LYS A 42 -10.73 -32.08 14.17
N VAL A 43 -9.84 -31.10 14.10
CA VAL A 43 -10.16 -29.74 14.57
C VAL A 43 -9.38 -28.70 13.77
N PRO A 44 -9.73 -28.56 12.48
CA PRO A 44 -9.07 -27.59 11.59
C PRO A 44 -9.43 -26.16 11.95
N GLN A 45 -8.48 -25.45 12.56
CA GLN A 45 -8.69 -24.06 12.94
C GLN A 45 -7.37 -23.40 13.36
N GLN A 46 -7.07 -22.27 12.75
CA GLN A 46 -5.84 -21.54 13.05
C GLN A 46 -5.78 -20.22 12.29
N THR A 47 -5.71 -19.12 13.04
CA THR A 47 -5.66 -17.80 12.43
C THR A 47 -5.46 -16.71 13.49
N LEU A 48 -4.33 -16.02 13.41
CA LEU A 48 -4.03 -14.95 14.36
C LEU A 48 -3.16 -13.88 13.71
N ARG A 49 -3.72 -12.69 13.53
CA ARG A 49 -3.01 -11.58 12.92
C ARG A 49 -3.86 -10.32 12.92
N ARG A 50 -3.23 -9.19 13.23
CA ARG A 50 -3.93 -7.91 13.28
C ARG A 50 -2.95 -6.77 13.56
N GLY A 51 -3.26 -5.58 13.04
CA GLY A 51 -2.41 -4.43 13.24
C GLY A 51 -1.53 -4.15 12.04
N ASP A 52 -1.71 -2.96 11.45
CA ASP A 52 -0.93 -2.57 10.29
C ASP A 52 -1.25 -1.13 9.88
N VAL A 53 -0.21 -0.30 9.80
CA VAL A 53 -0.39 1.10 9.42
C VAL A 53 0.97 1.77 9.19
N LEU A 54 1.03 2.59 8.15
CA LEU A 54 2.26 3.30 7.82
C LEU A 54 1.96 4.60 7.05
N MET A 55 2.41 5.71 7.61
CA MET A 55 2.19 7.01 6.98
C MET A 55 2.94 8.12 7.73
N GLN A 56 3.99 8.63 7.12
CA GLN A 56 4.80 9.68 7.73
C GLN A 56 5.46 10.55 6.67
N GLY A 57 5.84 11.76 7.04
CA GLY A 57 6.49 12.66 6.11
C GLY A 57 5.51 13.62 5.45
N ALA A 58 5.77 14.91 5.59
CA ALA A 58 4.91 15.94 5.01
C ALA A 58 5.60 17.29 4.98
N ALA A 59 5.70 17.89 3.80
CA ALA A 59 6.34 19.19 3.64
C ALA A 59 6.02 19.79 2.28
N SER A 60 6.37 21.06 2.11
CA SER A 60 6.13 21.76 0.85
C SER A 60 6.65 23.20 0.90
N PRO A 61 7.98 23.34 0.88
CA PRO A 61 8.64 24.65 0.92
C PRO A 61 8.42 25.45 -0.34
N GLU A 62 9.08 26.60 -0.42
CA GLU A 62 8.96 27.47 -1.60
C GLU A 62 9.97 28.60 -1.54
N LEU A 63 10.11 29.32 -2.65
CA LEU A 63 11.05 30.44 -2.73
C LEU A 63 10.92 31.17 -4.06
N THR A 64 10.81 32.50 -3.99
CA THR A 64 10.68 33.31 -5.19
C THR A 64 10.56 34.79 -4.84
N VAL A 65 11.67 35.51 -4.95
CA VAL A 65 11.69 36.94 -4.65
C VAL A 65 12.51 37.71 -5.68
N SER A 66 12.36 39.03 -5.68
CA SER A 66 13.08 39.89 -6.62
C SER A 66 12.89 41.35 -6.27
N GLY A 67 13.95 42.15 -6.46
CA GLY A 67 13.87 43.57 -6.16
C GLY A 67 14.98 44.35 -6.82
N THR A 68 16.03 44.63 -6.06
CA THR A 68 17.17 45.38 -6.57
C THR A 68 18.39 45.22 -5.66
N LEU A 69 19.54 45.66 -6.14
CA LEU A 69 20.78 45.57 -5.38
C LEU A 69 21.73 46.72 -5.73
N LEU A 70 22.09 47.50 -4.71
CA LEU A 70 22.99 48.64 -4.90
C LEU A 70 24.43 48.25 -4.60
N VAL A 71 25.21 48.03 -5.65
CA VAL A 71 26.62 47.67 -5.49
C VAL A 71 27.54 48.86 -5.72
N GLU A 72 28.42 49.11 -4.76
CA GLU A 72 29.35 50.23 -4.85
C GLU A 72 30.47 49.91 -5.84
N ALA A 73 30.22 50.19 -7.12
CA ALA A 73 31.21 49.94 -8.16
C ALA A 73 30.86 50.69 -9.43
N ASP A 74 31.75 50.62 -10.42
CA ASP A 74 31.53 51.29 -11.70
C ASP A 74 30.65 50.45 -12.61
N ASP A 75 30.32 51.00 -13.78
CA ASP A 75 29.47 50.30 -14.73
C ASP A 75 30.10 48.98 -15.15
N ALA A 76 31.41 48.99 -15.40
CA ALA A 76 32.13 47.79 -15.81
C ALA A 76 31.87 46.65 -14.83
N SER A 77 31.79 46.98 -13.54
CA SER A 77 31.55 45.98 -12.50
C SER A 77 30.08 45.55 -12.49
N ALA A 78 29.20 46.47 -12.85
CA ALA A 78 27.76 46.19 -12.88
C ALA A 78 27.46 45.03 -13.83
N LYS A 79 27.76 45.23 -15.10
CA LYS A 79 27.51 44.20 -16.12
C LYS A 79 28.15 42.88 -15.71
N ALA A 80 29.28 42.95 -15.01
CA ALA A 80 29.99 41.77 -14.57
C ALA A 80 29.16 41.00 -13.54
N LEU A 81 28.53 41.73 -12.63
CA LEU A 81 27.71 41.12 -11.59
C LEU A 81 26.34 40.72 -12.14
N ALA A 82 25.84 41.50 -13.10
CA ALA A 82 24.55 41.22 -13.72
C ALA A 82 24.58 39.92 -14.50
N THR A 83 25.74 39.59 -15.06
CA THR A 83 25.89 38.37 -15.84
C THR A 83 26.23 37.19 -14.94
N ARG A 84 27.00 37.44 -13.88
CA ARG A 84 27.39 36.39 -12.96
C ARG A 84 26.25 36.05 -12.01
N HIS A 85 25.79 37.04 -11.25
CA HIS A 85 24.70 36.84 -10.30
C HIS A 85 23.36 36.77 -11.03
N GLY A 86 23.33 37.31 -12.24
CA GLY A 86 22.10 37.29 -13.02
C GLY A 86 21.30 38.56 -12.87
N LEU A 87 21.94 39.61 -12.38
CA LEU A 87 21.28 40.89 -12.17
C LEU A 87 21.22 41.68 -13.48
N ASN A 88 20.82 42.95 -13.38
CA ASN A 88 20.73 43.81 -14.55
C ASN A 88 21.11 45.25 -14.21
N PHE A 89 22.23 45.70 -14.74
CA PHE A 89 22.71 47.06 -14.48
C PHE A 89 21.76 48.08 -15.08
N LYS A 90 21.07 48.82 -14.22
CA LYS A 90 20.12 49.84 -14.65
C LYS A 90 20.78 51.22 -14.64
N GLN A 91 21.32 51.60 -13.50
CA GLN A 91 21.97 52.90 -13.35
C GLN A 91 22.62 53.03 -11.98
N SER A 92 23.24 54.19 -11.74
CA SER A 92 23.90 54.45 -10.47
C SER A 92 23.26 55.63 -9.74
N SER A 93 23.56 55.75 -8.45
CA SER A 93 22.99 56.83 -7.65
C SER A 93 24.11 57.70 -7.07
N GLY A 94 25.23 57.77 -7.77
CA GLY A 94 26.35 58.57 -7.32
C GLY A 94 27.54 57.73 -6.89
N GLY A 95 27.26 56.65 -6.14
CA GLY A 95 28.31 55.78 -5.68
C GLY A 95 27.84 54.35 -5.50
N ILE A 96 26.70 54.02 -6.10
CA ILE A 96 26.15 52.67 -6.01
C ILE A 96 25.29 52.36 -7.23
N ALA A 97 25.59 51.24 -7.89
CA ALA A 97 24.84 50.82 -9.07
C ALA A 97 23.64 49.97 -8.68
N LEU A 98 22.45 50.46 -8.96
CA LEU A 98 21.22 49.75 -8.64
C LEU A 98 20.90 48.70 -9.70
N LEU A 99 21.38 47.48 -9.48
CA LEU A 99 21.14 46.39 -10.42
C LEU A 99 19.83 45.68 -10.12
N GLU A 100 19.24 45.06 -11.14
CA GLU A 100 17.98 44.36 -10.98
C GLU A 100 18.21 42.84 -10.97
N ALA A 101 17.98 42.23 -9.81
CA ALA A 101 18.17 40.79 -9.67
C ALA A 101 17.01 40.02 -10.31
N LYS A 102 17.32 38.90 -10.95
CA LYS A 102 16.31 38.08 -11.60
C LYS A 102 15.35 37.49 -10.58
N PRO A 103 14.13 37.16 -11.03
CA PRO A 103 13.11 36.57 -10.16
C PRO A 103 13.45 35.14 -9.74
N GLY A 104 13.61 34.94 -8.44
CA GLY A 104 13.93 33.62 -7.93
C GLY A 104 15.30 33.56 -7.30
N THR A 105 16.13 34.55 -7.59
CA THR A 105 17.48 34.61 -7.05
C THR A 105 17.51 35.36 -5.72
N ASP A 106 18.19 34.79 -4.73
CA ASP A 106 18.29 35.40 -3.42
C ASP A 106 19.23 36.60 -3.44
N LEU A 107 18.73 37.73 -3.95
CA LEU A 107 19.52 38.94 -4.04
C LEU A 107 20.10 39.32 -2.68
N ASN A 108 19.31 39.10 -1.62
CA ASN A 108 19.75 39.42 -0.27
C ASN A 108 21.00 38.63 0.10
N ALA A 109 21.05 37.37 -0.32
CA ALA A 109 22.19 36.52 -0.05
C ALA A 109 23.42 36.97 -0.82
N ILE A 110 23.19 37.63 -1.95
CA ILE A 110 24.28 38.11 -2.79
C ILE A 110 25.07 39.21 -2.07
N ALA A 111 24.35 40.18 -1.51
CA ALA A 111 24.98 41.28 -0.80
C ALA A 111 25.86 40.77 0.33
N THR A 112 25.54 39.58 0.83
CA THR A 112 26.30 38.99 1.92
C THR A 112 27.68 38.53 1.45
N LYS A 113 27.80 38.26 0.16
CA LYS A 113 29.06 37.82 -0.42
C LYS A 113 29.96 39.02 -0.73
N LEU A 114 29.34 40.16 -1.01
CA LEU A 114 30.08 41.37 -1.33
C LEU A 114 30.61 42.04 -0.06
N LYS A 115 29.70 42.41 0.83
CA LYS A 115 30.07 43.05 2.09
C LYS A 115 31.04 42.18 2.88
N SER A 116 30.97 40.87 2.65
CA SER A 116 31.84 39.92 3.34
C SER A 116 33.31 40.26 3.08
N GLU A 117 33.58 40.88 1.95
CA GLU A 117 34.94 41.25 1.59
C GLU A 117 35.23 42.70 1.97
N GLY A 118 34.17 43.51 2.04
CA GLY A 118 34.32 44.91 2.39
C GLY A 118 33.69 45.83 1.37
N VAL A 119 32.59 45.38 0.77
CA VAL A 119 31.88 46.17 -0.22
C VAL A 119 30.58 46.74 0.35
N ASN A 120 30.45 48.06 0.31
CA ASN A 120 29.26 48.72 0.83
C ASN A 120 28.10 48.64 -0.18
N VAL A 121 27.10 47.83 0.15
CA VAL A 121 25.93 47.67 -0.72
C VAL A 121 24.64 47.78 0.06
N GLN A 122 23.53 47.96 -0.65
CA GLN A 122 22.23 48.09 -0.02
C GLN A 122 21.18 47.28 -0.77
N ILE A 123 20.39 46.50 -0.03
CA ILE A 123 19.35 45.69 -0.63
C ILE A 123 18.06 46.49 -0.85
N GLU A 124 17.83 46.86 -2.11
CA GLU A 124 16.64 47.63 -2.46
C GLU A 124 15.57 46.73 -3.06
N LEU A 125 14.36 47.26 -3.17
CA LEU A 125 13.24 46.51 -3.73
C LEU A 125 12.68 47.21 -4.96
N SER A 126 11.91 46.47 -5.76
CA SER A 126 11.31 47.02 -6.97
C SER A 126 9.79 46.95 -6.91
N GLY A 127 9.24 47.28 -5.74
CA GLY A 127 7.80 47.24 -5.56
C GLY A 127 7.37 47.67 -4.18
N ALA A 128 8.19 47.35 -3.18
CA ALA A 128 7.89 47.70 -1.80
C ALA A 128 7.65 49.21 -1.66
N GLU A 129 8.34 49.99 -2.48
CA GLU A 129 8.20 51.44 -2.46
C GLU A 129 6.92 51.88 -3.14
N GLN A 130 6.58 53.15 -3.00
CA GLN A 130 5.37 53.71 -3.61
C GLN A 130 5.70 54.89 -4.49
N GLN A 131 4.67 55.47 -5.11
CA GLN A 131 4.85 56.62 -6.00
C GLN A 131 5.34 57.83 -5.22
N PRO A 132 6.33 58.55 -5.79
CA PRO A 132 6.90 59.74 -5.16
C PRO A 132 5.91 60.92 -5.16
N LYS A 133 6.39 62.08 -4.74
CA LYS A 133 5.57 63.28 -4.68
C LYS A 133 4.94 63.57 -6.05
N GLN A 4 -66.48 -113.40 -19.63
CA GLN A 4 -66.07 -114.63 -18.95
C GLN A 4 -65.72 -114.36 -17.50
N GLU A 5 -66.34 -113.33 -16.92
CA GLU A 5 -66.09 -112.97 -15.53
C GLU A 5 -64.59 -112.76 -15.29
N SER A 6 -63.98 -111.92 -16.11
CA SER A 6 -62.55 -111.63 -16.00
C SER A 6 -62.31 -110.48 -15.02
N VAL A 7 -61.65 -110.78 -13.91
CA VAL A 7 -61.35 -109.77 -12.90
C VAL A 7 -59.86 -109.49 -12.82
N THR A 8 -59.50 -108.23 -12.64
CA THR A 8 -58.10 -107.83 -12.55
C THR A 8 -57.84 -107.00 -11.30
N MET A 9 -56.57 -106.85 -10.94
CA MET A 9 -56.19 -106.08 -9.76
C MET A 9 -54.94 -105.25 -10.03
N ASP A 10 -54.84 -104.11 -9.38
CA ASP A 10 -53.69 -103.22 -9.55
C ASP A 10 -53.75 -102.05 -8.57
N GLY A 11 -52.61 -101.41 -8.36
CA GLY A 11 -52.55 -100.28 -7.44
C GLY A 11 -51.26 -100.25 -6.64
N LYS A 12 -50.43 -99.25 -6.90
CA LYS A 12 -49.16 -99.12 -6.20
C LYS A 12 -49.22 -97.97 -5.19
N GLN A 13 -48.21 -97.89 -4.33
CA GLN A 13 -48.14 -96.85 -3.31
C GLN A 13 -46.70 -96.58 -2.90
N TYR A 14 -46.42 -95.32 -2.56
CA TYR A 14 -45.07 -94.94 -2.15
C TYR A 14 -45.05 -94.53 -0.68
N SER A 15 -43.84 -94.33 -0.15
CA SER A 15 -43.69 -93.94 1.25
C SER A 15 -42.39 -93.15 1.45
N THR A 16 -42.49 -92.02 2.14
CA THR A 16 -41.33 -91.19 2.41
C THR A 16 -40.59 -91.63 3.66
N ILE A 17 -39.42 -91.05 3.89
CA ILE A 17 -38.62 -91.39 5.06
C ILE A 17 -38.47 -90.19 6.01
N GLU A 18 -38.47 -90.46 7.30
CA GLU A 18 -38.34 -89.41 8.30
C GLU A 18 -37.41 -89.84 9.43
N VAL A 19 -36.70 -88.88 10.01
CA VAL A 19 -35.79 -89.16 11.11
C VAL A 19 -36.42 -88.85 12.46
N ASN A 20 -36.46 -89.85 13.34
CA ASN A 20 -37.04 -89.68 14.66
C ASN A 20 -38.51 -89.29 14.56
N GLY A 21 -39.12 -89.56 13.41
CA GLY A 21 -40.51 -89.23 13.21
C GLY A 21 -40.70 -87.86 12.59
N GLN A 22 -39.69 -87.01 12.72
CA GLN A 22 -39.74 -85.67 12.16
C GLN A 22 -38.39 -85.25 11.60
N THR A 23 -38.37 -84.93 10.30
CA THR A 23 -37.14 -84.51 9.64
C THR A 23 -37.13 -83.01 9.39
N TYR A 24 -36.01 -82.36 9.71
CA TYR A 24 -35.88 -80.92 9.52
C TYR A 24 -34.45 -80.47 9.81
N LEU A 25 -34.16 -79.23 9.47
CA LEU A 25 -32.83 -78.66 9.69
C LEU A 25 -32.91 -77.37 10.50
N ILE A 26 -31.90 -77.12 11.33
CA ILE A 26 -31.86 -75.93 12.15
C ILE A 26 -30.47 -75.29 12.13
N PRO A 27 -30.18 -74.55 11.05
CA PRO A 27 -28.89 -73.87 10.88
C PRO A 27 -28.72 -72.71 11.84
N ASP A 28 -27.49 -72.54 12.34
CA ASP A 28 -27.19 -71.46 13.28
C ASP A 28 -25.87 -70.79 12.92
N ASN A 29 -25.95 -69.56 12.44
CA ASN A 29 -24.76 -68.80 12.06
C ASN A 29 -25.03 -67.30 12.11
N GLY A 30 -24.24 -66.59 12.92
CA GLY A 30 -24.40 -65.15 13.03
C GLY A 30 -24.46 -64.69 14.48
N SER A 31 -23.44 -63.94 14.90
CA SER A 31 -23.37 -63.44 16.26
C SER A 31 -22.20 -62.48 16.43
N LYS A 32 -22.51 -61.25 16.83
CA LYS A 32 -21.49 -60.22 17.03
C LYS A 32 -22.10 -58.95 17.59
N LYS A 33 -21.60 -58.51 18.75
CA LYS A 33 -22.08 -57.30 19.39
C LYS A 33 -20.96 -56.29 19.58
N ARG A 34 -20.27 -55.98 18.50
CA ARG A 34 -19.17 -55.02 18.55
C ARG A 34 -19.57 -53.69 17.92
N VAL A 35 -20.69 -53.13 18.37
CA VAL A 35 -21.18 -51.86 17.85
C VAL A 35 -20.85 -50.71 18.80
N ALA A 36 -19.62 -50.69 19.30
CA ALA A 36 -19.18 -49.65 20.21
C ALA A 36 -18.18 -48.72 19.54
N ARG A 37 -18.48 -47.42 19.53
CA ARG A 37 -17.61 -46.44 18.92
C ARG A 37 -18.11 -45.02 19.20
N SER A 38 -17.38 -44.29 20.03
CA SER A 38 -17.75 -42.92 20.39
C SER A 38 -16.68 -42.28 21.26
N LEU A 39 -15.90 -41.38 20.65
CA LEU A 39 -14.84 -40.69 21.36
C LEU A 39 -14.31 -39.51 20.55
N ASP A 40 -14.61 -38.31 21.02
CA ASP A 40 -14.17 -37.09 20.35
C ASP A 40 -14.44 -35.85 21.20
N SER A 41 -13.44 -35.01 21.35
CA SER A 41 -13.57 -33.79 22.15
C SER A 41 -12.39 -32.85 21.92
N LYS A 42 -12.69 -31.62 21.51
CA LYS A 42 -11.66 -30.63 21.25
C LYS A 42 -12.28 -29.27 20.93
N VAL A 43 -11.66 -28.21 21.44
CA VAL A 43 -12.15 -26.86 21.22
C VAL A 43 -11.21 -25.83 21.83
N PRO A 44 -10.09 -25.55 21.14
CA PRO A 44 -9.09 -24.59 21.59
C PRO A 44 -9.59 -23.15 21.51
N GLN A 45 -8.77 -22.21 21.95
CA GLN A 45 -9.14 -20.80 21.93
C GLN A 45 -7.94 -19.93 22.33
N GLN A 46 -7.44 -19.15 21.37
CA GLN A 46 -6.30 -18.28 21.63
C GLN A 46 -6.19 -17.20 20.55
N THR A 47 -6.48 -15.96 20.93
CA THR A 47 -6.42 -14.84 20.00
C THR A 47 -6.61 -13.51 20.72
N LEU A 48 -5.76 -12.54 20.42
CA LEU A 48 -5.84 -11.22 21.03
C LEU A 48 -4.81 -10.27 20.43
N ARG A 49 -5.14 -8.98 20.44
CA ARG A 49 -4.24 -7.97 19.88
C ARG A 49 -4.77 -6.56 20.18
N ARG A 50 -3.85 -5.63 20.41
CA ARG A 50 -4.21 -4.25 20.70
C ARG A 50 -2.98 -3.36 20.74
N GLY A 51 -3.14 -2.13 20.22
CA GLY A 51 -2.03 -1.20 20.20
C GLY A 51 -1.51 -0.94 18.80
N ASP A 52 -2.14 0.00 18.10
CA ASP A 52 -1.75 0.33 16.74
C ASP A 52 -1.97 1.83 16.46
N VAL A 53 -0.88 2.57 16.34
CA VAL A 53 -0.96 4.00 16.08
C VAL A 53 0.41 4.56 15.69
N LEU A 54 0.43 5.40 14.67
CA LEU A 54 1.67 6.01 14.20
C LEU A 54 1.38 7.30 13.42
N MET A 55 2.19 8.32 13.69
CA MET A 55 2.02 9.61 13.02
C MET A 55 3.16 10.56 13.38
N GLN A 56 4.01 10.85 12.41
CA GLN A 56 5.14 11.75 12.62
C GLN A 56 5.59 12.40 11.31
N GLY A 57 5.38 13.72 11.22
CA GLY A 57 5.76 14.44 10.02
C GLY A 57 4.78 14.21 8.88
N ALA A 58 4.15 15.29 8.43
CA ALA A 58 3.18 15.20 7.34
C ALA A 58 3.67 15.97 6.12
N ALA A 59 3.70 17.30 6.23
CA ALA A 59 4.15 18.14 5.13
C ALA A 59 4.25 19.60 5.57
N SER A 60 5.46 20.14 5.57
CA SER A 60 5.69 21.52 5.97
C SER A 60 7.07 22.00 5.53
N PRO A 61 7.22 22.19 4.21
CA PRO A 61 8.49 22.65 3.61
C PRO A 61 8.80 24.11 3.98
N GLU A 62 9.94 24.59 3.50
CA GLU A 62 10.36 25.96 3.76
C GLU A 62 11.18 26.51 2.61
N LEU A 63 11.32 27.83 2.57
CA LEU A 63 12.09 28.49 1.52
C LEU A 63 12.22 29.99 1.80
N THR A 64 13.43 30.51 1.60
CA THR A 64 13.70 31.93 1.83
C THR A 64 15.09 32.31 1.34
N VAL A 65 15.20 33.53 0.80
CA VAL A 65 16.48 34.02 0.31
C VAL A 65 16.44 35.53 0.08
N SER A 66 17.56 36.19 0.34
CA SER A 66 17.66 37.63 0.17
C SER A 66 19.11 38.07 0.06
N GLY A 67 19.39 38.92 -0.93
CA GLY A 67 20.74 39.40 -1.13
C GLY A 67 20.80 40.58 -2.09
N THR A 68 21.09 40.30 -3.36
CA THR A 68 21.18 41.35 -4.37
C THR A 68 21.00 40.78 -5.77
N LEU A 69 20.90 41.65 -6.76
CA LEU A 69 20.74 41.24 -8.14
C LEU A 69 21.27 42.30 -9.10
N LEU A 70 22.44 42.01 -9.69
CA LEU A 70 23.06 42.94 -10.63
C LEU A 70 22.36 42.88 -12.00
N VAL A 71 21.49 43.85 -12.24
CA VAL A 71 20.76 43.92 -13.51
C VAL A 71 21.40 44.92 -14.46
N GLU A 72 21.62 44.48 -15.70
CA GLU A 72 22.24 45.34 -16.71
C GLU A 72 21.24 46.39 -17.20
N ALA A 73 20.99 47.39 -16.38
CA ALA A 73 20.06 48.46 -16.72
C ALA A 73 20.45 49.78 -16.05
N ASP A 74 19.73 50.84 -16.38
CA ASP A 74 20.01 52.15 -15.81
C ASP A 74 19.09 52.42 -14.62
N ASP A 75 19.10 53.67 -14.14
CA ASP A 75 18.28 54.06 -13.01
C ASP A 75 16.80 53.85 -13.32
N ALA A 76 16.33 54.43 -14.41
CA ALA A 76 14.94 54.31 -14.82
C ALA A 76 14.50 52.84 -14.83
N SER A 77 15.37 51.98 -15.36
CA SER A 77 15.06 50.56 -15.44
C SER A 77 15.19 49.90 -14.07
N ALA A 78 16.03 50.48 -13.22
CA ALA A 78 16.25 49.96 -11.88
C ALA A 78 14.98 50.09 -11.03
N LYS A 79 14.56 51.33 -10.80
CA LYS A 79 13.36 51.60 -10.01
C LYS A 79 12.16 50.82 -10.54
N ALA A 80 12.17 50.56 -11.84
CA ALA A 80 11.09 49.82 -12.47
C ALA A 80 11.05 48.38 -11.99
N LEU A 81 12.23 47.79 -11.81
CA LEU A 81 12.34 46.41 -11.34
C LEU A 81 12.19 46.33 -9.83
N ALA A 82 12.65 47.37 -9.14
CA ALA A 82 12.57 47.41 -7.68
C ALA A 82 11.12 47.52 -7.22
N THR A 83 10.29 48.15 -8.04
CA THR A 83 8.87 48.32 -7.71
C THR A 83 8.06 47.10 -8.15
N ARG A 84 8.45 46.51 -9.28
CA ARG A 84 7.75 45.34 -9.81
C ARG A 84 8.16 44.09 -9.05
N HIS A 85 9.44 43.76 -9.08
CA HIS A 85 9.94 42.58 -8.38
C HIS A 85 10.01 42.82 -6.88
N GLY A 86 10.05 44.09 -6.49
CA GLY A 86 10.11 44.42 -5.07
C GLY A 86 11.53 44.65 -4.60
N LEU A 87 12.44 44.88 -5.54
CA LEU A 87 13.85 45.10 -5.20
C LEU A 87 14.07 46.56 -4.77
N ASN A 88 15.34 46.94 -4.66
CA ASN A 88 15.69 48.30 -4.25
C ASN A 88 16.95 48.77 -4.98
N PHE A 89 16.78 49.74 -5.88
CA PHE A 89 17.91 50.28 -6.64
C PHE A 89 18.90 50.98 -5.72
N LYS A 90 20.11 50.45 -5.64
CA LYS A 90 21.15 51.01 -4.79
C LYS A 90 22.10 51.88 -5.62
N GLN A 91 22.72 51.27 -6.63
CA GLN A 91 23.65 51.99 -7.49
C GLN A 91 24.10 51.11 -8.66
N SER A 92 24.94 51.67 -9.53
CA SER A 92 25.44 50.94 -10.68
C SER A 92 26.96 50.88 -10.67
N SER A 93 27.51 49.80 -11.20
CA SER A 93 28.95 49.61 -11.24
C SER A 93 29.42 49.33 -12.67
N GLY A 94 29.40 50.35 -13.51
CA GLY A 94 29.83 50.19 -14.89
C GLY A 94 28.66 49.96 -15.83
N GLY A 95 27.93 48.88 -15.61
CA GLY A 95 26.79 48.56 -16.45
C GLY A 95 25.85 47.56 -15.81
N ILE A 96 25.87 47.50 -14.49
CA ILE A 96 25.01 46.57 -13.75
C ILE A 96 24.55 47.18 -12.43
N ALA A 97 23.27 47.49 -12.34
CA ALA A 97 22.70 48.07 -11.13
C ALA A 97 22.44 47.00 -10.08
N LEU A 98 23.14 47.11 -8.95
CA LEU A 98 22.99 46.15 -7.86
C LEU A 98 21.77 46.47 -7.01
N LEU A 99 20.63 45.87 -7.35
CA LEU A 99 19.40 46.10 -6.61
C LEU A 99 19.30 45.16 -5.41
N GLU A 100 18.56 45.59 -4.39
CA GLU A 100 18.38 44.79 -3.19
C GLU A 100 16.99 44.14 -3.16
N ALA A 101 16.97 42.82 -3.29
CA ALA A 101 15.71 42.08 -3.27
C ALA A 101 15.17 41.93 -1.85
N LYS A 102 13.86 42.08 -1.71
CA LYS A 102 13.21 41.96 -0.40
C LYS A 102 13.40 40.56 0.18
N PRO A 103 13.32 40.45 1.51
CA PRO A 103 13.47 39.17 2.20
C PRO A 103 12.29 38.24 1.96
N GLY A 104 12.55 37.09 1.34
CA GLY A 104 11.50 36.14 1.06
C GLY A 104 11.26 35.96 -0.42
N THR A 105 11.74 36.91 -1.22
CA THR A 105 11.57 36.85 -2.67
C THR A 105 12.72 36.10 -3.32
N ASP A 106 12.38 35.14 -4.19
CA ASP A 106 13.39 34.36 -4.90
C ASP A 106 14.08 35.19 -5.96
N LEU A 107 15.04 36.02 -5.53
CA LEU A 107 15.78 36.87 -6.46
C LEU A 107 16.46 36.04 -7.54
N ASN A 108 16.95 34.87 -7.16
CA ASN A 108 17.63 33.97 -8.10
C ASN A 108 16.69 33.61 -9.26
N ALA A 109 15.42 33.38 -8.93
CA ALA A 109 14.44 33.03 -9.94
C ALA A 109 14.12 34.20 -10.86
N ILE A 110 14.32 35.42 -10.34
CA ILE A 110 14.06 36.62 -11.11
C ILE A 110 15.05 36.76 -12.26
N ALA A 111 16.33 36.57 -11.95
CA ALA A 111 17.38 36.67 -12.97
C ALA A 111 17.12 35.72 -14.13
N THR A 112 16.42 34.62 -13.85
CA THR A 112 16.10 33.64 -14.87
C THR A 112 15.11 34.21 -15.88
N LYS A 113 14.34 35.20 -15.48
CA LYS A 113 13.37 35.84 -16.35
C LYS A 113 14.03 36.87 -17.25
N LEU A 114 15.12 37.46 -16.76
CA LEU A 114 15.85 38.46 -17.52
C LEU A 114 16.75 37.82 -18.57
N LYS A 115 17.66 36.96 -18.12
CA LYS A 115 18.58 36.26 -19.02
C LYS A 115 17.80 35.51 -20.10
N SER A 116 16.57 35.12 -19.78
CA SER A 116 15.73 34.39 -20.72
C SER A 116 15.53 35.19 -22.00
N GLU A 117 15.54 36.52 -21.88
CA GLU A 117 15.35 37.39 -23.02
C GLU A 117 16.69 37.82 -23.60
N GLY A 118 17.72 37.82 -22.75
CA GLY A 118 19.04 38.22 -23.20
C GLY A 118 19.64 39.32 -22.35
N VAL A 119 19.32 39.31 -21.06
CA VAL A 119 19.82 40.32 -20.13
C VAL A 119 20.91 39.74 -19.23
N ASN A 120 22.13 40.27 -19.38
CA ASN A 120 23.26 39.81 -18.57
C ASN A 120 23.17 40.33 -17.14
N VAL A 121 22.89 39.43 -16.21
CA VAL A 121 22.77 39.80 -14.80
C VAL A 121 23.57 38.85 -13.92
N GLN A 122 23.82 39.26 -12.68
CA GLN A 122 24.56 38.45 -11.73
C GLN A 122 23.89 38.42 -10.37
N ILE A 123 23.81 37.23 -9.77
CA ILE A 123 23.19 37.08 -8.46
C ILE A 123 24.18 37.32 -7.34
N GLU A 124 23.99 38.42 -6.62
CA GLU A 124 24.88 38.76 -5.51
C GLU A 124 24.20 38.52 -4.17
N LEU A 125 25.00 38.50 -3.10
CA LEU A 125 24.47 38.28 -1.77
C LEU A 125 24.85 39.42 -0.82
N SER A 126 24.16 39.50 0.31
CA SER A 126 24.43 40.56 1.28
C SER A 126 24.85 39.95 2.62
N GLY A 127 25.71 38.94 2.56
CA GLY A 127 26.19 38.29 3.77
C GLY A 127 27.10 37.12 3.48
N ALA A 128 26.78 36.36 2.44
CA ALA A 128 27.58 35.20 2.05
C ALA A 128 29.01 35.62 1.72
N GLU A 129 29.16 36.81 1.15
CA GLU A 129 30.48 37.32 0.77
C GLU A 129 31.31 37.62 2.01
N GLN A 130 32.62 37.76 1.81
CA GLN A 130 33.54 38.04 2.91
C GLN A 130 34.71 38.89 2.44
N GLN A 131 35.17 39.79 3.31
CA GLN A 131 36.29 40.67 2.97
C GLN A 131 37.51 40.33 3.82
N PRO A 132 38.69 40.32 3.19
CA PRO A 132 39.95 40.02 3.86
C PRO A 132 40.38 41.13 4.82
N LYS A 133 40.97 40.73 5.94
CA LYS A 133 41.42 41.69 6.94
C LYS A 133 40.28 42.61 7.36
N GLN A 4 -70.38 -133.16 7.99
CA GLN A 4 -69.42 -132.46 8.84
C GLN A 4 -68.40 -131.70 8.01
N GLU A 5 -68.11 -130.48 8.42
CA GLU A 5 -67.15 -129.65 7.70
C GLU A 5 -66.73 -128.45 8.55
N SER A 6 -65.42 -128.22 8.66
CA SER A 6 -64.89 -127.11 9.44
C SER A 6 -63.48 -126.74 8.97
N VAL A 7 -63.35 -125.54 8.43
CA VAL A 7 -62.06 -125.06 7.95
C VAL A 7 -61.60 -123.83 8.73
N THR A 8 -60.30 -123.56 8.68
CA THR A 8 -59.74 -122.41 9.39
C THR A 8 -58.83 -121.60 8.48
N MET A 9 -58.88 -120.29 8.60
CA MET A 9 -58.07 -119.40 7.79
C MET A 9 -57.22 -118.48 8.67
N ASP A 10 -56.02 -118.17 8.20
CA ASP A 10 -55.11 -117.30 8.94
C ASP A 10 -54.11 -116.63 8.00
N GLY A 11 -54.04 -115.31 8.06
CA GLY A 11 -53.13 -114.57 7.22
C GLY A 11 -53.22 -113.07 7.43
N LYS A 12 -52.14 -112.47 7.93
CA LYS A 12 -52.10 -111.04 8.18
C LYS A 12 -50.72 -110.47 7.87
N GLN A 13 -50.71 -109.31 7.21
CA GLN A 13 -49.44 -108.66 6.85
C GLN A 13 -49.65 -107.17 6.60
N TYR A 14 -48.64 -106.38 6.94
CA TYR A 14 -48.72 -104.93 6.76
C TYR A 14 -47.35 -104.36 6.39
N SER A 15 -47.33 -103.06 6.09
CA SER A 15 -46.09 -102.40 5.72
C SER A 15 -46.00 -101.01 6.36
N THR A 16 -45.12 -100.88 7.34
CA THR A 16 -44.95 -99.61 8.04
C THR A 16 -43.53 -99.47 8.58
N ILE A 17 -43.07 -98.23 8.75
CA ILE A 17 -41.73 -97.97 9.26
C ILE A 17 -41.53 -96.48 9.52
N GLU A 18 -40.93 -96.16 10.67
CA GLU A 18 -40.68 -94.77 11.03
C GLU A 18 -39.27 -94.61 11.58
N VAL A 19 -38.68 -93.44 11.34
CA VAL A 19 -37.33 -93.15 11.80
C VAL A 19 -37.29 -92.98 13.31
N ASN A 20 -36.82 -94.01 14.01
CA ASN A 20 -36.74 -93.98 15.47
C ASN A 20 -38.12 -93.78 16.09
N GLY A 21 -39.16 -94.09 15.32
CA GLY A 21 -40.51 -93.94 15.81
C GLY A 21 -41.11 -92.59 15.49
N GLN A 22 -40.24 -91.62 15.22
CA GLN A 22 -40.68 -90.26 14.90
C GLN A 22 -39.79 -89.64 13.82
N THR A 23 -40.41 -89.26 12.71
CA THR A 23 -39.68 -88.65 11.61
C THR A 23 -39.12 -87.29 11.99
N TYR A 24 -38.00 -86.90 11.39
CA TYR A 24 -37.37 -85.62 11.68
C TYR A 24 -37.12 -84.85 10.39
N LEU A 25 -37.08 -83.52 10.51
CA LEU A 25 -36.84 -82.66 9.36
C LEU A 25 -35.56 -81.85 9.53
N ILE A 26 -34.81 -81.70 8.44
CA ILE A 26 -33.55 -80.94 8.48
C ILE A 26 -33.65 -79.68 7.62
N PRO A 27 -34.29 -78.64 8.18
CA PRO A 27 -34.46 -77.36 7.49
C PRO A 27 -33.15 -76.60 7.33
N ASP A 28 -33.12 -75.65 6.40
CA ASP A 28 -31.92 -74.86 6.16
C ASP A 28 -32.29 -73.42 5.79
N ASN A 29 -31.62 -72.47 6.43
CA ASN A 29 -31.88 -71.05 6.18
C ASN A 29 -30.90 -70.18 6.94
N GLY A 30 -30.69 -68.96 6.45
CA GLY A 30 -29.78 -68.04 7.10
C GLY A 30 -29.02 -67.17 6.11
N SER A 31 -29.19 -65.86 6.22
CA SER A 31 -28.52 -64.92 5.32
C SER A 31 -28.76 -63.49 5.76
N LYS A 32 -27.69 -62.70 5.82
CA LYS A 32 -27.78 -61.30 6.22
C LYS A 32 -26.44 -60.61 6.06
N LYS A 33 -26.47 -59.36 5.59
CA LYS A 33 -25.25 -58.58 5.41
C LYS A 33 -25.57 -57.12 5.14
N ARG A 34 -24.99 -56.23 5.93
CA ARG A 34 -25.23 -54.80 5.77
C ARG A 34 -23.94 -54.01 6.03
N VAL A 35 -23.36 -53.46 4.97
CA VAL A 35 -22.14 -52.67 5.09
C VAL A 35 -22.21 -51.41 4.24
N ALA A 36 -22.04 -50.26 4.89
CA ALA A 36 -22.08 -48.98 4.20
C ALA A 36 -21.61 -47.85 5.11
N ARG A 37 -20.45 -47.29 4.79
CA ARG A 37 -19.90 -46.19 5.59
C ARG A 37 -18.73 -45.52 4.84
N SER A 38 -18.99 -44.33 4.32
CA SER A 38 -17.97 -43.59 3.59
C SER A 38 -18.46 -42.18 3.24
N LEU A 39 -17.94 -41.19 3.97
CA LEU A 39 -18.32 -39.80 3.74
C LEU A 39 -17.39 -38.85 4.49
N ASP A 40 -16.68 -38.02 3.74
CA ASP A 40 -15.75 -37.06 4.33
C ASP A 40 -15.24 -36.09 3.28
N SER A 41 -15.44 -34.79 3.51
CA SER A 41 -15.00 -33.77 2.57
C SER A 41 -15.24 -32.38 3.16
N LYS A 42 -14.15 -31.66 3.42
CA LYS A 42 -14.23 -30.31 3.97
C LYS A 42 -12.85 -29.65 4.02
N VAL A 43 -12.80 -28.36 3.72
CA VAL A 43 -11.56 -27.62 3.73
C VAL A 43 -11.78 -26.14 3.42
N PRO A 44 -12.26 -25.40 4.42
CA PRO A 44 -12.53 -23.96 4.27
C PRO A 44 -11.26 -23.14 4.14
N GLN A 45 -11.25 -22.22 3.18
CA GLN A 45 -10.09 -21.37 2.94
C GLN A 45 -10.39 -20.31 1.89
N GLN A 46 -10.40 -19.06 2.30
CA GLN A 46 -10.67 -17.96 1.38
C GLN A 46 -10.03 -16.66 1.87
N THR A 47 -9.04 -16.18 1.13
CA THR A 47 -8.34 -14.95 1.48
C THR A 47 -7.68 -14.32 0.26
N LEU A 48 -8.14 -13.13 -0.11
CA LEU A 48 -7.60 -12.42 -1.25
C LEU A 48 -8.22 -11.03 -1.39
N ARG A 49 -7.38 -10.01 -1.33
CA ARG A 49 -7.85 -8.63 -1.45
C ARG A 49 -6.67 -7.67 -1.60
N ARG A 50 -6.93 -6.51 -2.19
CA ARG A 50 -5.90 -5.50 -2.39
C ARG A 50 -6.49 -4.22 -2.98
N GLY A 51 -5.85 -3.10 -2.69
CA GLY A 51 -6.32 -1.82 -3.20
C GLY A 51 -6.06 -0.68 -2.25
N ASP A 52 -5.12 0.19 -2.62
CA ASP A 52 -4.76 1.33 -1.78
C ASP A 52 -3.73 2.21 -2.47
N VAL A 53 -4.14 3.43 -2.82
CA VAL A 53 -3.24 4.37 -3.49
C VAL A 53 -3.64 5.80 -3.20
N LEU A 54 -2.66 6.70 -3.20
CA LEU A 54 -2.90 8.11 -2.93
C LEU A 54 -1.80 8.98 -3.54
N MET A 55 -2.04 10.28 -3.59
CA MET A 55 -1.08 11.22 -4.15
C MET A 55 -1.57 12.66 -4.01
N GLN A 56 -0.65 13.57 -3.71
CA GLN A 56 -0.99 14.98 -3.54
C GLN A 56 0.26 15.82 -3.29
N GLY A 57 0.18 17.10 -3.61
CA GLY A 57 1.31 17.99 -3.41
C GLY A 57 1.89 18.50 -4.71
N ALA A 58 1.73 19.80 -4.96
CA ALA A 58 2.24 20.41 -6.18
C ALA A 58 2.86 21.76 -5.90
N ALA A 59 4.08 21.75 -5.35
CA ALA A 59 4.78 22.99 -5.03
C ALA A 59 6.20 22.71 -4.54
N SER A 60 7.11 23.63 -4.80
CA SER A 60 8.50 23.48 -4.40
C SER A 60 9.33 24.70 -4.81
N PRO A 61 9.09 25.82 -4.12
CA PRO A 61 9.81 27.08 -4.38
C PRO A 61 11.28 27.01 -3.97
N GLU A 62 11.95 28.16 -4.01
CA GLU A 62 13.35 28.23 -3.65
C GLU A 62 13.82 29.69 -3.55
N LEU A 63 14.80 29.93 -2.69
CA LEU A 63 15.34 31.27 -2.51
C LEU A 63 16.69 31.22 -1.81
N THR A 64 17.77 31.45 -2.57
CA THR A 64 19.11 31.44 -2.02
C THR A 64 19.80 32.79 -2.22
N VAL A 65 21.02 32.91 -1.68
CA VAL A 65 21.78 34.15 -1.81
C VAL A 65 21.10 35.29 -1.05
N SER A 66 21.92 36.12 -0.41
CA SER A 66 21.40 37.25 0.35
C SER A 66 22.53 38.12 0.88
N GLY A 67 22.42 39.42 0.66
CA GLY A 67 23.45 40.34 1.12
C GLY A 67 23.15 41.78 0.73
N THR A 68 23.94 42.32 -0.19
CA THR A 68 23.76 43.70 -0.64
C THR A 68 24.01 43.83 -2.13
N LEU A 69 23.55 44.93 -2.72
CA LEU A 69 23.72 45.17 -4.15
C LEU A 69 23.93 46.65 -4.42
N LEU A 70 25.04 46.98 -5.08
CA LEU A 70 25.36 48.36 -5.41
C LEU A 70 24.84 48.72 -6.80
N VAL A 71 23.73 49.44 -6.85
CA VAL A 71 23.13 49.85 -8.11
C VAL A 71 23.49 51.29 -8.44
N GLU A 72 24.05 51.50 -9.63
CA GLU A 72 24.44 52.84 -10.08
C GLU A 72 23.23 53.65 -10.49
N ALA A 73 22.71 54.45 -9.57
CA ALA A 73 21.54 55.28 -9.84
C ALA A 73 21.26 56.23 -8.69
N ASP A 74 20.33 57.16 -8.90
CA ASP A 74 19.96 58.13 -7.88
C ASP A 74 19.03 57.50 -6.84
N ASP A 75 18.78 58.23 -5.77
CA ASP A 75 17.90 57.75 -4.70
C ASP A 75 16.53 57.37 -5.25
N ALA A 76 16.01 58.21 -6.15
CA ALA A 76 14.71 57.97 -6.76
C ALA A 76 14.63 56.56 -7.34
N SER A 77 15.70 56.14 -7.99
CA SER A 77 15.76 54.82 -8.61
C SER A 77 15.97 53.74 -7.56
N ALA A 78 16.74 54.07 -6.52
CA ALA A 78 17.02 53.13 -5.45
C ALA A 78 15.73 52.59 -4.83
N LYS A 79 14.93 53.49 -4.26
CA LYS A 79 13.67 53.10 -3.64
C LYS A 79 12.79 52.35 -4.62
N ALA A 80 12.93 52.66 -5.91
CA ALA A 80 12.15 52.01 -6.96
C ALA A 80 12.53 50.53 -7.07
N LEU A 81 13.79 50.23 -6.82
CA LEU A 81 14.28 48.86 -6.90
C LEU A 81 13.99 48.10 -5.61
N ALA A 82 14.08 48.80 -4.49
CA ALA A 82 13.82 48.20 -3.19
C ALA A 82 12.35 47.79 -3.05
N THR A 83 11.48 48.52 -3.73
CA THR A 83 10.05 48.23 -3.69
C THR A 83 9.66 47.18 -4.72
N ARG A 84 10.31 47.25 -5.88
CA ARG A 84 10.03 46.30 -6.96
C ARG A 84 10.68 44.95 -6.68
N HIS A 85 12.00 44.95 -6.56
CA HIS A 85 12.74 43.73 -6.29
C HIS A 85 12.56 43.29 -4.84
N GLY A 86 12.20 44.24 -3.98
CA GLY A 86 11.99 43.94 -2.58
C GLY A 86 13.23 44.22 -1.75
N LEU A 87 14.16 45.01 -2.29
CA LEU A 87 15.38 45.35 -1.59
C LEU A 87 15.15 46.48 -0.60
N ASN A 88 16.23 47.02 -0.06
CA ASN A 88 16.15 48.11 0.91
C ASN A 88 17.21 49.16 0.64
N PHE A 89 16.79 50.31 0.13
CA PHE A 89 17.72 51.40 -0.17
C PHE A 89 18.25 52.03 1.12
N LYS A 90 19.54 51.84 1.39
CA LYS A 90 20.16 52.39 2.58
C LYS A 90 20.75 53.77 2.30
N GLN A 91 21.70 53.83 1.38
CA GLN A 91 22.34 55.09 1.01
C GLN A 91 23.19 54.94 -0.24
N SER A 92 23.84 56.02 -0.64
CA SER A 92 24.68 56.00 -1.84
C SER A 92 26.14 56.30 -1.48
N SER A 93 27.06 55.79 -2.29
CA SER A 93 28.48 56.01 -2.06
C SER A 93 29.07 56.95 -3.10
N GLY A 94 28.22 57.81 -3.66
CA GLY A 94 28.67 58.75 -4.66
C GLY A 94 28.13 58.43 -6.05
N GLY A 95 28.18 57.16 -6.41
CA GLY A 95 27.69 56.75 -7.72
C GLY A 95 27.12 55.34 -7.70
N ILE A 96 26.85 54.82 -6.51
CA ILE A 96 26.29 53.48 -6.36
C ILE A 96 25.49 53.36 -5.07
N ALA A 97 24.20 53.07 -5.21
CA ALA A 97 23.32 52.92 -4.06
C ALA A 97 23.31 51.48 -3.56
N LEU A 98 23.81 51.28 -2.35
CA LEU A 98 23.87 49.95 -1.76
C LEU A 98 22.52 49.58 -1.13
N LEU A 99 21.83 48.62 -1.76
CA LEU A 99 20.54 48.18 -1.26
C LEU A 99 20.65 46.80 -0.61
N GLU A 100 19.76 46.53 0.35
CA GLU A 100 19.76 45.25 1.05
C GLU A 100 18.62 44.37 0.57
N ALA A 101 18.97 43.25 -0.07
CA ALA A 101 17.98 42.32 -0.58
C ALA A 101 17.52 41.35 0.50
N LYS A 102 16.24 40.96 0.44
CA LYS A 102 15.69 40.03 1.41
C LYS A 102 16.48 38.73 1.45
N PRO A 103 16.29 37.96 2.53
CA PRO A 103 16.99 36.67 2.71
C PRO A 103 16.48 35.60 1.74
N GLY A 104 17.38 35.13 0.88
CA GLY A 104 17.01 34.12 -0.09
C GLY A 104 16.84 34.68 -1.49
N THR A 105 16.98 36.00 -1.62
CA THR A 105 16.83 36.66 -2.91
C THR A 105 18.13 36.60 -3.70
N ASP A 106 18.04 36.14 -4.93
CA ASP A 106 19.21 36.04 -5.81
C ASP A 106 19.61 37.41 -6.35
N LEU A 107 20.12 38.26 -5.47
CA LEU A 107 20.54 39.60 -5.86
C LEU A 107 21.60 39.55 -6.95
N ASN A 108 22.37 38.45 -6.98
CA ASN A 108 23.42 38.27 -7.98
C ASN A 108 22.84 38.27 -9.38
N ALA A 109 21.60 37.79 -9.51
CA ALA A 109 20.93 37.73 -10.80
C ALA A 109 20.33 39.09 -11.16
N ILE A 110 19.82 39.79 -10.15
CA ILE A 110 19.22 41.10 -10.37
C ILE A 110 20.19 42.05 -11.07
N ALA A 111 21.44 42.04 -10.61
CA ALA A 111 22.46 42.89 -11.20
C ALA A 111 22.66 42.60 -12.68
N THR A 112 22.51 41.32 -13.05
CA THR A 112 22.67 40.91 -14.44
C THR A 112 21.63 41.57 -15.33
N LYS A 113 20.51 41.96 -14.74
CA LYS A 113 19.43 42.61 -15.48
C LYS A 113 19.74 44.08 -15.69
N LEU A 114 20.51 44.66 -14.78
CA LEU A 114 20.87 46.07 -14.87
C LEU A 114 22.04 46.27 -15.83
N LYS A 115 23.11 45.51 -15.61
CA LYS A 115 24.30 45.60 -16.47
C LYS A 115 23.94 45.30 -17.92
N SER A 116 22.89 44.52 -18.12
CA SER A 116 22.46 44.15 -19.47
C SER A 116 22.15 45.40 -20.29
N GLU A 117 21.64 46.44 -19.63
CA GLU A 117 21.30 47.69 -20.30
C GLU A 117 22.50 48.64 -20.32
N GLY A 118 23.45 48.40 -19.42
CA GLY A 118 24.62 49.24 -19.34
C GLY A 118 24.78 49.90 -17.99
N VAL A 119 24.34 49.21 -16.94
CA VAL A 119 24.42 49.74 -15.58
C VAL A 119 25.53 49.06 -14.79
N ASN A 120 26.49 49.85 -14.34
CA ASN A 120 27.61 49.32 -13.56
C ASN A 120 27.20 49.07 -12.11
N VAL A 121 27.11 47.80 -11.74
CA VAL A 121 26.73 47.43 -10.39
C VAL A 121 27.72 46.42 -9.81
N GLN A 122 27.67 46.25 -8.49
CA GLN A 122 28.55 45.31 -7.80
C GLN A 122 27.80 44.54 -6.73
N ILE A 123 27.97 43.21 -6.74
CA ILE A 123 27.30 42.35 -5.77
C ILE A 123 28.08 42.30 -4.47
N GLU A 124 27.54 42.92 -3.42
CA GLU A 124 28.19 42.93 -2.12
C GLU A 124 27.52 41.94 -1.17
N LEU A 125 28.18 41.68 -0.04
CA LEU A 125 27.64 40.75 0.95
C LEU A 125 27.47 41.43 2.29
N SER A 126 26.55 40.91 3.10
CA SER A 126 26.28 41.47 4.42
C SER A 126 26.75 40.53 5.52
N GLY A 127 27.95 39.97 5.35
CA GLY A 127 28.49 39.06 6.33
C GLY A 127 29.98 38.85 6.16
N ALA A 128 30.44 38.76 4.92
CA ALA A 128 31.84 38.56 4.62
C ALA A 128 32.62 39.88 4.71
N GLU A 129 32.67 40.45 5.91
CA GLU A 129 33.38 41.71 6.10
C GLU A 129 34.23 41.65 7.37
N GLN A 130 35.56 41.67 7.18
CA GLN A 130 36.48 41.61 8.30
C GLN A 130 36.75 43.00 8.85
N GLN A 131 36.80 43.12 10.17
CA GLN A 131 37.05 44.40 10.83
C GLN A 131 38.41 44.40 11.52
N PRO A 132 38.95 45.61 11.76
CA PRO A 132 40.25 45.77 12.41
C PRO A 132 40.21 45.40 13.88
N LYS A 133 41.38 45.32 14.50
CA LYS A 133 41.46 44.98 15.93
C LYS A 133 40.73 43.68 16.22
N GLN A 4 -49.80 -133.16 5.06
CA GLN A 4 -49.59 -133.67 3.70
C GLN A 4 -49.32 -132.53 2.73
N GLU A 5 -49.90 -131.37 3.02
CA GLU A 5 -49.72 -130.20 2.17
C GLU A 5 -48.50 -129.39 2.60
N SER A 6 -48.02 -128.54 1.70
CA SER A 6 -46.86 -127.71 1.98
C SER A 6 -47.28 -126.27 2.27
N VAL A 7 -48.09 -126.08 3.31
CA VAL A 7 -48.57 -124.77 3.70
C VAL A 7 -47.83 -124.24 4.92
N THR A 8 -46.70 -123.58 4.69
CA THR A 8 -45.90 -123.03 5.78
C THR A 8 -45.48 -121.59 5.48
N MET A 9 -46.41 -120.67 5.65
CA MET A 9 -46.15 -119.25 5.41
C MET A 9 -47.20 -118.38 6.09
N ASP A 10 -46.80 -117.72 7.17
CA ASP A 10 -47.70 -116.85 7.92
C ASP A 10 -46.94 -115.67 8.53
N GLY A 11 -47.22 -114.47 8.03
CA GLY A 11 -46.55 -113.29 8.53
C GLY A 11 -47.19 -112.00 8.04
N LYS A 12 -46.70 -111.49 6.92
CA LYS A 12 -47.23 -110.26 6.34
C LYS A 12 -47.19 -109.12 7.36
N GLN A 13 -46.25 -109.20 8.29
CA GLN A 13 -46.11 -108.17 9.31
C GLN A 13 -45.16 -107.07 8.87
N TYR A 14 -45.35 -105.86 9.39
CA TYR A 14 -44.51 -104.73 9.03
C TYR A 14 -44.41 -103.74 10.20
N SER A 15 -43.43 -102.85 10.12
CA SER A 15 -43.21 -101.87 11.17
C SER A 15 -43.03 -100.47 10.57
N THR A 16 -43.93 -99.56 10.93
CA THR A 16 -43.88 -98.19 10.44
C THR A 16 -44.67 -97.25 11.33
N ILE A 17 -44.19 -96.01 11.46
CA ILE A 17 -44.86 -95.02 12.28
C ILE A 17 -44.94 -93.67 11.56
N GLU A 18 -46.03 -92.95 11.79
CA GLU A 18 -46.23 -91.65 11.16
C GLU A 18 -46.78 -90.64 12.17
N VAL A 19 -46.43 -89.37 11.97
CA VAL A 19 -46.88 -88.31 12.86
C VAL A 19 -48.09 -87.58 12.27
N ASN A 20 -49.16 -87.49 13.05
CA ASN A 20 -50.37 -86.81 12.60
C ASN A 20 -50.96 -87.51 11.38
N GLY A 21 -50.59 -88.77 11.19
CA GLY A 21 -51.08 -89.53 10.06
C GLY A 21 -50.19 -89.43 8.84
N GLN A 22 -49.36 -88.39 8.80
CA GLN A 22 -48.44 -88.18 7.69
C GLN A 22 -47.11 -87.62 8.17
N THR A 23 -46.04 -88.36 7.89
CA THR A 23 -44.70 -87.94 8.31
C THR A 23 -44.30 -86.65 7.62
N TYR A 24 -43.65 -85.76 8.37
CA TYR A 24 -43.20 -84.48 7.84
C TYR A 24 -42.21 -83.81 8.78
N LEU A 25 -41.22 -83.13 8.21
CA LEU A 25 -40.20 -82.45 8.99
C LEU A 25 -40.60 -81.00 9.25
N ILE A 26 -40.08 -80.43 10.33
CA ILE A 26 -40.38 -79.04 10.69
C ILE A 26 -39.13 -78.18 10.64
N PRO A 27 -38.73 -77.78 9.42
CA PRO A 27 -37.55 -76.94 9.22
C PRO A 27 -37.74 -75.52 9.74
N ASP A 28 -36.66 -74.92 10.22
CA ASP A 28 -36.71 -73.57 10.75
C ASP A 28 -35.43 -72.80 10.40
N ASN A 29 -35.55 -71.86 9.48
CA ASN A 29 -34.40 -71.05 9.06
C ASN A 29 -34.84 -69.91 8.14
N GLY A 30 -34.03 -68.87 8.08
CA GLY A 30 -34.34 -67.73 7.24
C GLY A 30 -34.67 -66.48 8.05
N SER A 31 -33.66 -65.66 8.29
CA SER A 31 -33.85 -64.43 9.06
C SER A 31 -32.63 -63.51 8.93
N LYS A 32 -32.80 -62.41 8.21
CA LYS A 32 -31.72 -61.46 8.01
C LYS A 32 -32.27 -60.06 7.73
N LYS A 33 -31.56 -59.06 8.22
CA LYS A 33 -31.98 -57.66 8.03
C LYS A 33 -30.88 -56.70 8.43
N ARG A 34 -30.27 -56.05 7.44
CA ARG A 34 -29.19 -55.10 7.69
C ARG A 34 -29.15 -54.01 6.62
N VAL A 35 -29.50 -52.79 7.00
CA VAL A 35 -29.50 -51.67 6.07
C VAL A 35 -29.13 -50.37 6.78
N ALA A 36 -28.08 -49.72 6.28
CA ALA A 36 -27.62 -48.47 6.86
C ALA A 36 -26.47 -47.88 6.05
N ARG A 37 -26.72 -46.74 5.42
CA ARG A 37 -25.70 -46.07 4.62
C ARG A 37 -26.04 -44.60 4.43
N SER A 38 -25.34 -43.73 5.17
CA SER A 38 -25.58 -42.30 5.09
C SER A 38 -24.52 -41.54 5.87
N LEU A 39 -23.52 -41.03 5.16
CA LEU A 39 -22.44 -40.27 5.79
C LEU A 39 -21.95 -39.16 4.87
N ASP A 40 -22.34 -37.93 5.19
CA ASP A 40 -21.93 -36.76 4.39
C ASP A 40 -22.34 -35.46 5.07
N SER A 41 -21.47 -34.47 5.02
CA SER A 41 -21.74 -33.18 5.63
C SER A 41 -20.59 -32.22 5.41
N LYS A 42 -20.80 -31.23 4.54
CA LYS A 42 -19.77 -30.25 4.23
C LYS A 42 -20.39 -28.97 3.65
N VAL A 43 -19.72 -27.85 3.85
CA VAL A 43 -20.21 -26.57 3.35
C VAL A 43 -19.05 -25.62 3.04
N PRO A 44 -18.34 -25.90 1.93
CA PRO A 44 -17.20 -25.08 1.51
C PRO A 44 -17.63 -23.70 1.00
N GLN A 45 -17.18 -22.67 1.70
CA GLN A 45 -17.51 -21.29 1.33
C GLN A 45 -16.78 -20.30 2.22
N GLN A 46 -15.91 -19.51 1.62
CA GLN A 46 -15.14 -18.50 2.36
C GLN A 46 -14.26 -17.69 1.43
N THR A 47 -14.63 -16.42 1.22
CA THR A 47 -13.87 -15.54 0.35
C THR A 47 -14.19 -14.07 0.64
N LEU A 48 -13.24 -13.38 1.25
CA LEU A 48 -13.43 -11.97 1.59
C LEU A 48 -12.14 -11.38 2.16
N ARG A 49 -11.79 -10.17 1.71
CA ARG A 49 -10.59 -9.50 2.18
C ARG A 49 -10.51 -8.08 1.62
N ARG A 50 -9.79 -7.22 2.32
CA ARG A 50 -9.64 -5.83 1.90
C ARG A 50 -8.70 -5.07 2.83
N GLY A 51 -8.37 -3.84 2.46
CA GLY A 51 -7.48 -3.03 3.27
C GLY A 51 -6.14 -2.77 2.60
N ASP A 52 -6.05 -1.65 1.90
CA ASP A 52 -4.82 -1.29 1.21
C ASP A 52 -4.93 0.12 0.62
N VAL A 53 -4.21 1.06 1.21
CA VAL A 53 -4.22 2.45 0.75
C VAL A 53 -2.91 3.15 1.09
N LEU A 54 -2.39 3.91 0.14
CA LEU A 54 -1.14 4.64 0.34
C LEU A 54 -0.90 5.62 -0.81
N MET A 55 -1.06 6.91 -0.52
CA MET A 55 -0.86 7.95 -1.52
C MET A 55 -0.90 9.33 -0.88
N GLN A 56 0.26 10.00 -0.85
CA GLN A 56 0.35 11.33 -0.27
C GLN A 56 1.75 11.92 -0.47
N GLY A 57 1.81 13.23 -0.61
CA GLY A 57 3.09 13.90 -0.81
C GLY A 57 3.35 14.22 -2.27
N ALA A 58 3.51 15.50 -2.57
CA ALA A 58 3.78 15.92 -3.94
C ALA A 58 4.14 17.41 -3.99
N ALA A 59 5.39 17.70 -4.28
CA ALA A 59 5.87 19.08 -4.35
C ALA A 59 7.31 19.13 -4.83
N SER A 60 7.78 20.34 -5.13
CA SER A 60 9.16 20.53 -5.60
C SER A 60 9.48 22.02 -5.74
N PRO A 61 9.55 22.72 -4.60
CA PRO A 61 9.86 24.16 -4.57
C PRO A 61 11.30 24.45 -4.96
N GLU A 62 11.51 25.63 -5.56
CA GLU A 62 12.84 26.03 -5.99
C GLU A 62 12.90 27.53 -6.25
N LEU A 63 14.09 28.12 -6.07
CA LEU A 63 14.27 29.55 -6.29
C LEU A 63 15.74 29.94 -6.09
N THR A 64 16.30 30.60 -7.09
CA THR A 64 17.68 31.04 -7.04
C THR A 64 17.87 32.40 -7.71
N VAL A 65 18.18 33.41 -6.90
CA VAL A 65 18.38 34.76 -7.41
C VAL A 65 19.60 35.41 -6.78
N SER A 66 20.43 36.03 -7.61
CA SER A 66 21.65 36.69 -7.13
C SER A 66 22.26 37.55 -8.24
N GLY A 67 22.73 38.73 -7.85
CA GLY A 67 23.34 39.63 -8.81
C GLY A 67 23.98 40.84 -8.14
N THR A 68 23.23 41.95 -8.07
CA THR A 68 23.73 43.17 -7.46
C THR A 68 22.59 44.13 -7.16
N LEU A 69 22.86 45.10 -6.30
CA LEU A 69 21.85 46.10 -5.92
C LEU A 69 22.50 47.44 -5.60
N LEU A 70 22.37 48.38 -6.53
CA LEU A 70 22.95 49.72 -6.36
C LEU A 70 22.12 50.54 -5.37
N VAL A 71 22.61 50.61 -4.13
CA VAL A 71 21.92 51.37 -3.09
C VAL A 71 22.54 52.75 -2.92
N GLU A 72 21.69 53.77 -2.92
CA GLU A 72 22.16 55.15 -2.75
C GLU A 72 22.44 55.45 -1.29
N ALA A 73 23.69 55.29 -0.88
CA ALA A 73 24.09 55.56 0.49
C ALA A 73 25.61 55.46 0.64
N ASP A 74 26.10 55.84 1.83
CA ASP A 74 27.54 55.80 2.10
C ASP A 74 27.96 54.40 2.51
N ASP A 75 29.28 54.21 2.66
CA ASP A 75 29.82 52.92 3.04
C ASP A 75 29.20 52.43 4.35
N ALA A 76 29.05 53.34 5.30
CA ALA A 76 28.47 53.01 6.59
C ALA A 76 27.11 52.34 6.43
N SER A 77 26.35 52.80 5.44
CA SER A 77 25.03 52.26 5.17
C SER A 77 25.12 50.95 4.40
N ALA A 78 26.09 50.86 3.50
CA ALA A 78 26.29 49.67 2.69
C ALA A 78 26.53 48.45 3.57
N LYS A 79 27.60 48.49 4.36
CA LYS A 79 27.94 47.39 5.25
C LYS A 79 26.76 47.01 6.12
N ALA A 80 25.96 48.00 6.49
CA ALA A 80 24.78 47.77 7.33
C ALA A 80 23.76 46.91 6.60
N LEU A 81 23.64 47.12 5.29
CA LEU A 81 22.69 46.36 4.48
C LEU A 81 23.29 45.02 4.07
N ALA A 82 24.60 44.98 3.86
CA ALA A 82 25.29 43.77 3.47
C ALA A 82 25.25 42.72 4.59
N THR A 83 25.22 43.21 5.84
CA THR A 83 25.18 42.32 6.99
C THR A 83 23.75 41.92 7.33
N ARG A 84 22.82 42.86 7.14
CA ARG A 84 21.41 42.60 7.42
C ARG A 84 20.77 41.77 6.32
N HIS A 85 20.78 42.29 5.10
CA HIS A 85 20.20 41.60 3.96
C HIS A 85 21.11 40.46 3.50
N GLY A 86 22.38 40.54 3.86
CA GLY A 86 23.33 39.51 3.48
C GLY A 86 24.08 39.85 2.20
N LEU A 87 24.06 41.13 1.84
CA LEU A 87 24.74 41.58 0.62
C LEU A 87 26.23 41.78 0.89
N ASN A 88 26.92 42.39 -0.08
CA ASN A 88 28.35 42.64 0.04
C ASN A 88 28.73 43.96 -0.63
N PHE A 89 29.08 44.94 0.19
CA PHE A 89 29.46 46.26 -0.31
C PHE A 89 30.82 46.20 -1.01
N LYS A 90 30.82 46.45 -2.32
CA LYS A 90 32.05 46.42 -3.10
C LYS A 90 32.57 47.84 -3.34
N GLN A 91 31.80 48.62 -4.08
CA GLN A 91 32.17 49.99 -4.39
C GLN A 91 30.95 50.84 -4.77
N SER A 92 31.18 52.09 -5.09
CA SER A 92 30.11 53.00 -5.46
C SER A 92 30.49 53.83 -6.69
N SER A 93 29.49 54.15 -7.51
CA SER A 93 29.72 54.93 -8.72
C SER A 93 29.22 56.36 -8.54
N GLY A 94 29.82 57.09 -7.59
CA GLY A 94 29.42 58.45 -7.34
C GLY A 94 28.52 58.58 -6.13
N GLY A 95 27.38 57.90 -6.18
CA GLY A 95 26.43 57.95 -5.09
C GLY A 95 25.58 56.69 -4.98
N ILE A 96 26.02 55.63 -5.65
CA ILE A 96 25.29 54.37 -5.63
C ILE A 96 26.22 53.20 -5.35
N ALA A 97 26.12 52.64 -4.15
CA ALA A 97 26.95 51.51 -3.76
C ALA A 97 26.41 50.20 -4.33
N LEU A 98 27.18 49.59 -5.22
CA LEU A 98 26.77 48.33 -5.84
C LEU A 98 27.08 47.15 -4.93
N LEU A 99 26.11 46.76 -4.13
CA LEU A 99 26.27 45.64 -3.21
C LEU A 99 25.97 44.31 -3.90
N GLU A 100 26.61 43.24 -3.43
CA GLU A 100 26.41 41.92 -4.01
C GLU A 100 25.53 41.06 -3.10
N ALA A 101 24.32 40.76 -3.57
CA ALA A 101 23.39 39.94 -2.81
C ALA A 101 23.78 38.47 -2.86
N LYS A 102 23.60 37.78 -1.74
CA LYS A 102 23.92 36.36 -1.65
C LYS A 102 22.97 35.53 -2.51
N PRO A 103 23.43 34.33 -2.90
CA PRO A 103 22.63 33.41 -3.72
C PRO A 103 21.44 32.83 -2.96
N GLY A 104 20.24 33.11 -3.45
CA GLY A 104 19.03 32.61 -2.81
C GLY A 104 18.17 33.73 -2.25
N THR A 105 18.76 34.91 -2.10
CA THR A 105 18.04 36.06 -1.56
C THR A 105 17.37 36.86 -2.67
N ASP A 106 16.18 37.38 -2.38
CA ASP A 106 15.43 38.16 -3.36
C ASP A 106 15.88 39.62 -3.34
N LEU A 107 17.03 39.89 -3.94
CA LEU A 107 17.56 41.25 -3.99
C LEU A 107 16.54 42.21 -4.57
N ASN A 108 15.81 41.75 -5.59
CA ASN A 108 14.80 42.58 -6.24
C ASN A 108 13.74 43.02 -5.24
N ALA A 109 13.40 42.12 -4.31
CA ALA A 109 12.39 42.42 -3.30
C ALA A 109 12.93 43.41 -2.27
N ILE A 110 14.24 43.43 -2.11
CA ILE A 110 14.88 44.33 -1.15
C ILE A 110 14.74 45.78 -1.59
N ALA A 111 14.99 46.03 -2.88
CA ALA A 111 14.89 47.37 -3.43
C ALA A 111 13.53 47.99 -3.12
N THR A 112 12.49 47.17 -3.09
CA THR A 112 11.15 47.64 -2.81
C THR A 112 11.04 48.19 -1.40
N LYS A 113 11.92 47.74 -0.51
CA LYS A 113 11.93 48.21 0.86
C LYS A 113 12.67 49.54 0.99
N LEU A 114 13.62 49.77 0.10
CA LEU A 114 14.38 51.00 0.10
C LEU A 114 13.62 52.13 -0.57
N LYS A 115 13.29 51.94 -1.84
CA LYS A 115 12.55 52.94 -2.60
C LYS A 115 11.23 53.28 -1.91
N SER A 116 10.71 52.33 -1.14
CA SER A 116 9.45 52.51 -0.43
C SER A 116 9.53 53.74 0.49
N GLU A 117 10.73 54.05 0.95
CA GLU A 117 10.95 55.18 1.84
C GLU A 117 11.40 56.40 1.06
N GLY A 118 12.03 56.17 -0.09
CA GLY A 118 12.51 57.26 -0.92
C GLY A 118 13.97 57.12 -1.27
N VAL A 119 14.43 55.88 -1.42
CA VAL A 119 15.82 55.62 -1.76
C VAL A 119 15.96 55.18 -3.21
N ASN A 120 16.70 55.97 -3.99
CA ASN A 120 16.92 55.67 -5.40
C ASN A 120 17.96 54.56 -5.57
N VAL A 121 17.49 53.38 -5.99
CA VAL A 121 18.38 52.25 -6.19
C VAL A 121 18.17 51.62 -7.56
N GLN A 122 19.12 50.79 -7.99
CA GLN A 122 19.04 50.14 -9.28
C GLN A 122 19.40 48.66 -9.16
N ILE A 123 18.58 47.81 -9.78
CA ILE A 123 18.81 46.37 -9.74
C ILE A 123 19.76 45.93 -10.86
N GLU A 124 20.97 45.56 -10.47
CA GLU A 124 21.98 45.13 -11.44
C GLU A 124 22.21 43.62 -11.34
N LEU A 125 22.90 43.07 -12.33
CA LEU A 125 23.19 41.64 -12.35
C LEU A 125 24.70 41.39 -12.31
N SER A 126 25.09 40.24 -11.78
CA SER A 126 26.50 39.88 -11.68
C SER A 126 26.83 38.73 -12.62
N GLY A 127 26.28 38.76 -13.82
CA GLY A 127 26.53 37.72 -14.80
C GLY A 127 26.15 38.12 -16.20
N ALA A 128 25.02 38.81 -16.34
CA ALA A 128 24.55 39.27 -17.64
C ALA A 128 25.49 40.32 -18.22
N GLU A 129 26.17 41.03 -17.35
CA GLU A 129 27.11 42.08 -17.78
C GLU A 129 28.34 41.47 -18.43
N GLN A 130 29.31 42.31 -18.76
CA GLN A 130 30.55 41.86 -19.39
C GLN A 130 31.76 42.55 -18.77
N GLN A 131 32.95 42.11 -19.17
CA GLN A 131 34.19 42.68 -18.64
C GLN A 131 35.02 43.29 -19.77
N PRO A 132 34.57 44.44 -20.28
CA PRO A 132 35.25 45.15 -21.37
C PRO A 132 36.58 45.75 -20.92
N LYS A 133 37.18 46.56 -21.79
CA LYS A 133 38.45 47.21 -21.48
C LYS A 133 38.36 47.97 -20.16
N GLN A 4 -70.32 -120.48 -12.92
CA GLN A 4 -69.43 -119.37 -13.28
C GLN A 4 -68.65 -118.90 -12.06
N GLU A 5 -67.55 -119.59 -11.77
CA GLU A 5 -66.71 -119.24 -10.62
C GLU A 5 -65.93 -117.97 -10.89
N SER A 6 -65.50 -117.30 -9.83
CA SER A 6 -64.75 -116.06 -9.94
C SER A 6 -63.88 -115.83 -8.72
N VAL A 7 -62.73 -115.19 -8.93
CA VAL A 7 -61.80 -114.91 -7.83
C VAL A 7 -61.53 -113.41 -7.71
N THR A 8 -61.72 -112.87 -6.51
CA THR A 8 -61.50 -111.45 -6.26
C THR A 8 -60.32 -111.24 -5.33
N MET A 9 -59.11 -111.34 -5.87
CA MET A 9 -57.90 -111.15 -5.07
C MET A 9 -57.81 -109.72 -4.56
N ASP A 10 -56.81 -109.48 -3.72
CA ASP A 10 -56.61 -108.14 -3.15
C ASP A 10 -55.12 -107.80 -3.09
N GLY A 11 -54.82 -106.60 -2.58
CA GLY A 11 -53.44 -106.18 -2.48
C GLY A 11 -53.16 -105.42 -1.20
N LYS A 12 -51.90 -105.08 -0.97
CA LYS A 12 -51.50 -104.35 0.23
C LYS A 12 -50.29 -103.47 -0.05
N GLN A 13 -50.10 -102.44 0.78
CA GLN A 13 -48.98 -101.53 0.63
C GLN A 13 -48.18 -101.41 1.92
N TYR A 14 -47.01 -100.78 1.84
CA TYR A 14 -46.15 -100.62 3.00
C TYR A 14 -45.56 -99.21 3.04
N SER A 15 -45.05 -98.82 4.21
CA SER A 15 -44.46 -97.50 4.38
C SER A 15 -43.67 -97.43 5.68
N THR A 16 -42.68 -96.55 5.71
CA THR A 16 -41.84 -96.38 6.90
C THR A 16 -41.79 -94.92 7.33
N ILE A 17 -41.92 -94.69 8.64
CA ILE A 17 -41.88 -93.34 9.19
C ILE A 17 -41.12 -93.30 10.50
N GLU A 18 -40.85 -92.09 10.99
CA GLU A 18 -40.14 -91.91 12.24
C GLU A 18 -41.01 -92.27 13.43
N VAL A 19 -40.70 -93.38 14.08
CA VAL A 19 -41.47 -93.84 15.24
C VAL A 19 -40.60 -94.66 16.18
N ASN A 20 -41.14 -94.97 17.37
CA ASN A 20 -40.42 -95.75 18.36
C ASN A 20 -39.17 -95.00 18.83
N GLY A 21 -39.38 -93.82 19.40
CA GLY A 21 -38.26 -93.02 19.88
C GLY A 21 -37.69 -92.11 18.82
N GLN A 22 -38.53 -91.73 17.85
CA GLN A 22 -38.09 -90.86 16.77
C GLN A 22 -38.92 -89.57 16.74
N THR A 23 -38.22 -88.44 16.67
CA THR A 23 -38.89 -87.15 16.65
C THR A 23 -38.46 -86.34 15.43
N TYR A 24 -39.27 -85.35 15.06
CA TYR A 24 -38.99 -84.50 13.91
C TYR A 24 -38.21 -83.26 14.33
N LEU A 25 -37.17 -82.94 13.57
CA LEU A 25 -36.34 -81.78 13.86
C LEU A 25 -36.70 -80.61 12.94
N ILE A 26 -36.65 -79.39 13.49
CA ILE A 26 -36.97 -78.20 12.72
C ILE A 26 -36.10 -77.02 13.15
N PRO A 27 -34.85 -77.00 12.65
CA PRO A 27 -33.89 -75.94 12.96
C PRO A 27 -34.27 -74.61 12.33
N ASP A 28 -34.08 -73.52 13.07
CA ASP A 28 -34.40 -72.19 12.57
C ASP A 28 -33.45 -71.15 13.17
N ASN A 29 -32.61 -70.58 12.32
CA ASN A 29 -31.66 -69.56 12.75
C ASN A 29 -31.21 -68.69 11.59
N GLY A 30 -30.57 -67.56 11.90
CA GLY A 30 -30.12 -66.66 10.86
C GLY A 30 -30.52 -65.22 11.13
N SER A 31 -29.61 -64.44 11.69
CA SER A 31 -29.87 -63.04 11.99
C SER A 31 -28.59 -62.32 12.41
N LYS A 32 -28.16 -61.38 11.58
CA LYS A 32 -26.95 -60.61 11.85
C LYS A 32 -27.08 -59.19 11.31
N LYS A 33 -26.62 -58.23 12.10
CA LYS A 33 -26.68 -56.82 11.71
C LYS A 33 -26.01 -55.93 12.76
N ARG A 34 -24.91 -55.29 12.38
CA ARG A 34 -24.19 -54.41 13.29
C ARG A 34 -23.27 -53.47 12.52
N VAL A 35 -23.67 -52.20 12.44
CA VAL A 35 -22.89 -51.20 11.73
C VAL A 35 -23.12 -49.81 12.30
N ALA A 36 -22.28 -48.86 11.92
CA ALA A 36 -22.39 -47.49 12.39
C ALA A 36 -21.51 -46.54 11.58
N ARG A 37 -21.84 -45.26 11.60
CA ARG A 37 -21.08 -44.26 10.87
C ARG A 37 -21.16 -42.90 11.56
N SER A 38 -20.13 -42.56 12.31
CA SER A 38 -20.09 -41.29 13.02
C SER A 38 -18.69 -41.02 13.58
N LEU A 39 -17.97 -40.12 12.90
CA LEU A 39 -16.61 -39.78 13.32
C LEU A 39 -16.19 -38.43 12.74
N ASP A 40 -15.70 -37.55 13.59
CA ASP A 40 -15.25 -36.23 13.16
C ASP A 40 -14.37 -35.57 14.23
N SER A 41 -13.38 -34.81 13.78
CA SER A 41 -12.46 -34.14 14.68
C SER A 41 -11.48 -33.26 13.92
N LYS A 42 -11.44 -31.98 14.29
CA LYS A 42 -10.55 -31.03 13.63
C LYS A 42 -10.59 -29.67 14.34
N VAL A 43 -9.86 -28.70 13.78
CA VAL A 43 -9.81 -27.36 14.35
C VAL A 43 -9.72 -26.30 13.27
N PRO A 44 -10.83 -26.07 12.57
CA PRO A 44 -10.90 -25.08 11.49
C PRO A 44 -10.82 -23.65 12.01
N GLN A 45 -9.62 -23.06 11.92
CA GLN A 45 -9.42 -21.69 12.39
C GLN A 45 -8.01 -21.22 12.06
N GLN A 46 -7.90 -20.05 11.46
CA GLN A 46 -6.60 -19.49 11.10
C GLN A 46 -6.75 -18.05 10.61
N THR A 47 -5.93 -17.16 11.18
CA THR A 47 -5.96 -15.75 10.81
C THR A 47 -4.80 -14.99 11.42
N LEU A 48 -4.19 -14.10 10.65
CA LEU A 48 -3.06 -13.31 11.12
C LEU A 48 -2.73 -12.19 10.13
N ARG A 49 -3.01 -10.96 10.53
CA ARG A 49 -2.75 -9.80 9.69
C ARG A 49 -1.80 -8.82 10.38
N ARG A 50 -0.81 -8.35 9.64
CA ARG A 50 0.16 -7.40 10.19
C ARG A 50 1.02 -6.80 9.08
N GLY A 51 1.28 -5.50 9.18
CA GLY A 51 2.08 -4.82 8.18
C GLY A 51 1.52 -3.46 7.81
N ASP A 52 2.05 -2.41 8.45
CA ASP A 52 1.59 -1.05 8.19
C ASP A 52 2.47 -0.04 8.89
N VAL A 53 3.09 0.85 8.13
CA VAL A 53 3.96 1.87 8.69
C VAL A 53 3.98 3.12 7.81
N LEU A 54 4.40 4.24 8.39
CA LEU A 54 4.46 5.50 7.66
C LEU A 54 5.31 6.53 8.41
N MET A 55 6.38 6.98 7.78
CA MET A 55 7.27 7.96 8.39
C MET A 55 7.43 9.19 7.49
N GLN A 56 6.34 9.93 7.30
CA GLN A 56 6.37 11.12 6.45
C GLN A 56 5.06 11.88 6.56
N GLY A 57 5.09 13.15 6.17
CA GLY A 57 3.89 13.98 6.24
C GLY A 57 3.97 15.03 7.32
N ALA A 58 5.10 15.74 7.39
CA ALA A 58 5.28 16.78 8.38
C ALA A 58 6.56 17.58 8.11
N ALA A 59 6.38 18.84 7.73
CA ALA A 59 7.51 19.72 7.44
C ALA A 59 7.07 21.17 7.38
N SER A 60 8.05 22.08 7.37
CA SER A 60 7.77 23.52 7.32
C SER A 60 9.03 24.31 7.01
N PRO A 61 9.49 24.22 5.76
CA PRO A 61 10.70 24.92 5.31
C PRO A 61 10.50 26.43 5.23
N GLU A 62 11.54 27.18 5.57
CA GLU A 62 11.47 28.63 5.55
C GLU A 62 12.85 29.24 5.31
N LEU A 63 12.89 30.56 5.12
CA LEU A 63 14.15 31.26 4.88
C LEU A 63 13.94 32.77 4.85
N THR A 64 14.79 33.49 5.56
CA THR A 64 14.69 34.95 5.62
C THR A 64 16.06 35.59 5.46
N VAL A 65 16.17 36.50 4.49
CA VAL A 65 17.43 37.19 4.23
C VAL A 65 17.22 38.38 3.31
N SER A 66 17.99 39.44 3.53
CA SER A 66 17.89 40.65 2.73
C SER A 66 19.20 41.42 2.72
N GLY A 67 19.43 42.20 1.66
CA GLY A 67 20.66 42.97 1.56
C GLY A 67 20.62 43.95 0.40
N THR A 68 21.33 43.61 -0.67
CA THR A 68 21.39 44.46 -1.84
C THR A 68 21.86 43.69 -3.07
N LEU A 69 21.62 44.25 -4.25
CA LEU A 69 22.02 43.60 -5.49
C LEU A 69 22.45 44.63 -6.53
N LEU A 70 23.72 44.61 -6.89
CA LEU A 70 24.26 45.55 -7.88
C LEU A 70 24.04 45.03 -9.30
N VAL A 71 23.04 45.60 -9.98
CA VAL A 71 22.73 45.20 -11.35
C VAL A 71 23.38 46.15 -12.35
N GLU A 72 24.06 45.58 -13.34
CA GLU A 72 24.72 46.36 -14.37
C GLU A 72 23.72 46.78 -15.45
N ALA A 73 22.97 47.84 -15.18
CA ALA A 73 21.99 48.35 -16.12
C ALA A 73 21.67 49.81 -15.85
N ASP A 74 21.06 50.48 -16.83
CA ASP A 74 20.70 51.88 -16.69
C ASP A 74 19.54 52.05 -15.71
N ASP A 75 19.23 53.30 -15.39
CA ASP A 75 18.14 53.59 -14.45
C ASP A 75 16.83 52.96 -14.92
N ALA A 76 16.62 52.97 -16.23
CA ALA A 76 15.41 52.40 -16.82
C ALA A 76 15.29 50.90 -16.50
N SER A 77 16.42 50.20 -16.59
CA SER A 77 16.43 48.77 -16.31
C SER A 77 16.37 48.51 -14.81
N ALA A 78 16.92 49.43 -14.03
CA ALA A 78 16.92 49.29 -12.58
C ALA A 78 15.51 49.17 -12.04
N LYS A 79 14.71 50.22 -12.25
CA LYS A 79 13.32 50.23 -11.79
C LYS A 79 12.55 49.03 -12.34
N ALA A 80 12.99 48.54 -13.50
CA ALA A 80 12.34 47.39 -14.13
C ALA A 80 12.53 46.12 -13.31
N LEU A 81 13.67 46.03 -12.64
CA LEU A 81 13.98 44.86 -11.81
C LEU A 81 13.39 45.02 -10.41
N ALA A 82 13.32 46.26 -9.94
CA ALA A 82 12.78 46.54 -8.62
C ALA A 82 11.28 46.27 -8.57
N THR A 83 10.62 46.44 -9.72
CA THR A 83 9.18 46.21 -9.81
C THR A 83 8.88 44.76 -10.09
N ARG A 84 9.75 44.11 -10.86
CA ARG A 84 9.56 42.70 -11.21
C ARG A 84 10.01 41.80 -10.06
N HIS A 85 11.27 41.90 -9.69
CA HIS A 85 11.83 41.09 -8.61
C HIS A 85 11.35 41.60 -7.25
N GLY A 86 10.94 42.86 -7.22
CA GLY A 86 10.47 43.46 -5.98
C GLY A 86 11.57 44.21 -5.24
N LEU A 87 12.62 44.55 -5.96
CA LEU A 87 13.74 45.28 -5.37
C LEU A 87 13.44 46.78 -5.29
N ASN A 88 14.46 47.57 -4.98
CA ASN A 88 14.30 49.01 -4.87
C ASN A 88 15.55 49.74 -5.36
N PHE A 89 15.44 50.40 -6.51
CA PHE A 89 16.57 51.14 -7.08
C PHE A 89 16.94 52.33 -6.21
N LYS A 90 18.18 52.35 -5.73
CA LYS A 90 18.67 53.42 -4.89
C LYS A 90 19.58 54.36 -5.67
N GLN A 91 20.71 53.84 -6.12
CA GLN A 91 21.67 54.63 -6.89
C GLN A 91 22.62 53.72 -7.67
N SER A 92 23.54 54.34 -8.41
CA SER A 92 24.49 53.60 -9.22
C SER A 92 25.92 53.90 -8.78
N SER A 93 26.83 52.95 -9.00
CA SER A 93 28.22 53.12 -8.63
C SER A 93 29.12 53.18 -9.86
N GLY A 94 28.59 53.77 -10.93
CA GLY A 94 29.35 53.89 -12.16
C GLY A 94 28.80 53.01 -13.28
N GLY A 95 28.53 51.75 -12.94
CA GLY A 95 28.00 50.83 -13.93
C GLY A 95 27.17 49.73 -13.31
N ILE A 96 26.72 49.95 -12.08
CA ILE A 96 25.91 48.97 -11.37
C ILE A 96 25.00 49.63 -10.34
N ALA A 97 23.70 49.43 -10.50
CA ALA A 97 22.73 50.01 -9.58
C ALA A 97 22.49 49.10 -8.38
N LEU A 98 22.72 49.63 -7.18
CA LEU A 98 22.55 48.88 -5.95
C LEU A 98 21.08 48.86 -5.53
N LEU A 99 20.35 47.84 -5.99
CA LEU A 99 18.93 47.70 -5.66
C LEU A 99 18.75 47.05 -4.30
N GLU A 100 17.69 47.43 -3.59
CA GLU A 100 17.40 46.86 -2.28
C GLU A 100 16.26 45.86 -2.35
N ALA A 101 16.57 44.60 -2.08
CA ALA A 101 15.56 43.54 -2.11
C ALA A 101 14.76 43.51 -0.82
N LYS A 102 13.45 43.31 -0.94
CA LYS A 102 12.57 43.26 0.22
C LYS A 102 13.00 42.15 1.18
N PRO A 103 12.54 42.26 2.43
CA PRO A 103 12.86 41.27 3.47
C PRO A 103 12.19 39.93 3.23
N GLY A 104 13.01 38.89 3.03
CA GLY A 104 12.49 37.57 2.77
C GLY A 104 12.79 37.07 1.38
N THR A 105 13.15 37.99 0.49
CA THR A 105 13.47 37.64 -0.89
C THR A 105 14.91 37.17 -1.01
N ASP A 106 15.12 36.14 -1.85
CA ASP A 106 16.46 35.60 -2.06
C ASP A 106 17.17 36.35 -3.18
N LEU A 107 17.64 37.55 -2.86
CA LEU A 107 18.36 38.38 -3.83
C LEU A 107 19.57 37.64 -4.39
N ASN A 108 20.24 36.88 -3.53
CA ASN A 108 21.42 36.12 -3.93
C ASN A 108 21.07 35.14 -5.05
N ALA A 109 19.82 34.70 -5.08
CA ALA A 109 19.36 33.77 -6.10
C ALA A 109 18.95 34.50 -7.37
N ILE A 110 18.39 35.68 -7.21
CA ILE A 110 17.94 36.48 -8.34
C ILE A 110 19.06 36.66 -9.36
N ALA A 111 20.29 36.79 -8.87
CA ALA A 111 21.46 36.95 -9.74
C ALA A 111 21.54 35.82 -10.75
N THR A 112 20.95 34.68 -10.42
CA THR A 112 20.98 33.52 -11.29
C THR A 112 20.13 33.75 -12.54
N LYS A 113 19.14 34.65 -12.42
CA LYS A 113 18.26 34.97 -13.53
C LYS A 113 18.88 36.03 -14.43
N LEU A 114 19.56 36.99 -13.82
CA LEU A 114 20.22 38.06 -14.57
C LEU A 114 21.43 37.53 -15.33
N LYS A 115 22.40 37.01 -14.58
CA LYS A 115 23.61 36.48 -15.19
C LYS A 115 23.29 35.37 -16.19
N SER A 116 22.12 34.75 -16.02
CA SER A 116 21.68 33.68 -16.90
C SER A 116 21.64 34.16 -18.35
N GLU A 117 21.33 35.44 -18.54
CA GLU A 117 21.25 36.02 -19.87
C GLU A 117 22.61 36.55 -20.31
N GLY A 118 23.49 36.79 -19.35
CA GLY A 118 24.81 37.29 -19.65
C GLY A 118 25.09 38.63 -18.98
N VAL A 119 24.37 38.90 -17.89
CA VAL A 119 24.55 40.15 -17.16
C VAL A 119 25.55 39.99 -16.03
N ASN A 120 26.23 41.09 -15.68
CA ASN A 120 27.22 41.07 -14.61
C ASN A 120 26.70 41.81 -13.39
N VAL A 121 26.41 41.06 -12.33
CA VAL A 121 25.90 41.64 -11.09
C VAL A 121 26.76 41.24 -9.90
N GLN A 122 26.61 41.95 -8.80
CA GLN A 122 27.38 41.66 -7.59
C GLN A 122 26.48 41.65 -6.36
N ILE A 123 26.63 40.62 -5.53
CA ILE A 123 25.82 40.49 -4.32
C ILE A 123 26.36 41.38 -3.21
N GLU A 124 25.74 42.53 -3.03
CA GLU A 124 26.16 43.48 -2.00
C GLU A 124 25.26 43.36 -0.76
N LEU A 125 25.70 43.96 0.34
CA LEU A 125 24.96 43.92 1.58
C LEU A 125 24.69 45.33 2.10
N SER A 126 23.60 45.49 2.85
CA SER A 126 23.24 46.78 3.41
C SER A 126 23.49 46.82 4.91
N GLY A 127 24.68 46.39 5.32
CA GLY A 127 25.02 46.38 6.73
C GLY A 127 26.47 45.99 6.98
N ALA A 128 26.97 45.07 6.15
CA ALA A 128 28.35 44.61 6.28
C ALA A 128 29.26 45.31 5.28
N GLU A 129 29.10 46.63 5.16
CA GLU A 129 29.91 47.41 4.23
C GLU A 129 31.23 47.84 4.89
N GLN A 130 32.01 48.62 4.16
CA GLN A 130 33.28 49.11 4.67
C GLN A 130 33.35 50.63 4.62
N GLN A 131 34.50 51.18 5.02
CA GLN A 131 34.68 52.63 5.02
C GLN A 131 35.66 53.05 3.92
N PRO A 132 35.61 54.34 3.55
CA PRO A 132 36.49 54.90 2.51
C PRO A 132 37.94 54.98 2.96
N LYS A 133 38.77 55.64 2.16
CA LYS A 133 40.19 55.79 2.47
C LYS A 133 40.37 56.34 3.88
#